data_6FEA
#
_entry.id   6FEA
#
_cell.length_a   75.610
_cell.length_b   79.750
_cell.length_c   107.160
_cell.angle_alpha   84.05
_cell.angle_beta   72.44
_cell.angle_gamma   75.25
#
_symmetry.space_group_name_H-M   'P 1'
#
loop_
_entity.id
_entity.type
_entity.pdbx_description
1 polymer 'Nitrogenase protein alpha chain'
2 polymer 'Vanadium nitrogenase beta subunit, vnfK'
3 polymer 'Vanadium nitrogenase, delta subunit, VnfG'
4 non-polymer '3-HYDROXY-3-CARBOXY-ADIPIC ACID'
5 non-polymer FeV
6 non-polymer 'CARBONATE ION'
7 non-polymer 'HYDROSULFURIC ACID'
8 non-polymer 'ZINC ION'
9 non-polymer 'FE(8)-S(7) CLUSTER'
10 non-polymer 'MAGNESIUM ION'
11 water water
#
loop_
_entity_poly.entity_id
_entity_poly.type
_entity_poly.pdbx_seq_one_letter_code
_entity_poly.pdbx_strand_id
1 'polypeptide(L)'
;MPMVLLECDKDIPERQKHIYLKAPNEDTREFLPIANAATIPGTLSERGCAFCGAKLVIGGVLKDTIQMIHGPLGCAYDTW
HTKRYPTDNGHFNMKYVWSTDMKESHVVFGGEKRLEKSMHEAFDEMPDIKRMIVYTTCPTALIGDDIKAVAKKVMKDRPD
VDVFTVECPGFSGVSQSKGHHVLNIGWINEKVETMEKEITSEYTMNFIGDFNIQGDTQLLQTYWDRLGIQVVAHFTGNGT
YDDLRCMHQAQLNVVNCARSSGYIANELKKRYGIPRLDIDSWGFNYMAEGIRKICAFFGIEEKGEELIAEEYAKWKPKLD
WYKERLQGKKMAIWTGGPRLWHWTKSVEDDLGVQVVAMSSKFGHEEDFEKVIARGKEGTYYIDDGNELEFFEIIDLVKPD
VIFTGPRVGELVKKLHIPYVNGHGYHNGPYMGFEGFVNLARDMYNAVHNPLRHLAAVDIRDKSQTTPVIVRGAA
;
A,D
2 'polypeptide(L)'
;MSNCELTVLKPAEVKLSPRDREGIINPMYDCQPAGAQYAGIGIKDCIPLVHGGQGCTMFVRLLFAQHFKENFDVASTSLH
EESAVFGGAKRVEEGVLVLARRYPNLRVIPIITTCSTEVIGDDIEGSIRVCNRALEAEFPDRKIYLAPVHTPSFKGSHVT
GYAECVKSVFKTITDAHGKGQPSGKLNVFPGWVNPGDVVLLKRYFKEMDVEANIYMDTEDFDSPMLPNKSIETHGRTTVE
DIADSANALATLSLARYEGNTTGELLQKTFAVPNALVNTPYGIKNTDDMLRKIAEVTGKEIPESLVRERGIALDALADLA
HMFFANKKVAIFGHPDLVLGLAQFCMEVELEPVLLLIGDDQGNKYKKDPRIEELKNTAHFDIEIVHNADLWELEKRINAG
LQLDLIMGHSKGRYVAIEANIPMVRVGFPTFDRAGLYRKPSIGYQGAMELGEMIANAMFAHMEYTRNKEWILNTW
;
B,E
3 'polypeptide(L)'
;MSQSHLDDLFAYVEERCLWQFFSRTWDREENIEGVLNQVGRLLTGQEPLRGTPQERLFYADALAMANDVRERFPWASQVN
KEEIEFLLDGLKSRLVDVTITRSTNRELNHHLY
;
C,F
#
loop_
_chem_comp.id
_chem_comp.type
_chem_comp.name
_chem_comp.formula
CLF non-polymer 'FE(8)-S(7) CLUSTER' 'Fe8 S7'
CO3 non-polymer 'CARBONATE ION' 'C O3 -2'
D6N non-polymer FeV 'C Fe7 N S7 V'
H2S non-polymer 'HYDROSULFURIC ACID' 'H2 S'
HCA non-polymer '3-HYDROXY-3-CARBOXY-ADIPIC ACID' 'C7 H10 O7'
MG non-polymer 'MAGNESIUM ION' 'Mg 2'
ZN non-polymer 'ZINC ION' 'Zn 2'
#
# COMPACT_ATOMS: atom_id res chain seq x y z
N PRO A 2 19.96 22.68 44.99
CA PRO A 2 18.98 23.63 45.56
C PRO A 2 17.72 23.62 44.71
N MET A 3 16.69 24.34 45.09
CA MET A 3 15.44 24.51 44.32
C MET A 3 15.75 25.53 43.21
N VAL A 4 15.13 25.37 42.04
CA VAL A 4 15.54 26.15 40.87
C VAL A 4 14.37 26.93 40.36
N LEU A 5 14.59 28.24 40.22
CA LEU A 5 13.71 29.12 39.50
C LEU A 5 14.23 29.30 38.09
N LEU A 6 13.55 28.62 37.16
CA LEU A 6 13.92 28.70 35.69
C LEU A 6 13.50 30.06 35.20
N GLU A 7 14.27 30.55 34.16
CA GLU A 7 13.89 31.84 33.53
C GLU A 7 12.51 31.89 33.02
N CYS A 8 12.08 30.77 32.42
CA CYS A 8 10.70 30.74 31.90
C CYS A 8 9.61 30.80 32.95
N ASP A 9 10.02 30.65 34.23
CA ASP A 9 9.07 30.65 35.32
C ASP A 9 9.15 31.90 36.18
N LYS A 10 9.82 32.94 35.70
CA LYS A 10 9.89 34.17 36.47
C LYS A 10 8.53 34.71 36.87
N ASP A 11 7.50 34.55 36.02
CA ASP A 11 6.17 35.00 36.30
C ASP A 11 5.25 34.00 36.97
N ILE A 12 5.77 32.79 37.21
CA ILE A 12 5.14 31.76 37.99
C ILE A 12 6.12 31.20 38.96
N PRO A 13 6.60 32.03 39.88
CA PRO A 13 7.71 31.65 40.63
C PRO A 13 7.42 30.57 41.70
N GLU A 14 6.11 30.25 41.95
CA GLU A 14 5.77 29.06 42.78
C GLU A 14 6.37 27.80 42.14
N ARG A 15 6.72 27.80 40.83
CA ARG A 15 7.28 26.59 40.25
C ARG A 15 8.63 26.22 40.85
N GLN A 16 9.39 27.18 41.46
CA GLN A 16 10.65 26.87 42.06
C GLN A 16 10.57 25.71 43.09
N LYS A 17 9.44 25.68 43.79
CA LYS A 17 9.28 24.61 44.82
C LYS A 17 8.99 23.27 44.25
N HIS A 18 8.88 23.16 42.91
CA HIS A 18 8.69 21.91 42.17
C HIS A 18 9.90 21.44 41.46
N ILE A 19 11.00 22.14 41.47
CA ILE A 19 12.18 21.78 40.70
C ILE A 19 13.49 21.74 41.59
N TYR A 20 14.06 20.55 41.70
CA TYR A 20 15.24 20.37 42.51
C TYR A 20 16.43 20.04 41.65
N LEU A 21 17.54 20.76 41.82
CA LEU A 21 18.80 20.39 41.20
C LEU A 21 19.67 19.82 42.31
N LYS A 22 19.94 18.55 42.28
CA LYS A 22 20.72 17.90 43.38
C LYS A 22 22.16 18.32 43.35
N ALA A 23 22.64 18.85 44.47
CA ALA A 23 24.00 19.32 44.60
C ALA A 23 24.74 18.60 45.72
N PRO A 24 26.04 18.63 45.65
CA PRO A 24 26.85 17.91 46.64
C PRO A 24 26.57 18.34 48.05
N ASN A 25 26.57 17.29 48.91
CA ASN A 25 26.45 17.53 50.38
C ASN A 25 25.11 18.03 50.85
N GLU A 26 24.10 18.11 50.01
CA GLU A 26 22.79 18.60 50.50
C GLU A 26 22.12 17.56 51.30
N ASP A 27 21.33 17.98 52.29
CA ASP A 27 20.38 17.07 52.94
C ASP A 27 19.11 17.12 52.06
N THR A 28 18.89 16.02 51.34
CA THR A 28 17.78 16.00 50.42
C THR A 28 16.42 16.15 51.05
N ARG A 29 16.31 15.94 52.37
CA ARG A 29 15.11 16.12 53.07
C ARG A 29 14.63 17.54 53.08
N GLU A 30 15.55 18.50 52.87
CA GLU A 30 15.20 19.92 52.83
C GLU A 30 14.78 20.41 51.47
N PHE A 31 14.82 19.51 50.46
CA PHE A 31 14.66 19.89 49.00
C PHE A 31 13.68 19.00 48.32
N LEU A 32 12.73 18.41 48.99
CA LEU A 32 11.80 17.51 48.35
C LEU A 32 10.77 18.31 47.60
N PRO A 33 10.66 18.17 46.25
CA PRO A 33 9.65 18.95 45.51
C PRO A 33 8.27 18.79 46.13
N ILE A 34 7.49 19.84 46.07
CA ILE A 34 6.15 19.69 46.35
C ILE A 34 5.58 18.84 45.13
N ALA A 35 4.77 17.93 45.37
CA ALA A 35 4.15 17.16 44.31
C ALA A 35 2.74 16.89 44.61
N ASN A 36 1.96 16.50 43.61
CA ASN A 36 0.61 16.13 43.79
C ASN A 36 -0.22 17.30 44.32
N ALA A 37 0.14 18.51 43.87
CA ALA A 37 -0.60 19.71 44.18
C ALA A 37 -1.31 20.27 42.93
N ALA A 38 -2.08 21.31 43.08
CA ALA A 38 -2.83 21.85 41.97
C ALA A 38 -1.92 22.27 40.81
N THR A 39 -2.49 22.15 39.64
CA THR A 39 -1.82 22.62 38.40
C THR A 39 -2.00 24.12 38.28
N ILE A 40 -0.97 24.76 37.67
CA ILE A 40 -1.15 26.20 37.32
C ILE A 40 -1.85 26.26 35.96
N PRO A 41 -2.96 26.96 35.83
CA PRO A 41 -3.58 27.18 34.53
C PRO A 41 -2.70 27.81 33.49
N GLY A 42 -2.86 27.37 32.22
CA GLY A 42 -2.17 28.05 31.12
C GLY A 42 -0.76 27.74 30.92
N THR A 43 -0.20 26.72 31.61
CA THR A 43 1.18 26.40 31.56
C THR A 43 1.64 25.42 30.47
N LEU A 44 0.67 24.68 29.90
CA LEU A 44 1.07 23.53 29.09
C LEU A 44 1.81 22.46 29.91
N SER A 45 1.30 22.31 31.20
CA SER A 45 1.54 21.09 31.98
C SER A 45 1.22 19.88 31.12
N GLU A 46 1.92 18.80 31.36
CA GLU A 46 1.68 17.49 30.74
C GLU A 46 0.50 16.73 31.34
N ARG A 47 -0.11 17.19 32.39
CA ARG A 47 -1.10 16.42 33.09
C ARG A 47 -2.39 16.17 32.36
N GLY A 48 -2.98 15.01 32.67
CA GLY A 48 -4.30 14.60 32.26
C GLY A 48 -5.30 14.54 33.44
N CYS A 49 -6.32 13.72 33.30
CA CYS A 49 -7.44 13.81 34.24
C CYS A 49 -7.64 12.48 34.99
N ALA A 50 -8.49 12.58 36.05
CA ALA A 50 -8.69 11.43 36.88
C ALA A 50 -9.37 10.31 36.16
N PHE A 51 -10.26 10.57 35.22
CA PHE A 51 -10.92 9.58 34.40
C PHE A 51 -9.89 8.79 33.63
N CYS A 52 -8.90 9.48 33.09
CA CYS A 52 -7.82 8.77 32.42
C CYS A 52 -7.20 7.72 33.29
N GLY A 53 -6.86 8.11 34.52
CA GLY A 53 -6.18 7.17 35.43
C GLY A 53 -7.00 5.95 35.73
N ALA A 54 -8.33 6.08 35.84
CA ALA A 54 -9.18 4.93 36.08
C ALA A 54 -9.36 4.07 34.84
N LYS A 55 -9.86 4.65 33.77
CA LYS A 55 -10.26 3.86 32.58
C LYS A 55 -9.11 3.53 31.66
N LEU A 56 -8.31 4.53 31.29
CA LEU A 56 -7.27 4.26 30.27
C LEU A 56 -6.17 3.41 30.88
N VAL A 57 -5.75 3.78 32.10
CA VAL A 57 -4.55 3.16 32.66
C VAL A 57 -4.77 1.83 33.35
N ILE A 58 -5.88 1.69 34.08
CA ILE A 58 -6.07 0.46 34.89
C ILE A 58 -7.19 -0.43 34.41
N GLY A 59 -8.40 0.13 34.38
CA GLY A 59 -9.56 -0.72 34.10
C GLY A 59 -9.58 -1.20 32.69
N GLY A 60 -9.22 -0.37 31.73
CA GLY A 60 -9.23 -0.64 30.33
C GLY A 60 -8.31 -1.67 29.83
N VAL A 61 -7.39 -2.11 30.66
CA VAL A 61 -6.42 -3.12 30.35
C VAL A 61 -7.07 -4.50 30.23
N LEU A 62 -8.14 -4.72 31.00
CA LEU A 62 -8.78 -6.03 31.07
C LEU A 62 -9.29 -6.50 29.77
N LYS A 63 -9.22 -7.84 29.57
CA LYS A 63 -9.49 -8.39 28.26
C LYS A 63 -10.92 -8.75 27.97
N ASP A 64 -11.77 -8.74 28.97
CA ASP A 64 -13.08 -9.33 28.90
C ASP A 64 -14.21 -8.51 29.47
N THR A 65 -14.00 -7.20 29.48
CA THR A 65 -14.81 -6.29 30.21
C THR A 65 -15.26 -5.09 29.35
N ILE A 66 -16.54 -4.79 29.29
CA ILE A 66 -17.05 -3.57 28.68
C ILE A 66 -16.60 -2.39 29.49
N GLN A 67 -16.10 -1.35 28.82
CA GLN A 67 -15.65 -0.10 29.45
C GLN A 67 -16.65 0.96 29.12
N MET A 68 -17.67 1.12 30.00
CA MET A 68 -18.80 1.99 29.74
C MET A 68 -18.55 3.35 30.29
N ILE A 69 -18.30 4.33 29.41
CA ILE A 69 -17.94 5.67 29.82
C ILE A 69 -19.18 6.52 29.84
N HIS A 70 -19.70 6.87 31.04
CA HIS A 70 -20.91 7.65 31.15
C HIS A 70 -20.63 9.12 31.07
N GLY A 71 -20.98 9.65 29.89
CA GLY A 71 -20.65 10.97 29.54
C GLY A 71 -20.85 11.23 28.04
N PRO A 72 -20.48 12.42 27.62
CA PRO A 72 -20.54 12.72 26.21
C PRO A 72 -19.41 11.91 25.47
N LEU A 73 -19.51 11.85 24.17
CA LEU A 73 -18.70 10.87 23.42
C LEU A 73 -17.21 11.19 23.44
N GLY A 74 -16.77 12.42 23.69
CA GLY A 74 -15.38 12.74 23.62
C GLY A 74 -14.44 11.99 24.51
N CYS A 75 -14.96 11.72 25.78
CA CYS A 75 -14.10 11.05 26.71
C CYS A 75 -13.79 9.61 26.23
N ALA A 76 -14.78 9.00 25.59
CA ALA A 76 -14.59 7.69 24.99
C ALA A 76 -13.66 7.73 23.79
N TYR A 77 -13.95 8.62 22.85
CA TYR A 77 -13.09 8.73 21.63
C TYR A 77 -11.68 8.90 22.04
N ASP A 78 -11.44 9.74 23.04
CA ASP A 78 -10.11 10.13 23.46
C ASP A 78 -9.27 9.06 24.13
N THR A 79 -9.92 7.96 24.55
CA THR A 79 -9.27 6.89 25.21
C THR A 79 -9.27 5.57 24.44
N TRP A 80 -9.28 5.73 23.09
CA TRP A 80 -9.44 4.60 22.18
C TRP A 80 -8.39 4.82 21.05
N HIS A 81 -7.66 3.75 20.79
CA HIS A 81 -6.50 3.75 19.84
C HIS A 81 -5.36 4.51 20.38
N THR A 82 -5.14 4.51 21.71
CA THR A 82 -4.05 5.28 22.28
C THR A 82 -3.14 4.50 23.21
N LYS A 83 -3.45 3.23 23.49
CA LYS A 83 -2.69 2.36 24.40
C LYS A 83 -2.17 1.14 23.71
N ARG A 84 -1.11 0.56 24.25
CA ARG A 84 -0.51 -0.64 23.73
C ARG A 84 -0.41 -1.76 24.77
N TYR A 85 -1.59 -2.32 25.11
CA TYR A 85 -1.68 -3.41 26.08
C TYR A 85 -2.37 -4.56 25.43
N PRO A 86 -1.56 -5.41 24.70
CA PRO A 86 -2.15 -6.55 24.08
C PRO A 86 -2.76 -7.54 25.03
N THR A 87 -3.60 -8.45 24.49
CA THR A 87 -4.09 -9.56 25.27
C THR A 87 -3.86 -10.87 24.55
N ASP A 88 -4.24 -11.95 25.15
CA ASP A 88 -4.22 -13.27 24.49
C ASP A 88 -5.62 -13.69 24.01
N ASN A 89 -6.52 -12.74 23.77
CA ASN A 89 -7.88 -13.00 23.24
C ASN A 89 -8.21 -12.12 22.08
N GLY A 90 -7.19 -11.64 21.36
CA GLY A 90 -7.42 -10.80 20.19
C GLY A 90 -7.57 -9.36 20.45
N HIS A 91 -7.10 -8.89 21.61
CA HIS A 91 -7.02 -7.47 21.88
C HIS A 91 -8.36 -6.83 21.94
N PHE A 92 -9.35 -7.50 22.56
CA PHE A 92 -10.65 -6.95 22.77
C PHE A 92 -10.65 -5.56 23.40
N ASN A 93 -9.76 -5.42 24.38
CA ASN A 93 -9.59 -4.15 25.11
C ASN A 93 -9.24 -2.99 24.27
N MET A 94 -8.48 -3.22 23.17
CA MET A 94 -8.03 -2.09 22.34
C MET A 94 -9.01 -1.88 21.19
N LYS A 95 -9.81 -2.87 20.81
CA LYS A 95 -10.67 -2.77 19.67
C LYS A 95 -11.93 -1.90 19.93
N TYR A 96 -12.35 -1.83 21.21
CA TYR A 96 -13.64 -1.25 21.52
C TYR A 96 -13.59 -0.17 22.60
N VAL A 97 -14.52 0.78 22.49
CA VAL A 97 -14.81 1.72 23.58
C VAL A 97 -16.28 2.00 23.55
N TRP A 98 -16.89 2.32 24.73
CA TRP A 98 -18.34 2.49 24.85
C TRP A 98 -18.62 3.82 25.51
N SER A 99 -19.65 4.49 25.04
CA SER A 99 -20.12 5.75 25.58
C SER A 99 -21.61 5.71 25.75
N THR A 100 -22.08 6.46 26.74
CA THR A 100 -23.49 6.67 26.85
C THR A 100 -24.04 7.82 25.99
N ASP A 101 -23.15 8.47 25.26
CA ASP A 101 -23.51 9.53 24.34
C ASP A 101 -24.44 10.54 24.94
N MET A 102 -24.01 11.10 26.07
N MET A 102 -24.00 11.09 26.08
CA MET A 102 -24.83 12.07 26.75
CA MET A 102 -24.83 12.07 26.75
C MET A 102 -25.12 13.29 25.89
C MET A 102 -25.12 13.29 25.89
N LYS A 103 -26.38 13.69 25.87
CA LYS A 103 -26.91 14.83 25.12
C LYS A 103 -27.41 15.89 26.01
N GLU A 104 -27.80 17.03 25.47
CA GLU A 104 -28.32 18.13 26.27
C GLU A 104 -29.53 17.73 27.11
N SER A 105 -30.42 16.90 26.61
CA SER A 105 -31.59 16.56 27.37
C SER A 105 -31.24 15.71 28.58
N HIS A 106 -30.13 14.99 28.56
CA HIS A 106 -29.72 14.24 29.71
C HIS A 106 -29.08 15.12 30.74
N VAL A 107 -28.42 16.21 30.35
CA VAL A 107 -28.01 17.22 31.31
C VAL A 107 -29.13 17.82 32.01
N VAL A 108 -30.20 18.10 31.30
CA VAL A 108 -31.34 18.76 31.90
C VAL A 108 -32.12 17.78 32.81
N PHE A 109 -32.44 16.63 32.33
CA PHE A 109 -33.30 15.72 33.01
C PHE A 109 -32.63 14.57 33.72
N GLY A 110 -31.33 14.41 33.57
CA GLY A 110 -30.68 13.28 34.15
C GLY A 110 -30.24 12.25 33.11
N GLY A 111 -29.17 11.56 33.40
CA GLY A 111 -28.60 10.53 32.50
C GLY A 111 -28.72 9.08 32.94
N GLU A 112 -29.43 8.82 34.06
CA GLU A 112 -29.43 7.45 34.57
C GLU A 112 -30.12 6.45 33.66
N LYS A 113 -31.25 6.86 33.02
CA LYS A 113 -31.91 5.94 32.13
C LYS A 113 -31.11 5.77 30.84
N ARG A 114 -30.42 6.83 30.40
CA ARG A 114 -29.54 6.73 29.23
C ARG A 114 -28.42 5.74 29.49
N LEU A 115 -27.85 5.78 30.68
CA LEU A 115 -26.82 4.80 31.09
C LEU A 115 -27.41 3.42 31.10
N GLU A 116 -28.57 3.25 31.77
CA GLU A 116 -29.11 1.93 31.90
C GLU A 116 -29.36 1.29 30.50
N LYS A 117 -29.96 2.07 29.60
CA LYS A 117 -30.24 1.63 28.24
C LYS A 117 -28.91 1.24 27.51
N SER A 118 -27.93 2.07 27.64
CA SER A 118 -26.62 1.79 27.05
C SER A 118 -25.99 0.51 27.54
N MET A 119 -26.12 0.27 28.85
CA MET A 119 -25.59 -0.91 29.42
C MET A 119 -26.22 -2.19 28.89
N HIS A 120 -27.55 -2.15 28.87
CA HIS A 120 -28.27 -3.32 28.28
C HIS A 120 -27.90 -3.50 26.80
N GLU A 121 -27.82 -2.41 26.05
CA GLU A 121 -27.37 -2.55 24.63
C GLU A 121 -26.02 -3.15 24.52
N ALA A 122 -25.09 -2.76 25.37
CA ALA A 122 -23.74 -3.29 25.24
C ALA A 122 -23.72 -4.80 25.51
N PHE A 123 -24.49 -5.25 26.54
CA PHE A 123 -24.51 -6.68 26.79
C PHE A 123 -25.27 -7.43 25.69
N ASP A 124 -26.29 -6.81 25.10
CA ASP A 124 -27.02 -7.45 24.00
C ASP A 124 -26.16 -7.58 22.73
N GLU A 125 -25.35 -6.54 22.47
CA GLU A 125 -24.55 -6.53 21.22
C GLU A 125 -23.44 -7.49 21.29
N MET A 126 -22.91 -7.84 22.45
CA MET A 126 -21.79 -8.76 22.61
C MET A 126 -22.20 -9.75 23.70
N PRO A 127 -22.98 -10.78 23.34
CA PRO A 127 -23.54 -11.67 24.34
C PRO A 127 -22.57 -12.53 24.98
N ASP A 128 -21.30 -12.61 24.53
CA ASP A 128 -20.39 -13.42 25.28
C ASP A 128 -19.65 -12.60 26.39
N ILE A 129 -19.88 -11.31 26.49
CA ILE A 129 -19.18 -10.48 27.45
C ILE A 129 -20.21 -10.26 28.57
N LYS A 130 -19.76 -10.50 29.82
CA LYS A 130 -20.64 -10.46 31.00
C LYS A 130 -20.13 -9.66 32.11
N ARG A 131 -19.16 -8.79 31.86
CA ARG A 131 -18.48 -8.01 32.86
C ARG A 131 -18.39 -6.58 32.35
N MET A 132 -18.50 -5.59 33.22
CA MET A 132 -18.50 -4.18 32.84
C MET A 132 -17.98 -3.34 33.91
N ILE A 133 -17.24 -2.27 33.59
CA ILE A 133 -16.95 -1.18 34.45
C ILE A 133 -17.58 0.08 33.93
N VAL A 134 -18.31 0.84 34.74
CA VAL A 134 -18.89 2.10 34.39
C VAL A 134 -18.09 3.20 35.02
N TYR A 135 -17.72 4.25 34.26
CA TYR A 135 -16.97 5.38 34.74
C TYR A 135 -17.82 6.60 34.61
N THR A 136 -17.78 7.52 35.61
CA THR A 136 -18.26 8.86 35.40
C THR A 136 -17.23 9.70 34.70
N THR A 137 -17.70 10.84 34.17
CA THR A 137 -16.86 11.84 33.57
C THR A 137 -17.33 13.22 34.08
N CYS A 138 -16.72 14.33 33.68
CA CYS A 138 -17.08 15.61 34.23
C CYS A 138 -18.54 15.83 34.35
N PRO A 139 -19.36 15.77 33.29
CA PRO A 139 -20.70 16.29 33.40
C PRO A 139 -21.64 15.33 34.14
N THR A 140 -21.42 14.00 34.04
CA THR A 140 -22.27 13.10 34.77
C THR A 140 -22.02 13.14 36.23
N ALA A 141 -20.86 13.50 36.65
CA ALA A 141 -20.58 13.85 38.10
C ALA A 141 -21.36 15.11 38.43
N LEU A 142 -21.29 16.15 37.65
CA LEU A 142 -21.88 17.39 37.99
C LEU A 142 -23.36 17.30 38.10
N ILE A 143 -24.05 16.49 37.30
CA ILE A 143 -25.45 16.35 37.38
C ILE A 143 -25.96 15.33 38.38
N GLY A 144 -25.02 14.63 39.01
CA GLY A 144 -25.39 13.74 40.10
C GLY A 144 -25.96 12.42 39.74
N ASP A 145 -25.67 11.91 38.55
CA ASP A 145 -26.22 10.54 38.19
C ASP A 145 -25.57 9.55 39.16
N ASP A 146 -26.39 8.66 39.68
CA ASP A 146 -25.92 7.65 40.64
C ASP A 146 -25.67 6.30 39.88
N ILE A 147 -24.48 6.20 39.33
CA ILE A 147 -24.15 5.07 38.53
C ILE A 147 -24.10 3.76 39.29
N LYS A 148 -23.82 3.80 40.58
CA LYS A 148 -23.84 2.62 41.44
C LYS A 148 -25.22 2.05 41.55
N ALA A 149 -26.21 2.91 41.69
CA ALA A 149 -27.60 2.49 41.70
C ALA A 149 -28.15 1.94 40.44
N VAL A 150 -27.67 2.55 39.29
CA VAL A 150 -28.05 2.00 38.02
C VAL A 150 -27.45 0.62 37.84
N ALA A 151 -26.17 0.48 38.18
CA ALA A 151 -25.48 -0.80 38.06
C ALA A 151 -26.14 -1.90 38.91
N LYS A 152 -26.65 -1.48 40.07
CA LYS A 152 -27.36 -2.41 40.97
C LYS A 152 -28.58 -2.92 40.31
N LYS A 153 -29.32 -2.01 39.69
CA LYS A 153 -30.53 -2.40 39.00
C LYS A 153 -30.24 -3.29 37.81
N VAL A 154 -29.22 -2.96 37.02
CA VAL A 154 -28.87 -3.81 35.88
C VAL A 154 -28.51 -5.20 36.35
N MET A 155 -27.71 -5.36 37.42
CA MET A 155 -27.38 -6.64 37.91
C MET A 155 -28.58 -7.47 38.41
N LYS A 156 -29.56 -6.79 39.03
CA LYS A 156 -30.80 -7.42 39.47
C LYS A 156 -31.60 -7.96 38.25
N ASP A 157 -31.66 -7.16 37.19
CA ASP A 157 -32.39 -7.52 35.97
C ASP A 157 -31.68 -8.52 35.11
N ARG A 158 -30.36 -8.60 35.18
CA ARG A 158 -29.51 -9.45 34.34
C ARG A 158 -28.56 -10.21 35.24
N PRO A 159 -29.02 -11.32 35.84
CA PRO A 159 -28.20 -11.88 36.88
C PRO A 159 -26.91 -12.56 36.44
N ASP A 160 -26.70 -12.76 35.13
CA ASP A 160 -25.49 -13.28 34.67
C ASP A 160 -24.34 -12.26 34.41
N VAL A 161 -24.64 -10.99 34.73
CA VAL A 161 -23.57 -10.01 34.54
C VAL A 161 -23.01 -9.55 35.89
N ASP A 162 -21.83 -8.93 35.92
CA ASP A 162 -21.29 -8.30 37.10
C ASP A 162 -20.74 -6.93 36.69
N VAL A 163 -21.09 -5.88 37.43
CA VAL A 163 -20.75 -4.53 37.06
C VAL A 163 -20.06 -3.85 38.22
N PHE A 164 -19.00 -3.12 37.94
CA PHE A 164 -18.27 -2.28 38.86
C PHE A 164 -18.38 -0.85 38.42
N THR A 165 -18.39 0.10 39.35
CA THR A 165 -18.49 1.53 39.05
C THR A 165 -17.38 2.35 39.68
N VAL A 166 -16.98 3.43 38.98
CA VAL A 166 -15.95 4.32 39.39
C VAL A 166 -16.40 5.72 39.22
N GLU A 167 -16.35 6.55 40.29
CA GLU A 167 -16.62 7.98 40.24
C GLU A 167 -15.32 8.75 39.99
N CYS A 168 -15.12 9.22 38.78
CA CYS A 168 -13.84 9.81 38.38
C CYS A 168 -13.94 10.90 37.45
N PRO A 169 -14.70 11.96 37.73
CA PRO A 169 -14.76 13.04 36.82
C PRO A 169 -13.39 13.69 36.71
N GLY A 170 -13.12 14.31 35.57
CA GLY A 170 -11.82 14.86 35.31
C GLY A 170 -11.37 15.97 36.13
N PHE A 171 -12.24 16.72 36.78
CA PHE A 171 -11.91 17.72 37.70
C PHE A 171 -11.64 17.22 39.12
N SER A 172 -11.78 15.93 39.37
CA SER A 172 -11.49 15.44 40.68
C SER A 172 -9.94 15.31 40.86
N GLY A 173 -9.44 15.53 42.06
CA GLY A 173 -7.97 15.55 42.22
C GLY A 173 -7.32 16.60 41.33
N VAL A 174 -6.10 16.39 40.90
CA VAL A 174 -5.29 17.34 40.16
C VAL A 174 -4.67 16.74 38.92
N SER A 175 -4.87 15.44 38.66
CA SER A 175 -4.10 14.67 37.71
C SER A 175 -4.80 13.30 37.57
N GLN A 176 -4.18 12.38 36.83
CA GLN A 176 -4.72 11.07 36.74
C GLN A 176 -4.63 10.26 38.04
N SER A 177 -3.80 10.68 38.99
CA SER A 177 -3.56 9.92 40.19
C SER A 177 -4.84 9.61 40.95
N LYS A 178 -5.72 10.58 41.04
CA LYS A 178 -6.94 10.38 41.80
C LYS A 178 -7.73 9.24 41.24
N GLY A 179 -7.75 9.05 39.90
CA GLY A 179 -8.45 7.93 39.32
C GLY A 179 -7.86 6.61 39.76
N HIS A 180 -6.59 6.50 39.87
CA HIS A 180 -5.99 5.24 40.38
C HIS A 180 -6.56 4.94 41.77
N HIS A 181 -6.56 5.95 42.64
CA HIS A 181 -6.98 5.71 44.04
C HIS A 181 -8.42 5.27 44.12
N VAL A 182 -9.29 6.00 43.47
N VAL A 182 -9.30 5.99 43.48
CA VAL A 182 -10.71 5.71 43.54
CA VAL A 182 -10.70 5.68 43.61
C VAL A 182 -10.98 4.31 43.06
C VAL A 182 -11.00 4.30 43.06
N LEU A 183 -10.37 3.90 41.92
CA LEU A 183 -10.59 2.59 41.42
C LEU A 183 -10.06 1.53 42.37
N ASN A 184 -8.84 1.70 42.83
CA ASN A 184 -8.21 0.68 43.70
C ASN A 184 -9.06 0.45 44.98
N ILE A 185 -9.50 1.53 45.60
CA ILE A 185 -10.24 1.35 46.90
C ILE A 185 -11.59 0.80 46.64
N GLY A 186 -12.29 1.27 45.58
CA GLY A 186 -13.61 0.65 45.30
C GLY A 186 -13.47 -0.82 45.03
N TRP A 187 -12.45 -1.24 44.28
CA TRP A 187 -12.34 -2.64 43.89
C TRP A 187 -12.19 -3.50 45.13
N ILE A 188 -11.27 -3.14 45.97
CA ILE A 188 -11.04 -3.93 47.15
C ILE A 188 -12.29 -3.94 48.07
N ASN A 189 -12.96 -2.80 48.19
CA ASN A 189 -14.12 -2.73 49.04
C ASN A 189 -15.26 -3.53 48.53
N GLU A 190 -15.42 -3.65 47.21
CA GLU A 190 -16.66 -4.21 46.64
C GLU A 190 -16.45 -5.59 46.05
N LYS A 191 -15.34 -5.82 45.36
CA LYS A 191 -15.26 -6.95 44.49
C LYS A 191 -14.25 -8.05 44.87
N VAL A 192 -13.23 -7.71 45.60
CA VAL A 192 -12.32 -8.75 46.09
C VAL A 192 -13.12 -9.69 47.05
N GLU A 193 -12.86 -10.97 46.90
CA GLU A 193 -13.57 -12.00 47.72
C GLU A 193 -15.00 -12.17 47.38
N THR A 194 -15.36 -11.84 46.12
CA THR A 194 -16.63 -12.18 45.63
C THR A 194 -16.62 -13.41 44.74
N MET A 195 -15.47 -14.03 44.54
CA MET A 195 -15.36 -15.32 43.94
C MET A 195 -14.08 -15.97 44.31
N GLU A 196 -13.95 -17.24 43.97
CA GLU A 196 -12.71 -17.98 44.25
C GLU A 196 -12.38 -18.77 43.04
N LYS A 197 -11.10 -19.05 42.90
CA LYS A 197 -10.57 -19.94 41.86
C LYS A 197 -9.85 -21.14 42.41
N GLU A 198 -9.61 -22.13 41.57
CA GLU A 198 -8.82 -23.25 41.94
C GLU A 198 -7.36 -22.85 42.17
N ILE A 199 -6.76 -23.34 43.25
CA ILE A 199 -5.38 -23.19 43.52
C ILE A 199 -4.60 -24.44 43.04
N THR A 200 -3.62 -24.19 42.20
CA THR A 200 -2.91 -25.29 41.52
C THR A 200 -1.43 -25.36 41.86
N SER A 201 -0.95 -24.52 42.75
CA SER A 201 0.40 -24.56 43.17
C SER A 201 0.52 -24.37 44.66
N GLU A 202 1.62 -24.85 45.22
CA GLU A 202 1.93 -24.48 46.61
C GLU A 202 2.36 -23.02 46.75
N TYR A 203 2.69 -22.35 45.63
CA TYR A 203 3.23 -21.00 45.71
C TYR A 203 2.31 -20.11 44.88
N THR A 204 1.69 -19.10 45.48
CA THR A 204 0.73 -18.25 44.80
C THR A 204 1.03 -16.81 45.11
N MET A 205 0.79 -15.98 44.05
CA MET A 205 1.03 -14.53 44.21
C MET A 205 0.02 -13.78 43.35
N ASN A 206 -0.15 -12.51 43.68
CA ASN A 206 -0.66 -11.54 42.71
C ASN A 206 0.52 -10.70 42.23
N PHE A 207 0.43 -10.25 40.96
CA PHE A 207 1.37 -9.26 40.49
C PHE A 207 0.64 -7.98 40.33
N ILE A 208 1.01 -6.97 41.11
CA ILE A 208 0.24 -5.79 41.29
C ILE A 208 0.97 -4.57 40.71
N GLY A 209 0.24 -3.89 39.77
CA GLY A 209 0.83 -2.71 39.16
C GLY A 209 1.69 -2.97 37.96
N ASP A 210 1.13 -3.70 37.03
CA ASP A 210 1.81 -3.99 35.69
C ASP A 210 0.63 -4.12 34.75
N PHE A 211 0.76 -3.35 33.64
CA PHE A 211 -0.35 -3.17 32.71
C PHE A 211 -0.06 -3.74 31.32
N ASN A 212 0.90 -4.68 31.21
CA ASN A 212 1.15 -5.43 29.99
C ASN A 212 1.50 -4.56 28.80
N ILE A 213 2.25 -3.49 29.03
CA ILE A 213 2.66 -2.65 27.91
C ILE A 213 3.54 -3.49 26.96
N GLN A 214 3.11 -3.51 25.70
CA GLN A 214 3.77 -4.32 24.68
C GLN A 214 4.06 -5.72 25.14
N GLY A 215 3.22 -6.30 25.98
CA GLY A 215 3.48 -7.67 26.40
C GLY A 215 4.36 -7.92 27.58
N ASP A 216 4.70 -6.86 28.35
CA ASP A 216 5.51 -6.99 29.57
C ASP A 216 5.02 -8.14 30.48
N THR A 217 3.73 -8.20 30.72
CA THR A 217 3.17 -9.13 31.70
C THR A 217 3.31 -10.54 31.20
N GLN A 218 3.07 -10.73 29.88
CA GLN A 218 3.24 -12.03 29.28
C GLN A 218 4.68 -12.50 29.31
N LEU A 219 5.62 -11.59 29.17
CA LEU A 219 7.01 -11.94 29.28
C LEU A 219 7.31 -12.38 30.72
N LEU A 220 6.91 -11.55 31.71
CA LEU A 220 7.16 -12.00 33.11
C LEU A 220 6.48 -13.30 33.45
N GLN A 221 5.32 -13.55 32.87
CA GLN A 221 4.64 -14.81 33.14
C GLN A 221 5.45 -16.02 32.77
N THR A 222 6.34 -15.88 31.77
CA THR A 222 7.20 -16.98 31.47
C THR A 222 8.12 -17.36 32.62
N TYR A 223 8.49 -16.37 33.43
CA TYR A 223 9.27 -16.59 34.63
C TYR A 223 8.44 -17.37 35.67
N TRP A 224 7.22 -16.88 35.91
CA TRP A 224 6.42 -17.49 36.97
C TRP A 224 6.11 -18.90 36.61
N ASP A 225 5.83 -19.18 35.36
CA ASP A 225 5.50 -20.53 34.93
C ASP A 225 6.74 -21.41 35.10
N ARG A 226 7.93 -20.94 34.76
CA ARG A 226 9.10 -21.73 34.91
C ARG A 226 9.38 -22.01 36.41
N LEU A 227 9.07 -21.09 37.27
CA LEU A 227 9.28 -21.27 38.69
C LEU A 227 8.16 -22.06 39.40
N GLY A 228 7.10 -22.34 38.71
CA GLY A 228 5.99 -23.04 39.29
C GLY A 228 5.14 -22.22 40.26
N ILE A 229 5.09 -20.91 40.04
CA ILE A 229 4.31 -20.01 40.83
C ILE A 229 2.99 -19.75 40.17
N GLN A 230 1.85 -19.94 40.82
CA GLN A 230 0.61 -19.53 40.25
C GLN A 230 0.35 -18.08 40.53
N VAL A 231 0.02 -17.33 39.48
CA VAL A 231 -0.42 -15.93 39.68
C VAL A 231 -1.92 -15.93 39.75
N VAL A 232 -2.45 -15.68 40.92
CA VAL A 232 -3.91 -15.62 41.08
C VAL A 232 -4.48 -14.47 40.26
N ALA A 233 -3.92 -13.30 40.38
CA ALA A 233 -4.36 -12.19 39.55
C ALA A 233 -3.18 -11.28 39.19
N HIS A 234 -3.25 -10.80 37.92
CA HIS A 234 -2.47 -9.71 37.49
C HIS A 234 -3.36 -8.42 37.56
N PHE A 235 -2.85 -7.42 38.26
CA PHE A 235 -3.51 -6.12 38.39
C PHE A 235 -2.78 -5.12 37.50
N THR A 236 -3.22 -4.94 36.24
CA THR A 236 -4.30 -5.60 35.54
C THR A 236 -3.83 -6.18 34.19
N GLY A 237 -2.54 -6.19 33.92
CA GLY A 237 -2.02 -6.64 32.58
C GLY A 237 -2.50 -7.99 32.17
N ASN A 238 -3.03 -8.05 30.94
CA ASN A 238 -3.57 -9.28 30.38
C ASN A 238 -4.45 -9.98 31.37
N GLY A 239 -5.22 -9.18 32.12
CA GLY A 239 -6.14 -9.74 33.12
C GLY A 239 -7.56 -9.87 32.77
N THR A 240 -8.27 -10.58 33.65
CA THR A 240 -9.69 -10.67 33.57
C THR A 240 -10.36 -10.06 34.78
N TYR A 241 -11.60 -9.63 34.58
CA TYR A 241 -12.37 -9.08 35.70
C TYR A 241 -12.47 -10.10 36.83
N ASP A 242 -12.77 -11.34 36.52
CA ASP A 242 -12.98 -12.32 37.62
C ASP A 242 -11.72 -12.70 38.28
N ASP A 243 -10.57 -12.74 37.59
CA ASP A 243 -9.33 -12.95 38.35
C ASP A 243 -9.16 -11.95 39.49
N LEU A 244 -9.49 -10.67 39.21
CA LEU A 244 -9.34 -9.62 40.19
C LEU A 244 -10.28 -9.80 41.43
N ARG A 245 -11.35 -10.59 41.23
CA ARG A 245 -12.26 -10.89 42.37
C ARG A 245 -11.61 -11.91 43.29
N CYS A 246 -10.52 -12.55 42.93
CA CYS A 246 -9.93 -13.67 43.63
C CYS A 246 -8.65 -13.27 44.37
N MET A 247 -8.28 -11.97 44.39
CA MET A 247 -7.02 -11.52 44.87
C MET A 247 -6.67 -11.86 46.32
N HIS A 248 -7.70 -12.07 47.12
CA HIS A 248 -7.51 -12.44 48.53
C HIS A 248 -6.89 -13.80 48.67
N GLN A 249 -6.89 -14.61 47.63
CA GLN A 249 -6.36 -15.96 47.75
C GLN A 249 -4.88 -16.05 47.71
N ALA A 250 -4.16 -15.03 47.20
CA ALA A 250 -2.74 -15.13 47.03
C ALA A 250 -1.96 -15.12 48.32
N GLN A 251 -0.79 -15.76 48.32
CA GLN A 251 0.08 -15.75 49.47
C GLN A 251 0.94 -14.48 49.56
N LEU A 252 1.22 -13.91 48.39
CA LEU A 252 2.21 -12.78 48.30
C LEU A 252 1.72 -11.75 47.27
N ASN A 253 1.86 -10.48 47.54
CA ASN A 253 1.63 -9.46 46.53
C ASN A 253 2.93 -8.86 46.13
N VAL A 254 3.29 -9.07 44.80
CA VAL A 254 4.47 -8.46 44.25
C VAL A 254 4.08 -7.16 43.57
N VAL A 255 4.66 -6.09 43.95
CA VAL A 255 4.27 -4.76 43.43
C VAL A 255 5.42 -4.22 42.58
N ASN A 256 5.02 -3.78 41.36
CA ASN A 256 5.93 -2.96 40.54
C ASN A 256 5.48 -1.52 40.58
N CYS A 257 4.30 -1.21 40.07
CA CYS A 257 3.81 0.18 40.15
C CYS A 257 3.21 0.52 41.49
N ALA A 258 4.07 0.95 42.40
CA ALA A 258 3.61 1.36 43.70
C ALA A 258 2.78 2.62 43.68
N ARG A 259 2.83 3.41 42.62
CA ARG A 259 2.09 4.63 42.55
C ARG A 259 0.62 4.37 42.21
N SER A 260 0.36 3.64 41.11
CA SER A 260 -1.00 3.42 40.71
C SER A 260 -1.71 2.33 41.51
N SER A 261 -0.94 1.40 42.10
CA SER A 261 -1.52 0.16 42.58
C SER A 261 -1.04 -0.20 43.98
N GLY A 262 -0.22 0.65 44.61
CA GLY A 262 0.13 0.41 45.99
C GLY A 262 -1.10 0.38 46.90
N TYR A 263 -2.11 1.18 46.59
CA TYR A 263 -3.31 1.26 47.41
C TYR A 263 -3.89 -0.12 47.62
N ILE A 264 -4.13 -0.88 46.57
CA ILE A 264 -4.73 -2.20 46.72
C ILE A 264 -3.82 -3.16 47.47
N ALA A 265 -2.52 -3.13 47.23
CA ALA A 265 -1.56 -3.95 47.97
C ALA A 265 -1.63 -3.62 49.46
N ASN A 266 -1.72 -2.34 49.80
CA ASN A 266 -1.76 -1.93 51.19
C ASN A 266 -3.08 -2.43 51.84
N GLU A 267 -4.18 -2.35 51.16
CA GLU A 267 -5.44 -2.84 51.71
C GLU A 267 -5.51 -4.34 51.74
N LEU A 268 -4.94 -5.06 50.78
CA LEU A 268 -4.85 -6.50 50.85
C LEU A 268 -4.03 -6.92 52.02
N LYS A 269 -2.96 -6.26 52.40
CA LYS A 269 -2.19 -6.59 53.54
C LYS A 269 -3.03 -6.31 54.82
N LYS A 270 -3.67 -5.19 54.89
CA LYS A 270 -4.44 -4.80 56.07
C LYS A 270 -5.56 -5.81 56.30
N ARG A 271 -6.27 -6.16 55.29
CA ARG A 271 -7.47 -6.98 55.42
C ARG A 271 -7.28 -8.44 55.41
N TYR A 272 -6.28 -8.93 54.69
CA TYR A 272 -6.05 -10.36 54.47
C TYR A 272 -4.72 -10.85 54.95
N GLY A 273 -3.83 -10.00 55.38
CA GLY A 273 -2.55 -10.37 55.83
C GLY A 273 -1.53 -10.68 54.77
N ILE A 274 -1.84 -10.36 53.48
CA ILE A 274 -0.92 -10.73 52.38
C ILE A 274 0.25 -9.77 52.38
N PRO A 275 1.48 -10.22 52.48
CA PRO A 275 2.58 -9.29 52.49
C PRO A 275 2.81 -8.57 51.10
N ARG A 276 3.26 -7.33 51.21
CA ARG A 276 3.61 -6.50 50.05
C ARG A 276 5.09 -6.50 49.82
N LEU A 277 5.53 -7.03 48.63
CA LEU A 277 6.93 -7.01 48.28
C LEU A 277 7.09 -6.07 47.07
N ASP A 278 7.85 -5.01 47.26
CA ASP A 278 8.14 -4.05 46.15
C ASP A 278 9.37 -4.52 45.44
N ILE A 279 9.24 -4.54 44.10
CA ILE A 279 10.39 -4.88 43.25
C ILE A 279 10.48 -3.87 42.10
N ASP A 280 11.54 -4.04 41.32
CA ASP A 280 11.71 -3.33 40.04
C ASP A 280 11.73 -4.37 38.94
N SER A 281 10.66 -4.43 38.12
CA SER A 281 10.62 -5.34 37.05
C SER A 281 11.10 -4.78 35.69
N TRP A 282 11.58 -3.57 35.72
CA TRP A 282 12.51 -3.07 34.68
C TRP A 282 13.88 -3.06 35.24
N GLY A 283 14.89 -3.32 34.45
CA GLY A 283 16.29 -3.34 34.85
C GLY A 283 16.81 -4.74 34.92
N PHE A 284 17.97 -4.99 34.36
CA PHE A 284 18.51 -6.33 34.29
C PHE A 284 18.88 -6.92 35.67
N ASN A 285 19.78 -6.19 36.33
CA ASN A 285 20.18 -6.59 37.69
C ASN A 285 18.99 -6.49 38.69
N TYR A 286 18.14 -5.54 38.45
CA TYR A 286 16.93 -5.40 39.28
C TYR A 286 16.05 -6.63 39.15
N MET A 287 15.86 -7.11 37.92
CA MET A 287 15.02 -8.26 37.73
C MET A 287 15.55 -9.48 38.50
N ALA A 288 16.86 -9.62 38.46
CA ALA A 288 17.48 -10.76 39.21
C ALA A 288 17.17 -10.59 40.72
N GLU A 289 17.32 -9.41 41.26
CA GLU A 289 17.04 -9.16 42.71
C GLU A 289 15.60 -9.52 42.99
N GLY A 290 14.68 -9.09 42.11
CA GLY A 290 13.27 -9.35 42.33
C GLY A 290 12.95 -10.84 42.35
N ILE A 291 13.49 -11.57 41.34
CA ILE A 291 13.30 -13.00 41.30
C ILE A 291 13.86 -13.67 42.60
N ARG A 292 15.04 -13.20 43.02
CA ARG A 292 15.65 -13.84 44.22
C ARG A 292 14.78 -13.59 45.44
N LYS A 293 14.16 -12.42 45.56
CA LYS A 293 13.29 -12.12 46.70
C LYS A 293 12.07 -12.99 46.67
N ILE A 294 11.37 -13.06 45.50
CA ILE A 294 10.21 -13.96 45.35
C ILE A 294 10.57 -15.41 45.75
N CYS A 295 11.69 -15.90 45.21
CA CYS A 295 12.03 -17.27 45.49
C CYS A 295 12.49 -17.48 46.94
N ALA A 296 13.04 -16.48 47.56
CA ALA A 296 13.41 -16.62 48.99
C ALA A 296 12.12 -16.66 49.79
N PHE A 297 11.13 -15.81 49.46
CA PHE A 297 9.83 -15.85 50.16
C PHE A 297 9.23 -17.23 50.09
N PHE A 298 9.28 -17.87 48.94
CA PHE A 298 8.62 -19.18 48.73
C PHE A 298 9.50 -20.38 49.13
N GLY A 299 10.76 -20.15 49.34
CA GLY A 299 11.66 -21.28 49.58
C GLY A 299 12.03 -22.06 48.37
N ILE A 300 12.12 -21.43 47.16
CA ILE A 300 12.45 -22.09 45.91
C ILE A 300 13.72 -21.39 45.38
N GLU A 301 14.63 -21.08 46.23
CA GLU A 301 15.83 -20.29 45.81
C GLU A 301 16.65 -21.02 44.65
N GLU A 302 16.73 -22.35 44.62
CA GLU A 302 17.53 -23.02 43.58
C GLU A 302 16.85 -22.81 42.26
N LYS A 303 15.52 -22.93 42.19
CA LYS A 303 14.84 -22.70 40.96
C LYS A 303 15.09 -21.28 40.42
N GLY A 304 15.08 -20.34 41.32
CA GLY A 304 15.43 -18.99 40.94
C GLY A 304 16.78 -18.80 40.38
N GLU A 305 17.75 -19.50 40.93
CA GLU A 305 19.13 -19.41 40.42
C GLU A 305 19.25 -20.13 39.09
N GLU A 306 18.47 -21.21 38.83
CA GLU A 306 18.56 -21.83 37.54
C GLU A 306 17.98 -20.82 36.44
N LEU A 307 16.87 -20.18 36.76
N LEU A 307 16.87 -20.17 36.77
CA LEU A 307 16.28 -19.24 35.86
CA LEU A 307 16.27 -19.22 35.86
C LEU A 307 17.21 -18.05 35.56
C LEU A 307 17.23 -18.04 35.56
N ILE A 308 17.78 -17.47 36.59
CA ILE A 308 18.62 -16.33 36.45
C ILE A 308 19.84 -16.68 35.66
N ALA A 309 20.44 -17.83 35.93
CA ALA A 309 21.64 -18.24 35.18
C ALA A 309 21.30 -18.36 33.66
N GLU A 310 20.17 -19.00 33.33
CA GLU A 310 19.83 -19.16 31.95
C GLU A 310 19.57 -17.82 31.28
N GLU A 311 18.87 -16.94 31.96
CA GLU A 311 18.58 -15.61 31.41
C GLU A 311 19.86 -14.75 31.23
N TYR A 312 20.83 -14.81 32.16
CA TYR A 312 21.99 -14.10 31.96
C TYR A 312 22.77 -14.69 30.79
N ALA A 313 22.81 -15.98 30.68
CA ALA A 313 23.53 -16.60 29.56
C ALA A 313 22.93 -16.13 28.24
N LYS A 314 21.63 -16.10 28.15
CA LYS A 314 20.95 -15.68 26.93
C LYS A 314 21.10 -14.21 26.61
N TRP A 315 21.03 -13.35 27.59
CA TRP A 315 20.86 -11.93 27.38
C TRP A 315 21.98 -11.01 27.78
N LYS A 316 22.78 -11.41 28.80
CA LYS A 316 23.78 -10.51 29.30
C LYS A 316 24.83 -10.10 28.24
N PRO A 317 25.26 -11.01 27.37
CA PRO A 317 26.29 -10.55 26.35
C PRO A 317 25.76 -9.41 25.45
N LYS A 318 24.46 -9.53 25.07
CA LYS A 318 23.86 -8.45 24.31
C LYS A 318 23.73 -7.15 25.07
N LEU A 319 23.29 -7.32 26.36
CA LEU A 319 23.26 -6.16 27.17
C LEU A 319 24.62 -5.41 27.28
N ASP A 320 25.62 -6.23 27.48
CA ASP A 320 26.94 -5.66 27.64
C ASP A 320 27.47 -4.98 26.35
N TRP A 321 27.06 -5.55 25.23
CA TRP A 321 27.41 -4.89 23.95
C TRP A 321 26.81 -3.54 23.82
N TYR A 322 25.51 -3.41 24.23
CA TYR A 322 24.92 -2.12 24.25
C TYR A 322 25.55 -1.14 25.29
N LYS A 323 25.91 -1.67 26.49
CA LYS A 323 26.56 -0.81 27.46
C LYS A 323 27.83 -0.16 26.94
N GLU A 324 28.61 -1.02 26.21
CA GLU A 324 29.85 -0.50 25.64
C GLU A 324 29.59 0.69 24.71
N ARG A 325 28.46 0.65 23.98
CA ARG A 325 28.14 1.77 23.09
C ARG A 325 27.35 2.93 23.70
N LEU A 326 26.57 2.64 24.75
CA LEU A 326 25.80 3.61 25.38
C LEU A 326 26.43 4.29 26.58
N GLN A 327 27.56 3.79 27.04
N GLN A 327 27.54 3.80 27.07
CA GLN A 327 28.27 4.33 28.20
CA GLN A 327 28.03 4.30 28.33
C GLN A 327 28.45 5.84 28.04
C GLN A 327 28.42 5.80 28.09
N GLY A 328 28.12 6.60 29.08
CA GLY A 328 28.28 8.01 29.06
C GLY A 328 27.22 8.82 28.37
N LYS A 329 26.32 8.20 27.64
CA LYS A 329 25.29 8.98 27.04
C LYS A 329 24.36 9.57 28.12
N LYS A 330 23.79 10.70 27.81
N LYS A 330 23.80 10.71 27.81
CA LYS A 330 22.95 11.47 28.71
CA LYS A 330 22.96 11.48 28.71
C LYS A 330 21.48 11.30 28.31
C LYS A 330 21.48 11.31 28.31
N MET A 331 20.64 10.98 29.30
CA MET A 331 19.23 10.66 29.09
C MET A 331 18.34 11.56 29.92
N ALA A 332 17.18 11.92 29.42
CA ALA A 332 16.14 12.54 30.23
C ALA A 332 14.95 11.58 30.19
N ILE A 333 14.17 11.57 31.30
CA ILE A 333 12.99 10.77 31.43
C ILE A 333 11.84 11.69 31.80
N TRP A 334 10.82 11.91 30.94
CA TRP A 334 9.71 12.80 31.21
C TRP A 334 8.48 11.94 31.02
N THR A 335 8.01 11.29 32.10
CA THR A 335 6.92 10.35 32.07
C THR A 335 6.04 10.59 33.31
N GLY A 336 5.31 9.59 33.72
CA GLY A 336 4.35 9.76 34.79
C GLY A 336 4.97 9.93 36.18
N GLY A 337 5.99 9.13 36.50
CA GLY A 337 6.66 9.21 37.80
C GLY A 337 7.45 8.00 38.13
N PRO A 338 6.83 6.82 38.29
CA PRO A 338 7.56 5.58 38.70
C PRO A 338 8.72 5.20 37.81
N ARG A 339 8.58 5.39 36.49
CA ARG A 339 9.65 4.97 35.62
C ARG A 339 10.95 5.79 35.87
N LEU A 340 10.81 6.99 36.45
CA LEU A 340 11.99 7.77 36.86
C LEU A 340 12.81 6.97 37.90
N TRP A 341 12.13 6.49 38.96
CA TRP A 341 12.87 5.77 39.99
C TRP A 341 13.11 4.33 39.64
N HIS A 342 12.33 3.70 38.69
CA HIS A 342 12.73 2.35 38.23
C HIS A 342 13.89 2.36 37.21
N TRP A 343 14.11 3.51 36.54
CA TRP A 343 15.13 3.56 35.44
C TRP A 343 16.37 4.30 35.75
N THR A 344 16.33 5.30 36.61
CA THR A 344 17.54 6.12 36.74
C THR A 344 18.80 5.37 37.07
N LYS A 345 18.75 4.45 38.04
CA LYS A 345 19.93 3.70 38.40
C LYS A 345 20.10 2.45 37.64
N SER A 346 19.02 1.87 37.13
CA SER A 346 19.15 0.68 36.29
C SER A 346 19.83 1.02 34.97
N VAL A 347 19.46 2.10 34.30
CA VAL A 347 20.22 2.43 33.07
C VAL A 347 21.69 2.79 33.37
N GLU A 348 21.88 3.35 34.59
CA GLU A 348 23.28 3.70 34.97
C GLU A 348 24.08 2.45 35.24
N ASP A 349 23.55 1.51 36.03
CA ASP A 349 24.25 0.23 36.34
C ASP A 349 24.48 -0.60 35.14
N ASP A 350 23.40 -0.83 34.37
CA ASP A 350 23.38 -1.91 33.39
C ASP A 350 23.81 -1.37 31.96
N LEU A 351 23.71 -0.03 31.75
CA LEU A 351 24.00 0.49 30.41
C LEU A 351 24.97 1.62 30.45
N GLY A 352 25.39 2.06 31.68
CA GLY A 352 26.27 3.21 31.73
C GLY A 352 25.74 4.52 31.35
N VAL A 353 24.43 4.66 31.33
CA VAL A 353 23.74 5.83 30.88
C VAL A 353 23.48 6.76 32.05
N GLN A 354 23.69 8.06 31.86
CA GLN A 354 23.57 9.06 32.88
C GLN A 354 22.27 9.83 32.72
N VAL A 355 21.34 9.71 33.69
CA VAL A 355 20.09 10.40 33.62
C VAL A 355 20.27 11.81 34.17
N VAL A 356 20.17 12.80 33.34
CA VAL A 356 20.46 14.21 33.62
C VAL A 356 19.27 15.08 33.99
N ALA A 357 18.04 14.59 33.64
CA ALA A 357 16.85 15.37 33.95
C ALA A 357 15.67 14.42 33.93
N MET A 358 14.78 14.63 34.90
CA MET A 358 13.60 13.85 35.04
C MET A 358 12.40 14.71 35.40
N SER A 359 11.26 14.39 34.81
CA SER A 359 10.02 15.08 35.12
C SER A 359 8.91 14.08 35.31
N SER A 360 8.10 14.32 36.31
CA SER A 360 6.98 13.45 36.69
C SER A 360 5.70 14.27 36.52
N LYS A 361 4.74 13.81 35.70
CA LYS A 361 3.51 14.46 35.57
C LYS A 361 2.70 14.51 36.82
N PHE A 362 2.63 13.40 37.54
CA PHE A 362 1.65 13.22 38.61
C PHE A 362 2.17 12.52 39.83
N GLY A 363 3.50 12.33 39.89
CA GLY A 363 4.06 11.64 41.07
C GLY A 363 3.73 12.37 42.37
N HIS A 364 3.81 11.55 43.41
CA HIS A 364 3.59 12.10 44.78
C HIS A 364 4.96 12.36 45.38
N GLU A 365 4.97 12.96 46.60
CA GLU A 365 6.26 13.17 47.29
C GLU A 365 7.00 11.85 47.48
N GLU A 366 6.28 10.72 47.69
CA GLU A 366 6.89 9.42 47.81
C GLU A 366 7.73 9.05 46.61
N ASP A 367 7.21 9.37 45.41
CA ASP A 367 7.93 9.10 44.18
C ASP A 367 9.19 9.92 44.10
N PHE A 368 9.14 11.18 44.52
CA PHE A 368 10.36 12.02 44.55
C PHE A 368 11.38 11.51 45.57
N GLU A 369 10.85 10.99 46.75
CA GLU A 369 11.80 10.44 47.69
C GLU A 369 12.61 9.37 47.03
N LYS A 370 11.92 8.44 46.33
CA LYS A 370 12.56 7.31 45.66
C LYS A 370 13.56 7.75 44.59
N VAL A 371 13.10 8.64 43.70
CA VAL A 371 13.97 9.03 42.58
C VAL A 371 15.18 9.78 43.04
N ILE A 372 15.01 10.67 44.03
CA ILE A 372 16.14 11.45 44.49
C ILE A 372 17.16 10.55 45.22
N ALA A 373 16.65 9.56 45.92
CA ALA A 373 17.52 8.58 46.58
C ALA A 373 18.37 7.78 45.61
N ARG A 374 17.80 7.45 44.43
CA ARG A 374 18.51 6.66 43.47
C ARG A 374 19.26 7.51 42.39
N GLY A 375 18.91 8.76 42.27
CA GLY A 375 19.40 9.61 41.18
C GLY A 375 20.70 10.33 41.45
N LYS A 376 21.22 10.94 40.39
CA LYS A 376 22.51 11.50 40.42
C LYS A 376 22.49 12.98 40.91
N GLU A 377 23.73 13.37 41.37
CA GLU A 377 23.96 14.80 41.57
C GLU A 377 24.12 15.50 40.23
N GLY A 378 23.66 16.73 40.16
CA GLY A 378 23.70 17.51 38.91
C GLY A 378 22.47 17.30 38.03
N THR A 379 21.61 16.40 38.46
CA THR A 379 20.38 16.12 37.73
C THR A 379 19.28 17.01 38.21
N TYR A 380 18.34 17.38 37.33
CA TYR A 380 17.15 18.13 37.61
C TYR A 380 16.00 17.15 37.85
N TYR A 381 15.20 17.37 38.90
CA TYR A 381 14.06 16.57 39.29
C TYR A 381 12.87 17.51 39.31
N ILE A 382 11.92 17.30 38.40
CA ILE A 382 10.86 18.23 38.16
C ILE A 382 9.51 17.61 38.43
N ASP A 383 8.71 18.25 39.25
CA ASP A 383 7.34 17.86 39.44
C ASP A 383 6.46 18.68 38.53
N ASP A 384 5.55 18.03 37.83
CA ASP A 384 4.54 18.68 36.99
C ASP A 384 5.22 19.65 36.00
N GLY A 385 6.17 19.15 35.23
CA GLY A 385 6.84 19.98 34.25
C GLY A 385 5.98 20.44 33.10
N ASN A 386 6.35 21.61 32.56
CA ASN A 386 5.61 22.15 31.44
C ASN A 386 6.56 22.39 30.27
N GLU A 387 5.93 22.68 29.09
CA GLU A 387 6.68 22.63 27.86
C GLU A 387 7.83 23.64 27.81
N LEU A 388 7.64 24.86 28.25
CA LEU A 388 8.74 25.84 28.23
C LEU A 388 9.87 25.43 29.12
N GLU A 389 9.50 24.77 30.24
CA GLU A 389 10.56 24.17 31.16
C GLU A 389 11.37 23.15 30.45
N PHE A 390 10.71 22.27 29.68
CA PHE A 390 11.39 21.28 28.94
C PHE A 390 12.46 21.87 27.98
N PHE A 391 12.13 22.96 27.32
CA PHE A 391 13.12 23.60 26.49
C PHE A 391 14.30 24.13 27.24
N GLU A 392 14.02 24.75 28.38
CA GLU A 392 15.08 25.33 29.21
C GLU A 392 15.99 24.23 29.77
N ILE A 393 15.40 23.17 30.23
CA ILE A 393 16.15 22.01 30.74
C ILE A 393 17.05 21.36 29.66
N ILE A 394 16.52 21.27 28.42
CA ILE A 394 17.33 20.81 27.32
C ILE A 394 18.59 21.65 27.12
N ASP A 395 18.41 22.96 27.17
N ASP A 395 18.40 22.94 27.20
CA ASP A 395 19.56 23.88 27.08
CA ASP A 395 19.58 23.86 27.07
C ASP A 395 20.55 23.66 28.19
C ASP A 395 20.54 23.64 28.19
N LEU A 396 20.05 23.38 29.38
CA LEU A 396 20.93 23.18 30.55
C LEU A 396 21.68 21.92 30.56
N VAL A 397 21.04 20.83 30.13
CA VAL A 397 21.67 19.48 30.29
C VAL A 397 22.07 18.75 29.03
N LYS A 398 21.52 19.21 27.90
CA LYS A 398 21.92 18.68 26.55
C LYS A 398 21.85 17.13 26.51
N PRO A 399 20.66 16.58 26.64
CA PRO A 399 20.50 15.13 26.62
C PRO A 399 20.83 14.59 25.23
N ASP A 400 21.36 13.40 25.18
CA ASP A 400 21.52 12.62 23.92
C ASP A 400 20.25 11.90 23.53
N VAL A 401 19.35 11.61 24.48
CA VAL A 401 18.14 10.90 24.17
C VAL A 401 17.09 11.26 25.23
N ILE A 402 15.84 11.30 24.86
CA ILE A 402 14.77 11.62 25.80
C ILE A 402 13.77 10.48 25.77
N PHE A 403 13.39 9.94 26.95
CA PHE A 403 12.33 8.95 27.03
C PHE A 403 11.12 9.64 27.49
N THR A 404 10.11 9.75 26.60
CA THR A 404 8.92 10.56 26.87
C THR A 404 7.82 10.10 25.90
N GLY A 405 6.68 10.78 25.93
CA GLY A 405 5.62 10.41 25.01
C GLY A 405 5.86 10.87 23.57
N PRO A 406 5.09 10.37 22.64
CA PRO A 406 5.31 10.65 21.23
C PRO A 406 5.20 12.08 20.82
N ARG A 407 4.26 12.82 21.38
CA ARG A 407 4.09 14.20 20.96
C ARG A 407 5.31 15.01 21.34
N VAL A 408 5.82 14.80 22.60
CA VAL A 408 7.06 15.52 23.04
C VAL A 408 8.20 15.02 22.19
N GLY A 409 8.25 13.72 21.90
CA GLY A 409 9.31 13.18 21.00
C GLY A 409 9.34 13.95 19.68
N GLU A 410 8.15 14.19 19.14
CA GLU A 410 8.07 14.88 17.85
C GLU A 410 8.47 16.34 17.98
N LEU A 411 8.31 16.94 19.16
CA LEU A 411 8.77 18.33 19.38
C LEU A 411 10.29 18.33 19.43
N VAL A 412 10.92 17.47 20.26
CA VAL A 412 12.32 17.60 20.44
C VAL A 412 13.13 17.12 19.23
N LYS A 413 12.47 16.36 18.32
CA LYS A 413 13.10 16.01 17.05
C LYS A 413 13.56 17.26 16.30
N LYS A 414 12.81 18.33 16.42
CA LYS A 414 13.15 19.56 15.68
C LYS A 414 14.53 20.13 16.19
N LEU A 415 14.87 19.80 17.42
CA LEU A 415 16.12 20.15 18.02
C LEU A 415 17.22 19.13 17.80
N HIS A 416 16.91 18.11 16.98
CA HIS A 416 17.79 17.05 16.64
C HIS A 416 18.07 16.08 17.77
N ILE A 417 17.13 15.98 18.73
CA ILE A 417 17.27 15.09 19.86
C ILE A 417 16.36 13.90 19.64
N PRO A 418 16.89 12.71 19.59
CA PRO A 418 16.04 11.55 19.38
C PRO A 418 15.27 11.17 20.64
N TYR A 419 14.22 10.39 20.45
CA TYR A 419 13.39 9.95 21.61
C TYR A 419 13.18 8.47 21.54
N VAL A 420 12.90 7.88 22.69
CA VAL A 420 12.25 6.58 22.83
C VAL A 420 11.00 6.79 23.60
N ASN A 421 9.93 6.11 23.16
CA ASN A 421 8.63 6.27 23.82
C ASN A 421 8.66 5.60 25.21
N GLY A 422 8.75 6.48 26.21
CA GLY A 422 8.92 6.00 27.59
C GLY A 422 7.64 5.49 28.21
N HIS A 423 6.54 5.62 27.50
CA HIS A 423 5.24 5.20 27.93
C HIS A 423 4.81 3.90 27.32
N GLY A 424 4.65 3.93 25.99
CA GLY A 424 4.20 2.81 25.19
C GLY A 424 5.32 2.03 24.50
N TYR A 425 6.55 2.43 24.68
CA TYR A 425 7.76 1.81 24.15
C TYR A 425 7.88 2.05 22.64
N HIS A 426 9.09 1.81 22.12
CA HIS A 426 9.29 1.66 20.67
C HIS A 426 9.04 0.20 20.32
N ASN A 427 10.06 -0.66 20.48
CA ASN A 427 9.98 -2.07 20.20
C ASN A 427 10.17 -2.80 21.54
N GLY A 428 9.07 -2.94 22.27
CA GLY A 428 9.05 -3.62 23.54
C GLY A 428 8.76 -5.08 23.41
N PRO A 429 8.55 -5.81 24.50
CA PRO A 429 8.40 -5.32 25.88
C PRO A 429 9.76 -4.82 26.42
N TYR A 430 9.69 -4.03 27.49
CA TYR A 430 10.88 -3.54 28.16
C TYR A 430 11.12 -4.12 29.57
N MET A 431 10.18 -4.83 30.16
CA MET A 431 10.37 -5.46 31.45
C MET A 431 11.19 -6.76 31.30
N GLY A 432 11.75 -7.17 32.45
CA GLY A 432 12.48 -8.42 32.42
C GLY A 432 13.88 -8.32 31.82
N PHE A 433 14.54 -9.49 31.78
CA PHE A 433 15.94 -9.52 31.23
C PHE A 433 15.96 -9.18 29.73
N GLU A 434 15.15 -9.93 28.96
CA GLU A 434 15.11 -9.62 27.51
C GLU A 434 14.62 -8.20 27.30
N GLY A 435 13.65 -7.73 28.10
CA GLY A 435 13.13 -6.40 27.90
C GLY A 435 14.13 -5.30 28.06
N PHE A 436 15.03 -5.44 29.01
CA PHE A 436 15.97 -4.36 29.14
C PHE A 436 16.97 -4.35 27.92
N VAL A 437 17.22 -5.53 27.37
CA VAL A 437 17.96 -5.57 26.10
C VAL A 437 17.17 -4.82 24.96
N ASN A 438 15.85 -5.07 24.94
CA ASN A 438 15.03 -4.36 23.96
C ASN A 438 15.08 -2.83 24.16
N LEU A 439 15.07 -2.38 25.42
CA LEU A 439 15.16 -0.95 25.75
C LEU A 439 16.51 -0.40 25.26
N ALA A 440 17.55 -1.16 25.57
CA ALA A 440 18.86 -0.72 25.16
C ALA A 440 18.99 -0.62 23.62
N ARG A 441 18.45 -1.62 22.96
CA ARG A 441 18.49 -1.60 21.47
C ARG A 441 17.83 -0.38 20.92
N ASP A 442 16.65 -0.03 21.40
CA ASP A 442 15.98 1.17 20.91
C ASP A 442 16.73 2.41 21.25
N MET A 443 17.32 2.49 22.46
CA MET A 443 18.10 3.67 22.78
C MET A 443 19.30 3.79 21.81
N TYR A 444 19.97 2.67 21.56
CA TYR A 444 21.11 2.64 20.66
C TYR A 444 20.72 3.11 19.22
N ASN A 445 19.62 2.52 18.71
CA ASN A 445 19.20 2.92 17.36
C ASN A 445 18.73 4.33 17.26
N ALA A 446 18.13 4.83 18.39
CA ALA A 446 17.70 6.22 18.39
C ALA A 446 18.90 7.18 18.28
N VAL A 447 19.95 6.91 19.04
N VAL A 447 19.94 6.91 19.07
CA VAL A 447 21.06 7.81 19.05
CA VAL A 447 21.07 7.82 19.14
C VAL A 447 22.06 7.56 17.92
C VAL A 447 21.97 7.65 17.97
N HIS A 448 22.33 6.32 17.62
N HIS A 448 22.24 6.42 17.63
CA HIS A 448 23.30 5.90 16.54
CA HIS A 448 23.22 6.12 16.59
C HIS A 448 22.57 5.93 15.21
C HIS A 448 22.57 5.97 15.25
N ASN A 449 22.20 7.14 14.76
CA ASN A 449 21.15 7.29 13.72
C ASN A 449 21.68 8.26 12.69
N PRO A 450 21.81 7.83 11.41
CA PRO A 450 22.36 8.73 10.41
C PRO A 450 21.56 9.98 10.21
N LEU A 451 20.27 9.93 10.40
CA LEU A 451 19.41 11.09 10.15
C LEU A 451 19.76 12.31 10.99
N ARG A 452 20.18 12.05 12.24
CA ARG A 452 20.50 13.07 13.14
C ARG A 452 21.69 13.91 12.64
N HIS A 453 22.67 13.21 12.10
CA HIS A 453 23.84 13.88 11.53
C HIS A 453 23.49 14.59 10.27
N LEU A 454 22.69 13.97 9.42
CA LEU A 454 22.27 14.62 8.18
C LEU A 454 21.50 15.86 8.43
N ALA A 455 20.60 15.90 9.44
CA ALA A 455 19.79 17.02 9.69
C ALA A 455 20.61 18.28 10.01
N ALA A 456 21.76 18.07 10.63
CA ALA A 456 22.61 19.19 11.04
C ALA A 456 23.35 19.86 9.89
N VAL A 457 23.43 19.17 8.74
CA VAL A 457 24.18 19.72 7.62
C VAL A 457 23.37 20.69 6.84
N ASP A 458 23.87 21.93 6.64
CA ASP A 458 23.24 22.87 5.79
C ASP A 458 23.96 22.74 4.43
N ILE A 459 23.20 22.26 3.43
CA ILE A 459 23.83 22.05 2.12
C ILE A 459 24.33 23.32 1.45
N ARG A 460 23.84 24.46 1.90
CA ARG A 460 24.34 25.75 1.33
C ARG A 460 25.72 26.11 1.79
N ASP A 461 26.24 25.46 2.83
CA ASP A 461 27.57 25.79 3.31
C ASP A 461 28.67 25.12 2.59
N LYS A 462 29.73 25.81 2.22
CA LYS A 462 30.72 25.35 1.24
C LYS A 462 31.94 24.56 1.73
N ALA B 12 -34.38 3.41 -7.69
CA ALA B 12 -33.00 3.56 -6.81
C ALA B 12 -33.04 4.55 -5.61
N GLU B 13 -32.77 4.01 -4.38
CA GLU B 13 -33.30 4.62 -3.16
C GLU B 13 -32.09 5.08 -2.43
N VAL B 14 -32.07 6.30 -2.02
CA VAL B 14 -31.11 6.73 -1.03
C VAL B 14 -31.86 6.92 0.24
N LYS B 15 -31.63 6.05 1.21
CA LYS B 15 -32.37 6.11 2.46
C LYS B 15 -31.52 6.58 3.62
N LEU B 16 -32.04 7.51 4.40
CA LEU B 16 -31.38 8.00 5.59
C LEU B 16 -31.99 7.40 6.74
N SER B 17 -31.18 6.95 7.67
CA SER B 17 -31.74 6.41 8.89
C SER B 17 -30.77 6.71 10.04
N PRO B 18 -31.33 6.85 11.26
CA PRO B 18 -30.53 7.06 12.42
C PRO B 18 -30.00 5.80 12.99
N ARG B 19 -28.94 5.91 13.79
CA ARG B 19 -28.52 4.77 14.59
C ARG B 19 -29.72 4.34 15.50
N ASP B 20 -29.92 3.05 15.65
CA ASP B 20 -31.07 2.59 16.45
C ASP B 20 -30.77 2.31 17.88
N ARG B 21 -29.61 2.56 18.39
CA ARG B 21 -29.18 2.38 19.74
C ARG B 21 -29.02 3.78 20.38
N GLU B 22 -29.28 3.83 21.71
CA GLU B 22 -29.00 5.04 22.46
C GLU B 22 -27.51 5.26 22.71
N GLY B 23 -26.82 4.19 23.09
CA GLY B 23 -25.38 4.26 23.35
C GLY B 23 -24.54 4.29 22.07
N ILE B 24 -23.31 4.60 22.23
CA ILE B 24 -22.25 4.55 21.16
C ILE B 24 -21.28 3.47 21.49
N ILE B 25 -20.91 2.73 20.45
CA ILE B 25 -19.77 1.79 20.56
C ILE B 25 -18.84 2.23 19.40
N ASN B 26 -17.63 2.63 19.74
CA ASN B 26 -16.63 3.00 18.71
C ASN B 26 -17.02 4.30 18.00
N PRO B 27 -16.93 5.46 18.66
CA PRO B 27 -17.36 6.73 18.10
C PRO B 27 -16.58 7.11 16.84
N MET B 28 -17.28 7.72 15.90
CA MET B 28 -16.64 8.17 14.67
C MET B 28 -15.87 9.42 14.78
N TYR B 29 -16.37 10.36 15.60
CA TYR B 29 -15.76 11.66 15.79
C TYR B 29 -15.49 11.91 17.29
N ASP B 30 -14.65 12.90 17.53
CA ASP B 30 -14.46 13.45 18.85
C ASP B 30 -15.51 14.52 19.12
N CYS B 31 -15.48 15.11 20.33
CA CYS B 31 -16.44 16.13 20.74
C CYS B 31 -16.07 17.51 20.24
N GLN B 32 -17.03 18.45 20.41
CA GLN B 32 -16.86 19.81 19.89
C GLN B 32 -15.55 20.47 20.25
N PRO B 33 -15.12 20.40 21.53
CA PRO B 33 -13.89 21.16 21.85
C PRO B 33 -12.66 20.69 21.09
N ALA B 34 -12.64 19.43 20.71
CA ALA B 34 -11.48 18.93 19.95
C ALA B 34 -11.44 19.62 18.57
N GLY B 35 -12.58 19.80 17.96
CA GLY B 35 -12.67 20.51 16.67
C GLY B 35 -12.31 21.97 16.80
N ALA B 36 -12.68 22.59 17.93
CA ALA B 36 -12.33 23.96 18.14
C ALA B 36 -10.85 24.10 18.27
N GLN B 37 -10.19 23.15 18.95
CA GLN B 37 -8.75 23.15 19.07
C GLN B 37 -8.10 23.04 17.69
N TYR B 38 -8.64 22.17 16.85
CA TYR B 38 -8.06 22.00 15.47
C TYR B 38 -8.17 23.32 14.68
N ALA B 39 -9.29 24.01 14.82
CA ALA B 39 -9.39 25.32 14.16
C ALA B 39 -8.31 26.25 14.60
N GLY B 40 -8.10 26.30 15.93
CA GLY B 40 -7.23 27.28 16.46
C GLY B 40 -5.73 27.06 16.15
N ILE B 41 -5.33 25.77 16.06
CA ILE B 41 -3.95 25.51 15.82
C ILE B 41 -3.46 25.87 14.41
N GLY B 42 -4.41 26.21 13.51
CA GLY B 42 -4.05 26.71 12.19
C GLY B 42 -3.77 28.18 12.13
N ILE B 43 -3.87 28.90 13.25
CA ILE B 43 -3.63 30.35 13.32
C ILE B 43 -2.25 30.62 13.79
N LYS B 44 -1.48 31.49 13.11
CA LYS B 44 -0.18 31.85 13.60
C LYS B 44 -0.27 32.67 14.90
N ASP B 45 0.66 32.34 15.83
CA ASP B 45 0.70 33.04 17.10
C ASP B 45 -0.58 32.89 17.91
N CYS B 46 -1.13 31.67 17.83
CA CYS B 46 -2.31 31.29 18.54
C CYS B 46 -2.03 30.11 19.43
N ILE B 47 -2.50 30.18 20.68
CA ILE B 47 -2.55 29.00 21.61
C ILE B 47 -3.90 28.92 22.14
N PRO B 48 -4.75 27.99 21.74
CA PRO B 48 -6.05 27.84 22.35
C PRO B 48 -5.97 27.52 23.85
N LEU B 49 -6.98 27.99 24.58
CA LEU B 49 -7.09 27.72 26.04
C LEU B 49 -8.41 27.04 26.23
N VAL B 50 -8.28 25.74 26.64
CA VAL B 50 -9.49 24.87 26.81
C VAL B 50 -9.92 24.86 28.23
N HIS B 51 -11.05 25.46 28.51
CA HIS B 51 -11.58 25.73 29.86
C HIS B 51 -12.36 24.46 30.29
N GLY B 52 -11.71 23.68 31.15
CA GLY B 52 -12.30 22.44 31.61
C GLY B 52 -11.20 21.60 32.24
N GLY B 53 -11.53 20.32 32.41
CA GLY B 53 -10.56 19.44 33.02
C GLY B 53 -9.39 19.17 32.04
N GLN B 54 -8.32 18.65 32.53
CA GLN B 54 -7.05 18.53 31.82
C GLN B 54 -7.12 17.55 30.70
N GLY B 55 -7.91 16.52 30.75
CA GLY B 55 -7.97 15.51 29.71
C GLY B 55 -8.54 16.11 28.42
N CYS B 56 -9.37 17.13 28.55
CA CYS B 56 -9.99 17.70 27.37
C CYS B 56 -8.93 18.37 26.51
N THR B 57 -7.82 18.81 27.04
CA THR B 57 -6.66 19.30 26.32
C THR B 57 -5.77 18.19 25.94
N MET B 58 -5.23 17.45 26.92
CA MET B 58 -4.10 16.58 26.61
C MET B 58 -4.46 15.49 25.61
N PHE B 59 -5.62 14.88 25.72
CA PHE B 59 -6.00 13.82 24.80
C PHE B 59 -6.09 14.35 23.38
N VAL B 60 -6.44 15.63 23.20
CA VAL B 60 -6.59 16.20 21.85
C VAL B 60 -5.23 16.56 21.30
N ARG B 61 -4.33 17.05 22.14
CA ARG B 61 -2.95 17.22 21.67
C ARG B 61 -2.37 15.90 21.21
N LEU B 62 -2.69 14.78 21.85
CA LEU B 62 -2.23 13.45 21.44
C LEU B 62 -2.89 13.11 20.10
N LEU B 63 -4.17 13.29 19.95
CA LEU B 63 -4.85 13.02 18.69
C LEU B 63 -4.16 13.76 17.53
N PHE B 64 -3.81 15.02 17.71
CA PHE B 64 -3.13 15.72 16.64
C PHE B 64 -1.79 15.12 16.36
N ALA B 65 -1.04 14.71 17.37
CA ALA B 65 0.23 14.04 17.18
C ALA B 65 0.04 12.73 16.47
N GLN B 66 -1.03 12.01 16.65
CA GLN B 66 -1.28 10.78 15.95
C GLN B 66 -1.48 11.07 14.45
N HIS B 67 -2.27 12.05 14.11
CA HIS B 67 -2.56 12.32 12.71
C HIS B 67 -1.36 12.91 12.02
N PHE B 68 -0.75 13.92 12.58
CA PHE B 68 0.31 14.69 11.95
C PHE B 68 1.69 14.34 12.25
N LYS B 69 1.91 13.54 13.32
CA LYS B 69 3.22 13.25 13.87
C LYS B 69 3.96 14.55 14.20
N GLU B 70 3.20 15.48 14.79
CA GLU B 70 3.72 16.74 15.27
C GLU B 70 3.06 17.16 16.55
N ASN B 71 3.81 17.97 17.32
CA ASN B 71 3.27 18.74 18.45
C ASN B 71 2.55 19.99 18.00
N PHE B 72 1.47 20.28 18.66
CA PHE B 72 0.79 21.53 18.60
C PHE B 72 0.52 22.06 19.99
N ASP B 73 0.65 23.34 20.23
CA ASP B 73 0.47 23.97 21.55
C ASP B 73 -0.99 24.32 21.76
N VAL B 74 -1.55 23.75 22.87
CA VAL B 74 -2.90 24.05 23.37
C VAL B 74 -2.70 24.02 24.87
N ALA B 75 -3.33 24.95 25.59
CA ALA B 75 -3.24 24.99 27.07
C ALA B 75 -4.58 24.66 27.69
N SER B 76 -4.54 24.25 28.98
CA SER B 76 -5.73 23.97 29.78
C SER B 76 -5.92 25.04 30.88
N THR B 77 -7.17 25.23 31.29
CA THR B 77 -7.41 25.98 32.52
C THR B 77 -7.33 25.10 33.74
N SER B 78 -7.16 23.76 33.61
CA SER B 78 -6.96 22.89 34.79
C SER B 78 -8.07 23.09 35.80
N LEU B 79 -9.31 22.86 35.40
CA LEU B 79 -10.44 22.90 36.29
C LEU B 79 -10.24 21.79 37.35
N HIS B 80 -10.30 22.13 38.64
CA HIS B 80 -10.19 21.15 39.71
C HIS B 80 -11.46 21.24 40.59
N GLU B 81 -11.42 20.55 41.78
CA GLU B 81 -12.67 20.36 42.48
C GLU B 81 -13.30 21.66 43.03
N GLU B 82 -12.46 22.59 43.46
CA GLU B 82 -12.97 23.78 44.00
C GLU B 82 -13.73 24.61 42.98
N SER B 83 -13.24 24.60 41.75
CA SER B 83 -13.97 25.31 40.67
C SER B 83 -15.23 24.63 40.32
N ALA B 84 -15.33 23.34 40.45
CA ALA B 84 -16.58 22.71 40.19
C ALA B 84 -17.63 23.01 41.17
N VAL B 85 -17.32 23.48 42.40
CA VAL B 85 -18.27 23.86 43.45
C VAL B 85 -18.57 25.31 43.34
N PHE B 86 -17.57 26.19 43.08
CA PHE B 86 -17.79 27.60 43.13
C PHE B 86 -17.68 28.36 41.79
N GLY B 87 -17.34 27.70 40.74
CA GLY B 87 -17.15 28.26 39.40
C GLY B 87 -15.67 28.37 39.09
N GLY B 88 -15.40 28.38 37.81
CA GLY B 88 -14.06 28.36 37.26
C GLY B 88 -13.57 29.60 36.55
N ALA B 89 -14.27 30.74 36.68
CA ALA B 89 -13.77 31.96 36.07
C ALA B 89 -12.30 32.28 36.37
N LYS B 90 -11.87 32.10 37.64
CA LYS B 90 -10.55 32.48 38.01
C LYS B 90 -9.51 31.64 37.25
N ARG B 91 -9.84 30.39 36.93
CA ARG B 91 -8.93 29.51 36.15
C ARG B 91 -8.75 30.04 34.76
N VAL B 92 -9.80 30.54 34.11
CA VAL B 92 -9.71 31.17 32.80
C VAL B 92 -8.80 32.33 32.87
N GLU B 93 -9.06 33.22 33.88
CA GLU B 93 -8.36 34.46 33.98
C GLU B 93 -6.93 34.27 34.27
N GLU B 94 -6.59 33.34 35.17
CA GLU B 94 -5.22 33.01 35.39
C GLU B 94 -4.54 32.41 34.14
N GLY B 95 -5.24 31.49 33.51
CA GLY B 95 -4.68 30.84 32.30
C GLY B 95 -4.35 31.82 31.17
N VAL B 96 -5.22 32.81 30.99
CA VAL B 96 -4.91 33.84 29.93
C VAL B 96 -3.69 34.58 30.29
N LEU B 97 -3.55 35.03 31.56
CA LEU B 97 -2.41 35.80 31.97
C LEU B 97 -1.10 35.01 31.91
N VAL B 98 -1.19 33.79 32.38
CA VAL B 98 0.00 32.92 32.37
C VAL B 98 0.51 32.64 30.90
N LEU B 99 -0.45 32.46 30.00
CA LEU B 99 -0.09 32.41 28.57
C LEU B 99 0.59 33.70 28.12
N ALA B 100 -0.06 34.81 28.35
CA ALA B 100 0.47 36.07 27.86
C ALA B 100 1.82 36.43 28.39
N ARG B 101 2.06 36.10 29.68
CA ARG B 101 3.28 36.42 30.31
C ARG B 101 4.47 35.56 29.84
N ARG B 102 4.15 34.29 29.49
CA ARG B 102 5.21 33.35 29.15
C ARG B 102 5.45 33.20 27.64
N TYR B 103 4.49 33.64 26.85
CA TYR B 103 4.56 33.57 25.36
C TYR B 103 4.41 35.05 24.86
N PRO B 104 5.55 35.77 24.77
CA PRO B 104 5.44 37.20 24.42
C PRO B 104 4.96 37.47 23.02
N ASN B 105 5.02 36.50 22.14
CA ASN B 105 4.53 36.71 20.78
C ASN B 105 3.12 36.20 20.52
N LEU B 106 2.46 35.71 21.60
CA LEU B 106 1.12 35.22 21.43
C LEU B 106 0.17 36.32 21.09
N ARG B 107 -0.70 36.13 20.10
CA ARG B 107 -1.69 37.09 19.67
C ARG B 107 -3.11 36.73 19.76
N VAL B 108 -3.43 35.40 19.71
CA VAL B 108 -4.79 34.95 19.65
C VAL B 108 -5.03 33.84 20.62
N ILE B 109 -6.09 33.93 21.44
CA ILE B 109 -6.44 32.88 22.37
C ILE B 109 -7.92 32.65 22.23
N PRO B 110 -8.33 31.58 21.48
CA PRO B 110 -9.69 31.11 21.53
C PRO B 110 -9.87 30.42 22.91
N ILE B 111 -10.88 30.83 23.63
CA ILE B 111 -11.23 30.29 24.95
C ILE B 111 -12.40 29.35 24.73
N ILE B 112 -12.05 28.06 24.80
CA ILE B 112 -12.92 26.99 24.31
C ILE B 112 -13.59 26.34 25.52
N THR B 113 -14.86 26.31 25.60
CA THR B 113 -15.55 25.65 26.67
C THR B 113 -15.66 24.18 26.45
N THR B 114 -15.98 23.47 27.55
CA THR B 114 -16.11 22.04 27.55
C THR B 114 -17.45 21.63 28.16
N CYS B 115 -17.74 20.32 28.26
CA CYS B 115 -18.89 19.92 28.97
C CYS B 115 -18.96 20.48 30.40
N SER B 116 -17.84 20.39 31.12
CA SER B 116 -17.82 20.88 32.53
C SER B 116 -18.22 22.28 32.68
N THR B 117 -17.61 23.16 31.88
CA THR B 117 -17.75 24.57 32.03
C THR B 117 -18.95 25.11 31.38
N GLU B 118 -19.58 24.41 30.45
CA GLU B 118 -20.91 24.69 29.96
C GLU B 118 -21.93 24.31 31.08
N VAL B 119 -21.79 23.17 31.70
CA VAL B 119 -22.72 22.77 32.72
C VAL B 119 -22.68 23.78 33.87
N ILE B 120 -21.53 24.13 34.36
CA ILE B 120 -21.43 25.05 35.52
C ILE B 120 -21.73 26.48 35.14
N GLY B 121 -21.75 26.85 33.86
CA GLY B 121 -22.20 28.15 33.47
C GLY B 121 -21.20 29.24 33.72
N ASP B 122 -19.91 28.98 33.61
CA ASP B 122 -18.94 30.06 33.75
C ASP B 122 -19.15 31.11 32.69
N ASP B 123 -19.06 32.36 33.09
CA ASP B 123 -19.31 33.51 32.22
C ASP B 123 -18.03 33.90 31.47
N ILE B 124 -17.91 33.26 30.28
CA ILE B 124 -16.69 33.47 29.53
C ILE B 124 -16.48 34.91 29.04
N GLU B 125 -17.56 35.49 28.59
CA GLU B 125 -17.47 36.91 28.11
C GLU B 125 -17.07 37.85 29.24
N GLY B 126 -17.63 37.57 30.43
CA GLY B 126 -17.20 38.36 31.58
C GLY B 126 -15.76 38.22 31.90
N SER B 127 -15.22 36.98 31.85
CA SER B 127 -13.82 36.78 32.04
C SER B 127 -12.96 37.44 30.98
N ILE B 128 -13.47 37.43 29.74
CA ILE B 128 -12.79 38.14 28.68
C ILE B 128 -12.65 39.66 28.96
N ARG B 129 -13.75 40.25 29.47
CA ARG B 129 -13.61 41.67 29.79
C ARG B 129 -12.58 41.96 30.87
N VAL B 130 -12.53 41.09 31.90
CA VAL B 130 -11.53 41.22 32.90
C VAL B 130 -10.14 41.09 32.37
N CYS B 131 -9.93 40.08 31.53
CA CYS B 131 -8.62 39.84 30.94
C CYS B 131 -8.20 40.96 29.97
N ASN B 132 -9.14 41.43 29.19
CA ASN B 132 -8.81 42.54 28.28
C ASN B 132 -8.29 43.75 29.05
N ARG B 133 -8.98 44.04 30.15
CA ARG B 133 -8.49 45.15 31.02
C ARG B 133 -7.15 44.92 31.58
N ALA B 134 -6.94 43.70 32.08
CA ALA B 134 -5.67 43.34 32.69
C ALA B 134 -4.50 43.39 31.66
N LEU B 135 -4.78 42.83 30.51
CA LEU B 135 -3.80 42.77 29.45
C LEU B 135 -3.41 44.14 28.91
N GLU B 136 -4.46 44.94 28.79
CA GLU B 136 -4.18 46.37 28.31
C GLU B 136 -3.34 47.14 29.24
N ALA B 137 -3.53 46.92 30.57
CA ALA B 137 -2.69 47.58 31.56
C ALA B 137 -1.30 47.06 31.64
N GLU B 138 -1.16 45.67 31.56
CA GLU B 138 0.07 45.07 31.80
C GLU B 138 0.99 45.13 30.56
N PHE B 139 0.38 45.09 29.37
CA PHE B 139 1.13 45.04 28.08
C PHE B 139 0.60 46.13 27.12
N PRO B 140 1.01 47.36 27.39
CA PRO B 140 0.38 48.47 26.67
C PRO B 140 0.52 48.50 25.16
N ASP B 141 1.61 47.99 24.70
CA ASP B 141 1.79 48.07 23.21
C ASP B 141 1.54 46.67 22.59
N ARG B 142 0.70 45.86 23.20
CA ARG B 142 0.38 44.53 22.71
C ARG B 142 -1.08 44.40 22.55
N LYS B 143 -1.50 43.69 21.52
CA LYS B 143 -2.90 43.31 21.39
C LYS B 143 -3.06 41.81 21.36
N ILE B 144 -3.92 41.27 22.24
CA ILE B 144 -4.27 39.84 22.23
C ILE B 144 -5.69 39.79 22.03
N TYR B 145 -6.12 38.90 21.11
CA TYR B 145 -7.49 38.73 20.75
C TYR B 145 -8.02 37.52 21.49
N LEU B 146 -9.01 37.71 22.35
CA LEU B 146 -9.59 36.61 23.13
C LEU B 146 -10.95 36.31 22.51
N ALA B 147 -11.16 35.10 21.99
CA ALA B 147 -12.37 34.79 21.31
C ALA B 147 -13.17 33.75 22.11
N PRO B 148 -14.40 34.02 22.48
CA PRO B 148 -15.17 33.07 23.26
C PRO B 148 -15.70 31.96 22.33
N VAL B 149 -15.46 30.73 22.67
CA VAL B 149 -15.91 29.63 21.82
C VAL B 149 -16.72 28.67 22.64
N HIS B 150 -18.02 28.65 22.43
CA HIS B 150 -18.94 27.82 23.19
C HIS B 150 -19.13 26.50 22.53
N THR B 151 -18.55 25.46 23.10
CA THR B 151 -18.54 24.11 22.50
C THR B 151 -18.90 23.05 23.50
N PRO B 152 -20.13 23.10 24.02
CA PRO B 152 -20.53 21.93 24.84
C PRO B 152 -20.44 20.60 24.08
N SER B 153 -19.91 19.58 24.73
CA SER B 153 -19.67 18.38 24.04
C SER B 153 -20.83 17.48 23.91
N PHE B 154 -21.91 17.81 24.61
CA PHE B 154 -23.16 17.05 24.62
C PHE B 154 -24.10 17.42 23.46
N LYS B 155 -23.58 18.20 22.50
CA LYS B 155 -24.26 18.30 21.21
C LYS B 155 -23.21 18.33 20.11
N GLY B 156 -23.65 18.01 18.89
CA GLY B 156 -22.74 18.10 17.77
C GLY B 156 -21.52 17.17 17.90
N SER B 157 -20.37 17.66 17.41
CA SER B 157 -19.17 16.86 17.29
C SER B 157 -18.02 17.74 17.01
N HIS B 158 -16.85 17.12 16.78
CA HIS B 158 -15.72 17.95 16.48
C HIS B 158 -15.92 18.73 15.11
N VAL B 159 -16.80 18.21 14.25
CA VAL B 159 -17.10 18.94 13.02
C VAL B 159 -17.73 20.30 13.35
N THR B 160 -18.78 20.26 14.21
CA THR B 160 -19.48 21.45 14.61
C THR B 160 -18.59 22.37 15.40
N GLY B 161 -17.72 21.79 16.26
CA GLY B 161 -16.83 22.62 17.03
C GLY B 161 -15.81 23.40 16.25
N TYR B 162 -15.29 22.71 15.20
CA TYR B 162 -14.42 23.36 14.23
C TYR B 162 -15.16 24.56 13.62
N ALA B 163 -16.35 24.37 13.13
CA ALA B 163 -17.05 25.51 12.48
C ALA B 163 -17.34 26.64 13.43
N GLU B 164 -17.67 26.28 14.70
CA GLU B 164 -17.98 27.32 15.68
C GLU B 164 -16.78 28.13 15.99
N CYS B 165 -15.60 27.49 16.16
CA CYS B 165 -14.36 28.19 16.52
C CYS B 165 -13.93 29.14 15.36
N VAL B 166 -13.96 28.59 14.13
CA VAL B 166 -13.62 29.48 13.00
C VAL B 166 -14.51 30.75 13.03
N LYS B 167 -15.76 30.53 13.20
CA LYS B 167 -16.70 31.67 13.18
C LYS B 167 -16.43 32.64 14.24
N SER B 168 -16.22 32.13 15.48
CA SER B 168 -15.95 33.04 16.61
C SER B 168 -14.66 33.79 16.49
N VAL B 169 -13.61 33.14 16.02
CA VAL B 169 -12.33 33.86 15.85
C VAL B 169 -12.54 34.98 14.78
N PHE B 170 -13.17 34.64 13.66
CA PHE B 170 -13.45 35.60 12.64
C PHE B 170 -14.30 36.81 13.15
N LYS B 171 -15.28 36.47 13.86
CA LYS B 171 -16.13 37.53 14.50
C LYS B 171 -15.23 38.41 15.34
N THR B 172 -14.43 37.81 16.24
CA THR B 172 -13.59 38.59 17.16
C THR B 172 -12.65 39.50 16.44
N ILE B 173 -11.92 38.97 15.49
CA ILE B 173 -10.86 39.77 14.85
C ILE B 173 -11.52 40.81 13.90
N THR B 174 -12.54 40.44 13.14
CA THR B 174 -13.17 41.42 12.25
C THR B 174 -13.92 42.47 13.08
N ASP B 175 -14.46 42.07 14.23
CA ASP B 175 -15.13 43.14 15.06
C ASP B 175 -14.16 44.20 15.39
N ALA B 176 -12.94 43.82 15.67
CA ALA B 176 -11.86 44.74 16.08
C ALA B 176 -11.39 45.65 14.93
N HIS B 177 -11.33 45.09 13.71
CA HIS B 177 -10.70 45.84 12.59
C HIS B 177 -11.70 46.43 11.66
N GLY B 178 -12.86 45.85 11.44
CA GLY B 178 -13.78 46.35 10.46
C GLY B 178 -13.37 46.25 9.02
N LYS B 179 -14.13 46.98 8.21
CA LYS B 179 -13.89 47.03 6.83
C LYS B 179 -12.92 48.13 6.54
N GLY B 180 -12.07 47.85 5.59
CA GLY B 180 -10.94 48.67 5.21
C GLY B 180 -11.04 48.88 3.67
N GLN B 181 -9.91 48.85 3.01
CA GLN B 181 -9.94 48.98 1.50
C GLN B 181 -10.04 47.56 0.87
N PRO B 182 -10.67 47.46 -0.31
CA PRO B 182 -10.86 46.15 -1.02
C PRO B 182 -9.53 45.51 -1.29
N SER B 183 -9.45 44.20 -1.05
CA SER B 183 -8.24 43.54 -1.14
C SER B 183 -8.01 42.92 -2.54
N GLY B 184 -9.11 42.68 -3.23
CA GLY B 184 -8.94 41.98 -4.54
C GLY B 184 -8.92 40.47 -4.36
N LYS B 185 -8.88 39.96 -3.10
CA LYS B 185 -8.62 38.52 -2.93
C LYS B 185 -9.96 37.78 -2.65
N LEU B 186 -9.84 36.46 -2.86
CA LEU B 186 -10.89 35.57 -2.41
C LEU B 186 -10.61 35.14 -0.92
N ASN B 187 -11.71 34.94 -0.17
CA ASN B 187 -11.56 34.19 1.04
C ASN B 187 -11.87 32.71 0.61
N VAL B 188 -11.15 31.76 1.17
CA VAL B 188 -11.43 30.36 0.88
C VAL B 188 -11.48 29.59 2.22
N PHE B 189 -12.55 28.92 2.40
CA PHE B 189 -12.70 28.06 3.63
C PHE B 189 -12.78 26.61 3.07
N PRO B 190 -11.66 25.89 3.07
CA PRO B 190 -11.68 24.52 2.55
C PRO B 190 -12.30 23.54 3.47
N GLY B 191 -12.48 23.91 4.72
CA GLY B 191 -12.91 22.94 5.73
C GLY B 191 -11.71 22.24 6.33
N TRP B 192 -12.04 21.10 6.92
CA TRP B 192 -11.11 20.26 7.68
C TRP B 192 -10.42 19.29 6.66
N VAL B 193 -9.28 19.74 6.17
CA VAL B 193 -8.55 19.01 5.12
C VAL B 193 -7.09 18.88 5.54
N ASN B 194 -6.31 18.13 4.77
CA ASN B 194 -4.97 17.94 5.06
C ASN B 194 -4.05 19.01 4.53
N PRO B 195 -2.81 19.13 5.03
CA PRO B 195 -1.80 19.98 4.44
C PRO B 195 -1.71 19.75 2.92
N GLY B 196 -1.75 18.52 2.47
CA GLY B 196 -1.67 18.31 1.03
C GLY B 196 -2.79 18.87 0.25
N ASP B 197 -3.98 18.94 0.81
CA ASP B 197 -5.13 19.57 0.16
C ASP B 197 -4.92 21.07 0.07
N VAL B 198 -4.35 21.71 1.12
CA VAL B 198 -4.05 23.12 1.10
C VAL B 198 -2.99 23.36 0.01
N VAL B 199 -1.92 22.61 -0.11
CA VAL B 199 -0.91 22.74 -1.13
C VAL B 199 -1.52 22.72 -2.50
N LEU B 200 -2.42 21.77 -2.76
CA LEU B 200 -3.12 21.68 -4.05
C LEU B 200 -3.89 22.92 -4.30
N LEU B 201 -4.70 23.38 -3.35
CA LEU B 201 -5.53 24.56 -3.58
C LEU B 201 -4.65 25.74 -3.88
N LYS B 202 -3.55 25.93 -3.17
CA LYS B 202 -2.66 27.09 -3.46
C LYS B 202 -2.21 27.01 -4.89
N ARG B 203 -1.84 25.84 -5.36
CA ARG B 203 -1.43 25.68 -6.75
C ARG B 203 -2.53 26.07 -7.69
N TYR B 204 -3.72 25.61 -7.45
CA TYR B 204 -4.80 25.95 -8.37
C TYR B 204 -4.99 27.44 -8.45
N PHE B 205 -5.04 28.14 -7.34
CA PHE B 205 -5.23 29.59 -7.38
C PHE B 205 -4.05 30.27 -8.04
N LYS B 206 -2.84 29.79 -7.84
CA LYS B 206 -1.66 30.34 -8.45
C LYS B 206 -1.72 30.18 -9.96
N GLU B 207 -2.11 28.97 -10.44
CA GLU B 207 -2.18 28.72 -11.89
C GLU B 207 -3.29 29.54 -12.52
N MET B 208 -4.34 29.83 -11.80
CA MET B 208 -5.46 30.64 -12.28
C MET B 208 -5.24 32.14 -12.06
N ASP B 209 -4.10 32.51 -11.50
CA ASP B 209 -3.84 33.97 -11.22
C ASP B 209 -4.90 34.63 -10.38
N VAL B 210 -5.32 33.88 -9.33
CA VAL B 210 -6.32 34.35 -8.37
C VAL B 210 -5.68 34.55 -7.01
N GLU B 211 -5.67 35.74 -6.43
CA GLU B 211 -5.14 35.92 -5.15
C GLU B 211 -6.20 35.46 -4.12
N ALA B 212 -5.72 34.72 -3.09
CA ALA B 212 -6.69 34.06 -2.18
C ALA B 212 -6.02 33.80 -0.86
N ASN B 213 -6.76 33.96 0.26
CA ASN B 213 -6.32 33.45 1.55
C ASN B 213 -7.12 32.19 1.84
N ILE B 214 -6.33 31.17 2.23
CA ILE B 214 -6.95 29.89 2.58
C ILE B 214 -7.00 29.84 4.10
N TYR B 215 -8.20 29.65 4.63
CA TYR B 215 -8.40 29.71 6.07
C TYR B 215 -8.76 28.34 6.61
N MET B 216 -7.92 27.69 7.43
CA MET B 216 -6.62 28.12 7.86
C MET B 216 -5.58 27.50 6.98
N ASP B 217 -4.44 28.14 6.90
CA ASP B 217 -3.38 27.68 6.04
C ASP B 217 -2.42 26.77 6.88
N THR B 218 -2.65 25.50 6.76
CA THR B 218 -1.98 24.47 7.54
C THR B 218 -0.83 23.76 6.80
N GLU B 219 -0.34 24.36 5.69
CA GLU B 219 0.76 23.73 4.98
C GLU B 219 1.96 23.43 5.81
N ASP B 220 2.34 24.31 6.74
CA ASP B 220 3.50 24.12 7.54
C ASP B 220 3.30 23.21 8.74
N PHE B 221 2.17 22.59 8.84
CA PHE B 221 2.05 21.53 9.84
C PHE B 221 3.00 20.42 9.53
N ASP B 222 3.33 20.20 8.23
CA ASP B 222 4.36 19.29 7.84
C ASP B 222 5.66 20.05 7.80
N SER B 223 6.30 20.24 8.94
CA SER B 223 7.43 21.08 9.07
C SER B 223 8.73 20.38 8.93
N PRO B 224 9.72 21.07 8.41
CA PRO B 224 11.01 20.45 8.28
C PRO B 224 11.79 20.24 9.58
N MET B 225 12.74 19.33 9.57
CA MET B 225 13.79 19.24 10.55
C MET B 225 14.98 20.03 9.93
N LEU B 226 15.28 21.21 10.43
CA LEU B 226 16.20 22.09 9.77
C LEU B 226 17.54 22.15 10.41
N PRO B 227 18.60 22.52 9.65
CA PRO B 227 19.94 22.56 10.23
C PRO B 227 20.00 23.50 11.47
N ASN B 228 19.27 24.57 11.44
CA ASN B 228 19.31 25.59 12.54
C ASN B 228 18.38 25.26 13.71
N LYS B 229 17.73 24.09 13.67
CA LYS B 229 16.89 23.62 14.79
C LYS B 229 15.66 24.46 15.02
N SER B 230 15.26 25.26 14.05
CA SER B 230 14.09 26.08 14.23
C SER B 230 12.80 25.24 14.10
N ILE B 231 11.79 25.69 14.78
CA ILE B 231 10.50 25.14 14.83
C ILE B 231 9.51 25.93 13.96
N GLU B 232 8.97 25.31 12.92
CA GLU B 232 8.16 25.99 11.94
C GLU B 232 6.77 25.39 11.84
N THR B 233 6.45 24.58 12.89
CA THR B 233 5.18 23.80 12.90
C THR B 233 4.01 24.59 13.28
N HIS B 234 3.62 25.59 12.50
CA HIS B 234 2.63 26.59 12.87
C HIS B 234 1.65 26.85 11.81
N GLY B 235 0.50 27.33 12.14
CA GLY B 235 -0.38 27.88 11.14
C GLY B 235 0.22 29.09 10.47
N ARG B 236 -0.12 29.33 9.23
CA ARG B 236 0.37 30.49 8.55
C ARG B 236 -0.67 31.60 8.48
N THR B 237 -1.91 31.33 8.84
CA THR B 237 -2.96 32.35 8.83
C THR B 237 -2.75 33.34 9.97
N THR B 238 -2.54 34.60 9.64
CA THR B 238 -2.31 35.65 10.67
C THR B 238 -3.57 36.38 11.00
N VAL B 239 -3.47 37.11 12.13
CA VAL B 239 -4.48 38.12 12.42
C VAL B 239 -4.85 39.04 11.23
N GLU B 240 -3.74 39.49 10.60
CA GLU B 240 -3.94 40.38 9.41
C GLU B 240 -4.71 39.71 8.33
N ASP B 241 -4.37 38.44 8.06
CA ASP B 241 -5.12 37.70 7.07
C ASP B 241 -6.59 37.54 7.37
N ILE B 242 -6.88 37.17 8.67
CA ILE B 242 -8.25 37.08 9.08
C ILE B 242 -9.03 38.41 8.97
N ALA B 243 -8.37 39.48 9.47
CA ALA B 243 -9.03 40.80 9.44
C ALA B 243 -9.35 41.26 7.98
N ASP B 244 -8.49 40.80 7.07
CA ASP B 244 -8.67 41.15 5.63
C ASP B 244 -9.79 40.42 5.00
N SER B 245 -10.35 39.41 5.65
CA SER B 245 -11.50 38.75 5.12
C SER B 245 -12.70 39.62 4.85
N ALA B 246 -12.73 40.70 5.65
CA ALA B 246 -13.80 41.71 5.52
C ALA B 246 -13.78 42.43 4.13
N ASN B 247 -12.61 42.44 3.55
CA ASN B 247 -12.32 43.25 2.34
C ASN B 247 -12.25 42.41 1.07
N ALA B 248 -12.59 41.15 1.18
CA ALA B 248 -12.46 40.27 0.05
C ALA B 248 -13.49 40.53 -1.05
N LEU B 249 -13.14 40.05 -2.23
CA LEU B 249 -14.05 40.12 -3.32
C LEU B 249 -15.28 39.21 -3.22
N ALA B 250 -15.01 38.04 -2.57
CA ALA B 250 -16.01 36.98 -2.41
C ALA B 250 -15.34 35.92 -1.49
N THR B 251 -16.25 35.08 -0.97
CA THR B 251 -15.84 33.89 -0.22
C THR B 251 -16.24 32.65 -1.00
N LEU B 252 -15.29 31.71 -1.10
CA LEU B 252 -15.58 30.39 -1.66
C LEU B 252 -15.55 29.40 -0.46
N SER B 253 -16.67 28.85 -0.13
CA SER B 253 -16.80 27.90 0.95
C SER B 253 -16.90 26.52 0.34
N LEU B 254 -15.98 25.63 0.70
CA LEU B 254 -16.01 24.29 0.14
C LEU B 254 -16.68 23.26 0.94
N ALA B 255 -17.07 23.61 2.19
CA ALA B 255 -17.59 22.60 3.11
C ALA B 255 -18.77 23.14 3.90
N ARG B 256 -19.93 22.64 3.62
CA ARG B 256 -21.12 23.10 4.26
C ARG B 256 -21.08 23.06 5.77
N TYR B 257 -20.45 22.02 6.30
CA TYR B 257 -20.40 21.82 7.75
C TYR B 257 -19.13 22.25 8.36
N GLU B 258 -18.21 22.80 7.62
CA GLU B 258 -16.87 23.13 8.07
C GLU B 258 -16.43 24.51 7.56
N GLY B 259 -17.25 25.53 7.80
CA GLY B 259 -16.77 26.90 7.54
C GLY B 259 -17.73 27.69 6.70
N ASN B 260 -18.69 27.07 6.06
CA ASN B 260 -19.68 27.88 5.36
C ASN B 260 -20.35 28.92 6.26
N THR B 261 -20.54 28.57 7.57
CA THR B 261 -21.21 29.56 8.39
C THR B 261 -20.37 30.76 8.65
N THR B 262 -19.06 30.71 8.50
CA THR B 262 -18.22 31.88 8.57
C THR B 262 -18.37 32.69 7.25
N GLY B 263 -18.33 32.01 6.13
CA GLY B 263 -18.63 32.72 4.88
C GLY B 263 -19.97 33.46 4.99
N GLU B 264 -21.01 32.84 5.54
CA GLU B 264 -22.31 33.46 5.74
C GLU B 264 -22.24 34.68 6.68
N LEU B 265 -21.46 34.61 7.75
CA LEU B 265 -21.28 35.73 8.63
C LEU B 265 -20.60 36.88 7.90
N LEU B 266 -19.60 36.60 7.11
CA LEU B 266 -18.93 37.65 6.40
C LEU B 266 -19.86 38.31 5.37
N GLN B 267 -20.73 37.56 4.75
CA GLN B 267 -21.70 38.09 3.81
C GLN B 267 -22.64 39.01 4.59
N LYS B 268 -23.18 38.54 5.69
CA LYS B 268 -24.14 39.37 6.45
C LYS B 268 -23.49 40.61 7.01
N THR B 269 -22.27 40.55 7.54
CA THR B 269 -21.66 41.66 8.19
C THR B 269 -21.03 42.67 7.27
N PHE B 270 -20.38 42.18 6.24
CA PHE B 270 -19.49 42.95 5.37
C PHE B 270 -19.90 42.92 3.89
N ALA B 271 -20.96 42.26 3.57
CA ALA B 271 -21.47 42.18 2.18
C ALA B 271 -20.46 41.52 1.29
N VAL B 272 -19.65 40.62 1.80
CA VAL B 272 -18.76 39.76 0.97
C VAL B 272 -19.59 38.61 0.46
N PRO B 273 -19.83 38.49 -0.86
CA PRO B 273 -20.78 37.42 -1.22
C PRO B 273 -20.10 36.02 -1.03
N ASN B 274 -20.86 35.13 -0.41
CA ASN B 274 -20.40 33.76 -0.13
C ASN B 274 -20.96 32.85 -1.17
N ALA B 275 -20.06 32.01 -1.74
CA ALA B 275 -20.44 30.98 -2.66
C ALA B 275 -20.06 29.58 -2.06
N LEU B 276 -21.04 28.83 -1.62
CA LEU B 276 -20.87 27.49 -1.14
C LEU B 276 -20.94 26.53 -2.36
N VAL B 277 -19.91 25.72 -2.51
CA VAL B 277 -19.88 24.70 -3.54
C VAL B 277 -19.76 23.30 -2.96
N ASN B 278 -20.06 22.27 -3.77
CA ASN B 278 -19.77 20.93 -3.31
C ASN B 278 -18.29 20.80 -3.00
N THR B 279 -17.98 20.09 -1.88
CA THR B 279 -16.62 19.85 -1.53
C THR B 279 -15.92 19.09 -2.71
N PRO B 280 -14.75 19.53 -3.11
CA PRO B 280 -14.15 19.09 -4.42
C PRO B 280 -13.47 17.68 -4.34
N TYR B 281 -14.27 16.68 -4.03
CA TYR B 281 -13.84 15.30 -4.18
C TYR B 281 -14.39 14.83 -5.51
N GLY B 282 -13.49 14.27 -6.27
CA GLY B 282 -13.87 13.79 -7.61
C GLY B 282 -13.80 14.83 -8.67
N ILE B 283 -14.05 14.40 -9.88
CA ILE B 283 -13.83 15.25 -11.08
C ILE B 283 -14.90 16.34 -11.20
N LYS B 284 -16.16 15.93 -11.24
CA LYS B 284 -17.20 16.94 -11.40
C LYS B 284 -17.24 18.02 -10.36
N ASN B 285 -17.05 17.57 -9.09
CA ASN B 285 -17.05 18.61 -8.04
C ASN B 285 -15.91 19.55 -8.15
N THR B 286 -14.71 19.06 -8.61
CA THR B 286 -13.62 19.93 -8.87
C THR B 286 -13.90 20.89 -10.08
N ASP B 287 -14.43 20.33 -11.13
CA ASP B 287 -14.85 21.14 -12.32
C ASP B 287 -15.72 22.28 -11.82
N ASP B 288 -16.73 21.97 -11.02
CA ASP B 288 -17.74 22.96 -10.59
C ASP B 288 -17.10 24.00 -9.66
N MET B 289 -16.16 23.60 -8.81
CA MET B 289 -15.41 24.57 -8.05
C MET B 289 -14.68 25.56 -8.93
N LEU B 290 -13.92 25.05 -9.90
CA LEU B 290 -13.12 25.92 -10.76
C LEU B 290 -14.07 26.79 -11.57
N ARG B 291 -15.18 26.29 -12.05
CA ARG B 291 -16.09 27.19 -12.75
C ARG B 291 -16.60 28.30 -11.85
N LYS B 292 -16.93 27.98 -10.61
CA LYS B 292 -17.35 29.10 -9.70
C LYS B 292 -16.22 30.09 -9.44
N ILE B 293 -14.99 29.66 -9.30
CA ILE B 293 -13.90 30.56 -9.16
C ILE B 293 -13.84 31.47 -10.41
N ALA B 294 -13.94 30.90 -11.58
CA ALA B 294 -13.86 31.68 -12.78
C ALA B 294 -15.02 32.73 -12.85
N GLU B 295 -16.20 32.33 -12.45
CA GLU B 295 -17.38 33.20 -12.45
C GLU B 295 -17.16 34.39 -11.51
N VAL B 296 -16.71 34.15 -10.28
CA VAL B 296 -16.59 35.24 -9.30
C VAL B 296 -15.43 36.14 -9.58
N THR B 297 -14.34 35.64 -10.19
CA THR B 297 -13.13 36.43 -10.41
C THR B 297 -13.01 36.97 -11.82
N GLY B 298 -13.76 36.41 -12.75
CA GLY B 298 -13.60 36.72 -14.16
C GLY B 298 -12.32 36.19 -14.77
N LYS B 299 -11.62 35.27 -14.08
CA LYS B 299 -10.31 34.74 -14.54
C LYS B 299 -10.67 33.40 -15.25
N GLU B 300 -9.92 33.12 -16.31
CA GLU B 300 -10.10 31.84 -17.10
C GLU B 300 -9.48 30.68 -16.34
N ILE B 301 -10.05 29.54 -16.56
CA ILE B 301 -9.42 28.28 -16.12
C ILE B 301 -8.24 27.98 -17.03
N PRO B 302 -7.06 27.79 -16.54
CA PRO B 302 -5.87 27.60 -17.30
C PRO B 302 -5.71 26.20 -17.92
N GLU B 303 -5.00 26.14 -19.02
CA GLU B 303 -4.69 24.92 -19.72
C GLU B 303 -4.04 23.89 -18.75
N SER B 304 -3.25 24.35 -17.81
CA SER B 304 -2.52 23.44 -16.87
C SER B 304 -3.56 22.65 -16.09
N LEU B 305 -4.71 23.19 -15.75
CA LEU B 305 -5.70 22.45 -15.03
C LEU B 305 -6.44 21.46 -15.89
N VAL B 306 -6.68 21.85 -17.18
CA VAL B 306 -7.22 20.90 -18.12
C VAL B 306 -6.32 19.68 -18.24
N ARG B 307 -5.02 19.92 -18.27
CA ARG B 307 -4.07 18.86 -18.38
C ARG B 307 -4.06 17.96 -17.07
N GLU B 308 -4.02 18.61 -15.89
CA GLU B 308 -4.04 17.82 -14.67
C GLU B 308 -5.28 17.00 -14.56
N ARG B 309 -6.42 17.54 -14.96
CA ARG B 309 -7.61 16.81 -15.06
C ARG B 309 -7.52 15.59 -15.97
N GLY B 310 -6.93 15.84 -17.17
CA GLY B 310 -6.78 14.77 -18.16
C GLY B 310 -5.84 13.66 -17.70
N ILE B 311 -4.81 14.03 -16.96
CA ILE B 311 -3.91 13.03 -16.40
C ILE B 311 -4.62 12.17 -15.30
N ALA B 312 -5.45 12.84 -14.51
CA ALA B 312 -6.28 12.12 -13.58
C ALA B 312 -7.20 11.15 -14.20
N LEU B 313 -7.93 11.64 -15.25
CA LEU B 313 -8.85 10.81 -15.93
C LEU B 313 -8.15 9.58 -16.58
N ASP B 314 -7.00 9.83 -17.16
CA ASP B 314 -6.26 8.76 -17.81
C ASP B 314 -5.92 7.66 -16.82
N ALA B 315 -5.47 8.07 -15.60
CA ALA B 315 -5.13 7.13 -14.56
C ALA B 315 -6.33 6.36 -14.09
N LEU B 316 -7.43 7.08 -13.87
CA LEU B 316 -8.62 6.43 -13.40
C LEU B 316 -9.23 5.45 -14.38
N ALA B 317 -9.08 5.80 -15.71
CA ALA B 317 -9.57 4.94 -16.73
C ALA B 317 -8.86 3.60 -16.79
N ASP B 318 -7.62 3.52 -16.31
CA ASP B 318 -6.91 2.27 -16.23
C ASP B 318 -7.41 1.35 -15.13
N LEU B 319 -8.31 1.88 -14.27
CA LEU B 319 -8.81 1.18 -13.08
C LEU B 319 -10.29 0.90 -13.08
N ALA B 320 -11.09 1.79 -13.61
CA ALA B 320 -12.56 1.78 -13.31
C ALA B 320 -13.25 0.51 -13.73
N HIS B 321 -13.34 0.21 -15.05
CA HIS B 321 -14.07 -0.98 -15.40
C HIS B 321 -13.33 -2.29 -15.14
N MET B 322 -12.00 -2.21 -15.10
CA MET B 322 -11.26 -3.45 -14.79
C MET B 322 -11.41 -3.87 -13.34
N PHE B 323 -11.10 -2.99 -12.40
CA PHE B 323 -10.98 -3.34 -11.00
C PHE B 323 -12.14 -2.77 -10.13
N PHE B 324 -12.75 -1.66 -10.49
CA PHE B 324 -13.67 -1.04 -9.59
C PHE B 324 -15.12 -1.40 -9.85
N ALA B 325 -15.54 -1.69 -11.09
CA ALA B 325 -16.93 -1.81 -11.40
C ALA B 325 -17.54 -2.89 -10.55
N ASN B 326 -18.73 -2.55 -10.02
CA ASN B 326 -19.57 -3.38 -9.22
C ASN B 326 -19.02 -3.72 -7.85
N LYS B 327 -17.95 -3.07 -7.45
CA LYS B 327 -17.39 -3.29 -6.13
C LYS B 327 -18.11 -2.40 -5.13
N LYS B 328 -18.44 -3.01 -3.97
CA LYS B 328 -19.32 -2.37 -2.98
C LYS B 328 -18.45 -1.74 -1.90
N VAL B 329 -18.76 -0.47 -1.60
CA VAL B 329 -17.96 0.39 -0.77
C VAL B 329 -18.79 0.89 0.42
N ALA B 330 -18.14 0.93 1.60
CA ALA B 330 -18.65 1.69 2.73
C ALA B 330 -17.73 2.87 3.00
N ILE B 331 -18.29 4.01 3.33
CA ILE B 331 -17.50 5.23 3.59
C ILE B 331 -17.92 5.86 4.89
N PHE B 332 -16.98 6.25 5.69
CA PHE B 332 -17.30 7.01 6.91
C PHE B 332 -16.33 8.13 7.10
N GLY B 333 -16.73 9.18 7.82
CA GLY B 333 -15.96 10.33 8.00
C GLY B 333 -16.80 11.58 8.13
N HIS B 334 -16.17 12.74 8.05
CA HIS B 334 -16.93 13.99 8.07
C HIS B 334 -17.99 14.02 7.02
N PRO B 335 -19.11 14.71 7.25
CA PRO B 335 -20.20 14.68 6.26
C PRO B 335 -19.82 15.20 4.88
N ASP B 336 -19.06 16.29 4.82
CA ASP B 336 -18.70 16.82 3.50
C ASP B 336 -17.79 15.83 2.75
N LEU B 337 -16.95 15.13 3.46
CA LEU B 337 -16.07 14.13 2.89
C LEU B 337 -16.84 12.91 2.51
N VAL B 338 -17.80 12.43 3.27
CA VAL B 338 -18.51 11.22 2.94
C VAL B 338 -19.34 11.45 1.70
N LEU B 339 -20.08 12.55 1.64
CA LEU B 339 -20.93 12.85 0.47
C LEU B 339 -20.02 13.06 -0.73
N GLY B 340 -18.94 13.77 -0.62
CA GLY B 340 -18.05 14.03 -1.79
C GLY B 340 -17.42 12.73 -2.24
N LEU B 341 -16.91 11.91 -1.33
CA LEU B 341 -16.32 10.67 -1.76
C LEU B 341 -17.33 9.73 -2.41
N ALA B 342 -18.55 9.71 -1.94
CA ALA B 342 -19.56 8.87 -2.60
C ALA B 342 -19.72 9.31 -4.10
N GLN B 343 -19.71 10.61 -4.34
CA GLN B 343 -19.80 11.07 -5.73
C GLN B 343 -18.56 10.67 -6.54
N PHE B 344 -17.39 10.84 -5.97
CA PHE B 344 -16.12 10.34 -6.64
C PHE B 344 -16.26 8.85 -6.94
N CYS B 345 -16.70 8.04 -5.97
CA CYS B 345 -16.77 6.63 -6.22
C CYS B 345 -17.62 6.32 -7.42
N MET B 346 -18.74 6.98 -7.58
CA MET B 346 -19.58 6.67 -8.71
C MET B 346 -18.92 7.02 -10.02
N GLU B 347 -18.11 8.05 -10.06
CA GLU B 347 -17.48 8.45 -11.30
C GLU B 347 -16.57 7.32 -11.80
N VAL B 348 -16.01 6.49 -10.91
CA VAL B 348 -15.08 5.43 -11.22
C VAL B 348 -15.68 4.09 -11.12
N GLU B 349 -17.01 4.00 -11.14
CA GLU B 349 -17.77 2.78 -11.20
C GLU B 349 -17.86 1.96 -9.86
N LEU B 350 -17.28 2.51 -8.79
CA LEU B 350 -17.51 1.93 -7.47
C LEU B 350 -18.97 2.16 -7.04
N GLU B 351 -19.44 1.33 -6.12
CA GLU B 351 -20.81 1.42 -5.67
C GLU B 351 -20.80 1.68 -4.12
N PRO B 352 -20.95 2.92 -3.74
CA PRO B 352 -20.94 3.30 -2.32
C PRO B 352 -22.35 3.01 -1.70
N VAL B 353 -22.50 1.83 -1.19
CA VAL B 353 -23.77 1.34 -0.72
C VAL B 353 -24.09 1.72 0.73
N LEU B 354 -23.06 2.08 1.49
CA LEU B 354 -23.27 2.40 2.92
C LEU B 354 -22.39 3.60 3.26
N LEU B 355 -23.07 4.70 3.65
CA LEU B 355 -22.42 5.93 4.03
C LEU B 355 -22.76 6.17 5.48
N LEU B 356 -21.74 6.36 6.31
CA LEU B 356 -21.94 6.61 7.75
C LEU B 356 -21.43 7.97 8.14
N ILE B 357 -22.35 8.74 8.77
CA ILE B 357 -22.03 10.07 9.23
C ILE B 357 -22.35 10.09 10.75
N GLY B 358 -21.42 10.63 11.51
CA GLY B 358 -21.28 10.27 12.90
C GLY B 358 -21.87 11.20 13.98
N ASP B 359 -22.77 12.07 13.66
CA ASP B 359 -23.27 12.97 14.73
C ASP B 359 -24.71 13.25 14.48
N ASP B 360 -25.22 14.12 15.44
CA ASP B 360 -26.67 14.38 15.62
C ASP B 360 -27.24 15.42 14.68
N GLN B 361 -26.55 15.70 13.54
CA GLN B 361 -26.99 16.78 12.65
C GLN B 361 -27.82 16.24 11.49
N GLY B 362 -28.50 15.14 11.68
CA GLY B 362 -29.36 14.56 10.63
C GLY B 362 -30.43 15.44 10.09
N ASN B 363 -30.97 16.35 10.89
CA ASN B 363 -31.98 17.24 10.39
C ASN B 363 -31.37 18.10 9.25
N LYS B 364 -30.05 18.40 9.34
CA LYS B 364 -29.41 19.14 8.28
C LYS B 364 -29.06 18.24 7.17
N TYR B 365 -28.54 17.07 7.40
CA TYR B 365 -28.08 16.22 6.39
C TYR B 365 -29.22 15.83 5.45
N LYS B 366 -30.43 15.68 5.97
CA LYS B 366 -31.58 15.30 5.12
C LYS B 366 -31.88 16.36 4.10
N LYS B 367 -31.42 17.60 4.29
CA LYS B 367 -31.59 18.70 3.36
C LYS B 367 -30.44 18.99 2.46
N ASP B 368 -29.38 18.18 2.61
CA ASP B 368 -28.16 18.48 1.83
C ASP B 368 -28.48 18.20 0.34
N PRO B 369 -28.19 19.18 -0.51
CA PRO B 369 -28.50 18.93 -1.98
C PRO B 369 -27.75 17.77 -2.59
N ARG B 370 -26.70 17.30 -1.95
CA ARG B 370 -25.93 16.19 -2.50
C ARG B 370 -26.69 14.90 -2.38
N ILE B 371 -27.67 14.81 -1.41
CA ILE B 371 -28.48 13.57 -1.31
C ILE B 371 -29.25 13.33 -2.60
N GLU B 372 -29.94 14.38 -3.10
CA GLU B 372 -30.63 14.27 -4.43
C GLU B 372 -29.65 14.01 -5.54
N GLU B 373 -28.50 14.61 -5.46
CA GLU B 373 -27.44 14.31 -6.50
C GLU B 373 -27.07 12.88 -6.54
N LEU B 374 -26.94 12.28 -5.37
CA LEU B 374 -26.66 10.86 -5.27
C LEU B 374 -27.83 10.05 -5.75
N LYS B 375 -29.02 10.38 -5.44
CA LYS B 375 -30.28 9.67 -5.89
C LYS B 375 -30.33 9.60 -7.47
N ASN B 376 -30.02 10.71 -8.17
CA ASN B 376 -30.09 10.87 -9.76
C ASN B 376 -28.86 10.22 -10.41
N THR B 377 -27.80 9.77 -9.66
CA THR B 377 -26.62 9.14 -10.25
C THR B 377 -26.47 7.65 -9.83
N ALA B 378 -27.18 7.21 -8.80
CA ALA B 378 -26.94 5.83 -8.34
C ALA B 378 -27.72 4.83 -9.15
N HIS B 379 -26.98 3.77 -9.42
N HIS B 379 -27.28 3.61 -9.25
CA HIS B 379 -27.49 2.54 -10.07
CA HIS B 379 -28.21 2.56 -9.81
C HIS B 379 -27.85 1.40 -9.04
C HIS B 379 -28.41 1.40 -8.91
N PHE B 380 -28.07 1.66 -7.69
CA PHE B 380 -28.20 0.66 -6.64
C PHE B 380 -28.63 1.53 -5.46
N ASP B 381 -29.17 0.86 -4.50
CA ASP B 381 -29.63 1.52 -3.28
C ASP B 381 -28.44 1.93 -2.38
N ILE B 382 -28.59 3.06 -1.74
CA ILE B 382 -27.58 3.59 -0.79
C ILE B 382 -28.26 3.73 0.53
N GLU B 383 -27.67 3.20 1.59
CA GLU B 383 -28.11 3.53 2.97
C GLU B 383 -27.14 4.57 3.60
N ILE B 384 -27.69 5.66 4.10
CA ILE B 384 -26.95 6.68 4.78
C ILE B 384 -27.35 6.63 6.25
N VAL B 385 -26.46 6.18 7.10
CA VAL B 385 -26.79 6.15 8.53
C VAL B 385 -26.18 7.34 9.16
N HIS B 386 -27.03 8.21 9.77
CA HIS B 386 -26.59 9.38 10.46
C HIS B 386 -26.65 9.06 12.01
N ASN B 387 -25.97 9.92 12.76
CA ASN B 387 -25.72 9.61 14.17
C ASN B 387 -25.05 8.27 14.31
N ALA B 388 -24.24 7.86 13.34
CA ALA B 388 -23.62 6.56 13.30
C ALA B 388 -22.43 6.47 14.21
N ASP B 389 -22.16 5.28 14.73
CA ASP B 389 -20.88 4.94 15.29
C ASP B 389 -20.20 3.89 14.38
N LEU B 390 -19.01 3.45 14.69
CA LEU B 390 -18.34 2.47 13.85
C LEU B 390 -18.77 1.06 14.16
N TRP B 391 -19.39 0.84 15.35
CA TRP B 391 -19.99 -0.44 15.58
C TRP B 391 -21.10 -0.70 14.55
N GLU B 392 -21.79 0.37 14.10
N GLU B 392 -21.83 0.34 14.12
CA GLU B 392 -22.81 0.18 13.11
CA GLU B 392 -22.85 0.14 13.07
C GLU B 392 -22.26 -0.47 11.84
C GLU B 392 -22.24 -0.56 11.87
N LEU B 393 -21.07 -0.11 11.42
CA LEU B 393 -20.38 -0.76 10.30
C LEU B 393 -20.07 -2.19 10.56
N GLU B 394 -19.45 -2.47 11.74
CA GLU B 394 -19.12 -3.84 12.09
C GLU B 394 -20.25 -4.77 12.23
N LYS B 395 -21.34 -4.24 12.85
CA LYS B 395 -22.52 -5.00 12.99
C LYS B 395 -23.18 -5.38 11.66
N ARG B 396 -23.19 -4.47 10.72
CA ARG B 396 -23.77 -4.72 9.40
C ARG B 396 -22.92 -5.75 8.65
N ILE B 397 -21.61 -5.68 8.76
CA ILE B 397 -20.78 -6.71 8.15
C ILE B 397 -21.02 -8.06 8.81
N ASN B 398 -21.13 -8.09 10.15
CA ASN B 398 -21.41 -9.33 10.83
C ASN B 398 -22.71 -9.96 10.40
N ALA B 399 -23.72 -9.15 10.10
CA ALA B 399 -25.04 -9.58 9.68
C ALA B 399 -25.07 -10.04 8.20
N GLY B 400 -23.99 -9.84 7.44
CA GLY B 400 -23.86 -10.38 6.09
C GLY B 400 -23.65 -9.30 5.05
N LEU B 401 -23.50 -8.03 5.37
CA LEU B 401 -23.21 -7.04 4.34
C LEU B 401 -21.89 -7.35 3.67
N GLN B 402 -21.90 -7.52 2.34
CA GLN B 402 -20.66 -7.88 1.59
C GLN B 402 -20.04 -6.63 0.98
N LEU B 403 -18.89 -6.23 1.50
CA LEU B 403 -18.15 -5.11 1.05
C LEU B 403 -16.84 -5.53 0.45
N ASP B 404 -16.46 -4.79 -0.61
CA ASP B 404 -15.20 -4.94 -1.24
C ASP B 404 -14.16 -3.96 -0.77
N LEU B 405 -14.61 -2.87 -0.18
CA LEU B 405 -13.74 -1.75 0.18
C LEU B 405 -14.39 -0.94 1.31
N ILE B 406 -13.55 -0.48 2.24
CA ILE B 406 -13.92 0.53 3.20
C ILE B 406 -13.05 1.79 2.96
N MET B 407 -13.65 2.96 3.02
CA MET B 407 -12.92 4.20 3.04
C MET B 407 -13.28 4.92 4.31
N GLY B 408 -12.24 5.20 5.14
CA GLY B 408 -12.47 5.92 6.37
C GLY B 408 -11.22 6.17 7.11
N HIS B 409 -11.35 6.74 8.31
CA HIS B 409 -10.20 7.06 9.13
C HIS B 409 -9.71 5.87 9.95
N SER B 410 -8.53 6.03 10.54
CA SER B 410 -7.81 4.94 11.12
C SER B 410 -8.50 4.34 12.37
N LYS B 411 -9.40 5.05 13.05
CA LYS B 411 -10.02 4.41 14.20
C LYS B 411 -10.96 3.34 13.76
N GLY B 412 -11.27 3.18 12.46
CA GLY B 412 -12.00 2.00 12.01
C GLY B 412 -11.18 0.85 11.59
N ARG B 413 -9.85 0.93 11.74
CA ARG B 413 -8.96 -0.10 11.15
C ARG B 413 -9.28 -1.52 11.53
N TYR B 414 -9.65 -1.79 12.83
CA TYR B 414 -9.84 -3.20 13.18
C TYR B 414 -11.03 -3.81 12.54
N VAL B 415 -12.00 -2.97 12.16
CA VAL B 415 -13.16 -3.51 11.47
C VAL B 415 -12.72 -4.14 10.15
N ALA B 416 -11.94 -3.38 9.38
CA ALA B 416 -11.47 -3.85 8.07
C ALA B 416 -10.50 -5.01 8.24
N ILE B 417 -9.56 -4.92 9.24
CA ILE B 417 -8.57 -5.95 9.43
C ILE B 417 -9.24 -7.29 9.72
N GLU B 418 -10.17 -7.29 10.68
CA GLU B 418 -10.81 -8.50 11.05
C GLU B 418 -11.75 -9.08 10.04
N ALA B 419 -12.41 -8.23 9.29
CA ALA B 419 -13.32 -8.68 8.22
C ALA B 419 -12.55 -9.04 6.95
N ASN B 420 -11.26 -8.79 6.89
CA ASN B 420 -10.45 -9.04 5.70
C ASN B 420 -10.95 -8.25 4.50
N ILE B 421 -11.20 -6.97 4.69
CA ILE B 421 -11.67 -6.08 3.68
C ILE B 421 -10.62 -4.96 3.42
N PRO B 422 -10.14 -4.76 2.21
CA PRO B 422 -9.24 -3.63 1.98
C PRO B 422 -9.80 -2.29 2.40
N MET B 423 -8.93 -1.49 2.92
CA MET B 423 -9.32 -0.19 3.44
C MET B 423 -8.38 0.92 3.01
N VAL B 424 -8.96 2.00 2.51
CA VAL B 424 -8.18 3.22 2.23
C VAL B 424 -8.48 4.24 3.31
N ARG B 425 -7.39 4.78 3.83
CA ARG B 425 -7.44 5.79 4.88
C ARG B 425 -7.68 7.18 4.37
N VAL B 426 -8.83 7.77 4.73
CA VAL B 426 -9.18 9.09 4.31
C VAL B 426 -9.69 9.85 5.56
N GLY B 427 -9.67 11.15 5.47
CA GLY B 427 -10.23 11.96 6.53
C GLY B 427 -9.28 12.00 7.73
N PHE B 428 -9.92 12.16 8.91
CA PHE B 428 -9.16 12.47 10.16
C PHE B 428 -9.59 11.51 11.27
N PRO B 429 -8.67 10.91 12.01
CA PRO B 429 -7.24 10.91 11.90
C PRO B 429 -6.76 9.65 11.12
N THR B 430 -5.68 9.84 10.35
CA THR B 430 -5.13 8.71 9.62
C THR B 430 -3.74 8.40 10.10
N PHE B 431 -3.66 7.90 11.33
CA PHE B 431 -2.40 7.67 12.05
C PHE B 431 -1.77 6.32 11.71
N ASP B 432 -2.48 5.35 11.09
CA ASP B 432 -1.92 4.03 10.94
C ASP B 432 -1.30 3.83 9.55
N ARG B 433 -1.06 4.89 8.81
CA ARG B 433 -0.23 4.80 7.59
C ARG B 433 0.60 6.06 7.61
N ALA B 434 1.68 6.04 6.81
CA ALA B 434 2.67 7.10 6.79
C ALA B 434 2.43 8.07 5.63
N GLY B 435 2.48 9.36 5.97
CA GLY B 435 2.53 10.42 4.99
C GLY B 435 1.21 10.85 4.38
N LEU B 436 0.07 10.34 4.82
CA LEU B 436 -1.17 10.63 4.16
C LEU B 436 -1.56 12.09 4.26
N TYR B 437 -1.15 12.77 5.31
CA TYR B 437 -1.37 14.18 5.48
C TYR B 437 -0.79 15.06 4.35
N ARG B 438 0.19 14.51 3.66
CA ARG B 438 0.87 15.27 2.60
C ARG B 438 0.28 14.99 1.24
N LYS B 439 -0.60 14.04 1.13
CA LYS B 439 -1.16 13.60 -0.16
C LYS B 439 -2.51 14.30 -0.34
N PRO B 440 -2.78 14.99 -1.43
CA PRO B 440 -4.09 15.54 -1.64
C PRO B 440 -5.13 14.47 -1.88
N SER B 441 -6.35 14.72 -1.41
CA SER B 441 -7.54 13.98 -1.69
C SER B 441 -8.55 14.70 -2.57
N ILE B 442 -8.57 16.05 -2.43
CA ILE B 442 -9.42 16.89 -3.24
C ILE B 442 -8.74 17.21 -4.58
N GLY B 443 -9.54 17.76 -5.49
CA GLY B 443 -9.02 18.18 -6.78
C GLY B 443 -8.75 17.01 -7.71
N TYR B 444 -8.13 17.35 -8.86
CA TYR B 444 -7.87 16.34 -9.90
C TYR B 444 -6.76 15.40 -9.42
N GLN B 445 -5.64 16.01 -9.00
CA GLN B 445 -4.56 15.17 -8.45
C GLN B 445 -5.06 14.35 -7.29
N GLY B 446 -5.89 14.90 -6.44
CA GLY B 446 -6.40 14.10 -5.32
C GLY B 446 -7.27 12.96 -5.76
N ALA B 447 -8.15 13.16 -6.75
CA ALA B 447 -8.94 12.08 -7.24
C ALA B 447 -8.09 10.90 -7.77
N MET B 448 -7.07 11.29 -8.52
CA MET B 448 -6.10 10.32 -9.01
C MET B 448 -5.41 9.57 -7.87
N GLU B 449 -4.93 10.32 -6.86
CA GLU B 449 -4.23 9.71 -5.78
C GLU B 449 -5.19 8.81 -4.99
N LEU B 450 -6.41 9.20 -4.79
CA LEU B 450 -7.38 8.32 -4.11
C LEU B 450 -7.66 7.04 -4.88
N GLY B 451 -7.91 7.22 -6.21
CA GLY B 451 -8.12 6.05 -7.00
C GLY B 451 -6.98 5.05 -7.02
N GLU B 452 -5.76 5.59 -7.08
CA GLU B 452 -4.62 4.71 -7.05
C GLU B 452 -4.42 4.07 -5.67
N MET B 453 -4.75 4.76 -4.60
CA MET B 453 -4.74 4.10 -3.29
C MET B 453 -5.71 3.00 -3.20
N ILE B 454 -6.87 3.18 -3.76
CA ILE B 454 -7.84 2.13 -3.78
C ILE B 454 -7.36 0.92 -4.56
N ALA B 455 -6.88 1.16 -5.78
CA ALA B 455 -6.37 0.03 -6.56
C ALA B 455 -5.26 -0.68 -5.86
N ASN B 456 -4.30 0.06 -5.35
CA ASN B 456 -3.14 -0.56 -4.72
C ASN B 456 -3.52 -1.35 -3.49
N ALA B 457 -4.53 -0.91 -2.73
CA ALA B 457 -5.04 -1.68 -1.61
C ALA B 457 -5.70 -2.95 -2.10
N MET B 458 -6.48 -2.88 -3.19
CA MET B 458 -7.05 -4.08 -3.76
C MET B 458 -5.99 -5.04 -4.27
N PHE B 459 -4.95 -4.50 -4.91
CA PHE B 459 -3.92 -5.33 -5.48
C PHE B 459 -3.19 -6.12 -4.38
N ALA B 460 -2.81 -5.44 -3.31
CA ALA B 460 -2.17 -6.13 -2.20
C ALA B 460 -3.10 -7.19 -1.65
N HIS B 461 -4.39 -6.89 -1.53
CA HIS B 461 -5.35 -7.86 -1.00
C HIS B 461 -5.44 -9.08 -1.88
N MET B 462 -5.41 -8.88 -3.23
CA MET B 462 -5.41 -10.03 -4.14
C MET B 462 -4.21 -10.88 -3.93
N GLU B 463 -3.05 -10.27 -3.70
CA GLU B 463 -1.85 -11.07 -3.44
C GLU B 463 -1.92 -11.82 -2.12
N TYR B 464 -2.26 -11.12 -1.03
CA TYR B 464 -2.29 -11.80 0.27
C TYR B 464 -3.31 -12.93 0.30
N THR B 465 -4.43 -12.77 -0.35
CA THR B 465 -5.49 -13.73 -0.38
C THR B 465 -5.46 -14.73 -1.54
N ARG B 466 -4.45 -14.54 -2.44
CA ARG B 466 -4.36 -15.39 -3.64
C ARG B 466 -5.63 -15.44 -4.46
N ASN B 467 -6.19 -14.27 -4.70
CA ASN B 467 -7.37 -14.08 -5.46
C ASN B 467 -7.05 -13.53 -6.84
N LYS B 468 -6.77 -14.45 -7.74
CA LYS B 468 -6.42 -14.11 -9.13
C LYS B 468 -5.25 -13.14 -9.18
N GLU B 469 -4.25 -13.42 -8.33
CA GLU B 469 -3.15 -12.46 -8.22
C GLU B 469 -2.30 -12.40 -9.50
N TRP B 470 -2.43 -13.41 -10.34
CA TRP B 470 -1.79 -13.48 -11.65
C TRP B 470 -2.32 -12.40 -12.62
N ILE B 471 -3.44 -11.74 -12.28
CA ILE B 471 -4.05 -10.85 -13.24
C ILE B 471 -3.41 -9.47 -13.26
N LEU B 472 -2.47 -9.21 -12.36
CA LEU B 472 -1.85 -7.88 -12.23
C LEU B 472 -0.71 -7.62 -13.18
N ASN B 473 -0.71 -8.27 -14.30
CA ASN B 473 0.37 -8.23 -15.27
C ASN B 473 0.11 -7.33 -16.47
N THR B 474 -1.05 -7.43 -17.13
CA THR B 474 -1.33 -6.80 -18.43
C THR B 474 -2.59 -6.00 -18.39
N TRP B 475 -2.96 -5.44 -17.25
CA TRP B 475 -4.02 -4.51 -17.10
C TRP B 475 -3.60 -3.21 -17.61
N MET C 1 36.05 2.56 60.34
CA MET C 1 35.44 3.56 61.28
C MET C 1 34.10 3.08 61.62
N SER C 2 33.68 3.00 62.92
CA SER C 2 32.16 2.70 63.18
C SER C 2 31.20 3.67 62.30
N GLN C 3 31.46 4.97 62.35
CA GLN C 3 30.70 6.00 61.44
C GLN C 3 30.83 5.80 59.92
N SER C 4 31.97 5.40 59.50
CA SER C 4 32.24 5.13 58.08
C SER C 4 31.42 3.90 57.72
N HIS C 5 31.43 2.81 58.52
CA HIS C 5 30.67 1.62 58.24
C HIS C 5 29.18 1.95 58.17
N LEU C 6 28.71 2.73 59.10
CA LEU C 6 27.30 3.12 59.13
C LEU C 6 26.96 3.93 57.84
N ASP C 7 27.87 4.80 57.49
CA ASP C 7 27.68 5.60 56.29
C ASP C 7 27.59 4.70 55.09
N ASP C 8 28.41 3.67 54.99
CA ASP C 8 28.34 2.72 53.92
C ASP C 8 26.98 2.01 53.83
N LEU C 9 26.50 1.56 54.95
CA LEU C 9 25.20 0.84 55.00
C LEU C 9 24.09 1.81 54.57
N PHE C 10 24.13 3.02 55.07
CA PHE C 10 23.07 3.96 54.85
C PHE C 10 23.06 4.29 53.31
N ALA C 11 24.24 4.52 52.74
CA ALA C 11 24.29 4.84 51.31
C ALA C 11 23.77 3.69 50.47
N TYR C 12 24.06 2.46 50.85
CA TYR C 12 23.53 1.30 50.21
C TYR C 12 22.04 1.24 50.20
N VAL C 13 21.42 1.40 51.35
CA VAL C 13 20.00 1.32 51.48
C VAL C 13 19.33 2.40 50.69
N GLU C 14 19.81 3.59 50.77
CA GLU C 14 19.19 4.76 50.13
C GLU C 14 19.14 4.51 48.61
N GLU C 15 20.27 4.05 48.03
CA GLU C 15 20.31 3.93 46.58
C GLU C 15 19.73 2.64 46.05
N ARG C 16 19.50 1.63 46.87
CA ARG C 16 19.03 0.35 46.41
C ARG C 16 17.65 -0.04 46.80
N CYS C 17 17.28 0.18 48.10
CA CYS C 17 16.12 -0.44 48.68
C CYS C 17 14.87 0.41 48.47
N LEU C 18 13.72 -0.28 48.52
CA LEU C 18 12.40 0.34 48.43
C LEU C 18 11.51 0.23 49.67
N TRP C 19 11.89 -0.68 50.56
CA TRP C 19 11.02 -0.98 51.72
C TRP C 19 10.97 0.15 52.67
N GLN C 20 11.95 1.02 52.71
CA GLN C 20 11.89 2.14 53.61
C GLN C 20 11.02 3.27 53.05
N PHE C 21 10.47 3.14 51.84
CA PHE C 21 9.67 4.16 51.20
C PHE C 21 8.22 3.73 50.97
N PHE C 22 7.69 2.87 51.83
CA PHE C 22 6.32 2.47 51.78
C PHE C 22 5.40 3.65 52.06
N SER C 23 4.10 3.48 51.91
CA SER C 23 3.21 4.57 51.73
C SER C 23 2.88 5.41 52.97
N ARG C 24 3.04 4.77 54.13
CA ARG C 24 2.62 5.39 55.43
C ARG C 24 3.74 5.18 56.43
N THR C 25 3.72 6.09 57.42
CA THR C 25 4.69 6.03 58.56
C THR C 25 4.75 4.65 59.23
N TRP C 26 3.60 4.06 59.51
CA TRP C 26 3.56 2.80 60.27
C TRP C 26 4.19 1.68 59.46
N ASP C 27 4.00 1.71 58.11
CA ASP C 27 4.62 0.67 57.29
C ASP C 27 6.13 0.89 57.14
N ARG C 28 6.60 2.14 57.03
CA ARG C 28 8.03 2.38 57.02
C ARG C 28 8.71 1.86 58.35
N GLU C 29 8.03 2.19 59.47
CA GLU C 29 8.55 1.76 60.76
C GLU C 29 8.61 0.25 60.79
N GLU C 30 7.56 -0.44 60.41
CA GLU C 30 7.53 -1.88 60.43
C GLU C 30 8.65 -2.50 59.64
N ASN C 31 8.82 -1.96 58.41
CA ASN C 31 9.83 -2.50 57.48
C ASN C 31 11.27 -2.21 57.95
N ILE C 32 11.52 -1.00 58.44
CA ILE C 32 12.83 -0.71 58.91
C ILE C 32 13.26 -1.71 60.04
N GLU C 33 12.35 -1.88 60.99
CA GLU C 33 12.61 -2.81 62.08
C GLU C 33 12.69 -4.23 61.57
N GLY C 34 11.74 -4.67 60.78
CA GLY C 34 11.63 -6.10 60.38
C GLY C 34 12.77 -6.56 59.50
N VAL C 35 13.06 -5.75 58.47
CA VAL C 35 14.13 -6.11 57.52
C VAL C 35 15.44 -6.05 58.25
N LEU C 36 15.70 -4.96 58.98
CA LEU C 36 17.08 -4.85 59.59
C LEU C 36 17.34 -5.83 60.70
N ASN C 37 16.30 -6.25 61.38
CA ASN C 37 16.56 -7.36 62.33
C ASN C 37 16.97 -8.64 61.62
N GLN C 38 16.34 -8.98 60.48
N GLN C 38 16.34 -8.99 60.48
CA GLN C 38 16.77 -10.14 59.74
CA GLN C 38 16.78 -10.16 59.76
C GLN C 38 18.20 -9.97 59.14
C GLN C 38 18.18 -9.98 59.13
N VAL C 39 18.49 -8.74 58.68
CA VAL C 39 19.85 -8.48 58.15
C VAL C 39 20.88 -8.77 59.25
N GLY C 40 20.59 -8.37 60.47
CA GLY C 40 21.51 -8.62 61.61
C GLY C 40 21.71 -10.11 61.83
N ARG C 41 20.65 -10.88 61.80
CA ARG C 41 20.76 -12.30 61.91
C ARG C 41 21.62 -12.92 60.82
N LEU C 42 21.32 -12.51 59.58
CA LEU C 42 22.03 -13.08 58.47
C LEU C 42 23.51 -12.71 58.48
N LEU C 43 23.86 -11.48 58.87
CA LEU C 43 25.27 -11.06 58.87
C LEU C 43 26.04 -11.64 60.09
N THR C 44 25.35 -12.28 61.00
CA THR C 44 26.00 -12.84 62.16
C THR C 44 25.84 -14.31 62.34
N GLY C 45 25.36 -14.96 61.29
CA GLY C 45 25.23 -16.41 61.23
C GLY C 45 24.12 -17.00 62.03
N GLN C 46 23.12 -16.19 62.41
CA GLN C 46 21.98 -16.68 63.16
C GLN C 46 20.90 -17.20 62.26
N GLU C 47 20.04 -18.02 62.81
CA GLU C 47 18.92 -18.60 61.98
C GLU C 47 17.91 -17.50 61.73
N PRO C 48 17.56 -17.29 60.48
CA PRO C 48 16.54 -16.27 60.17
C PRO C 48 15.17 -16.72 60.60
N LEU C 49 14.30 -15.76 60.88
CA LEU C 49 12.90 -16.08 61.21
C LEU C 49 12.15 -16.25 59.90
N ARG C 50 11.44 -17.36 59.75
CA ARG C 50 10.75 -17.72 58.48
C ARG C 50 9.46 -18.40 58.75
N GLY C 51 8.80 -17.97 59.79
CA GLY C 51 7.54 -18.64 60.29
C GLY C 51 6.32 -18.07 59.52
N THR C 52 6.05 -16.84 59.84
CA THR C 52 4.83 -16.25 59.32
C THR C 52 5.11 -15.63 57.91
N PRO C 53 4.07 -15.36 57.15
CA PRO C 53 4.29 -14.73 55.83
C PRO C 53 5.00 -13.43 55.96
N GLN C 54 4.70 -12.60 56.93
CA GLN C 54 5.46 -11.37 57.03
C GLN C 54 6.92 -11.53 57.41
N GLU C 55 7.23 -12.50 58.33
CA GLU C 55 8.62 -12.78 58.58
C GLU C 55 9.38 -13.27 57.34
N ARG C 56 8.68 -14.13 56.57
CA ARG C 56 9.29 -14.61 55.33
C ARG C 56 9.57 -13.47 54.34
N LEU C 57 8.71 -12.50 54.30
CA LEU C 57 9.00 -11.35 53.45
C LEU C 57 10.10 -10.48 53.96
N PHE C 58 10.15 -10.27 55.29
CA PHE C 58 11.32 -9.53 55.78
C PHE C 58 12.61 -10.31 55.52
N TYR C 59 12.59 -11.64 55.58
CA TYR C 59 13.78 -12.43 55.27
C TYR C 59 14.21 -12.20 53.79
N ALA C 60 13.23 -12.18 52.89
CA ALA C 60 13.53 -12.06 51.48
C ALA C 60 14.18 -10.73 51.22
N ASP C 61 13.63 -9.64 51.75
CA ASP C 61 14.29 -8.34 51.57
C ASP C 61 15.66 -8.24 52.26
N ALA C 62 15.77 -8.85 53.48
CA ALA C 62 17.00 -8.84 54.17
C ALA C 62 18.10 -9.58 53.49
N LEU C 63 17.74 -10.70 52.85
CA LEU C 63 18.75 -11.54 52.20
C LEU C 63 19.46 -10.83 51.11
N ALA C 64 18.70 -10.06 50.31
CA ALA C 64 19.35 -9.23 49.29
C ALA C 64 20.28 -8.27 49.85
N MET C 65 19.87 -7.56 50.91
CA MET C 65 20.79 -6.61 51.50
C MET C 65 22.02 -7.27 52.14
N ALA C 66 21.79 -8.35 52.89
CA ALA C 66 22.94 -8.97 53.55
C ALA C 66 23.94 -9.49 52.52
N ASN C 67 23.45 -10.07 51.42
CA ASN C 67 24.37 -10.59 50.41
C ASN C 67 25.09 -9.45 49.80
N ASP C 68 24.39 -8.36 49.48
CA ASP C 68 25.02 -7.17 48.86
C ASP C 68 26.06 -6.50 49.77
N VAL C 69 25.75 -6.42 51.05
CA VAL C 69 26.69 -5.76 52.01
C VAL C 69 27.98 -6.65 52.10
N ARG C 70 27.81 -7.95 52.12
CA ARG C 70 28.98 -8.83 52.23
C ARG C 70 29.82 -8.72 50.98
N GLU C 71 29.16 -8.58 49.83
CA GLU C 71 29.87 -8.43 48.55
C GLU C 71 30.57 -7.10 48.49
N ARG C 72 29.95 -6.01 48.83
CA ARG C 72 30.45 -4.67 48.63
C ARG C 72 31.50 -4.21 49.67
N PHE C 73 31.33 -4.64 50.92
CA PHE C 73 32.07 -4.08 52.01
C PHE C 73 32.89 -5.11 52.81
N PRO C 74 34.20 -5.14 52.55
CA PRO C 74 35.04 -6.19 53.23
C PRO C 74 34.94 -6.14 54.76
N TRP C 75 34.80 -4.92 55.28
CA TRP C 75 34.59 -4.77 56.77
C TRP C 75 33.44 -5.63 57.28
N ALA C 76 32.37 -5.87 56.51
CA ALA C 76 31.23 -6.55 57.10
C ALA C 76 31.52 -8.04 57.47
N SER C 77 32.61 -8.58 56.97
CA SER C 77 33.02 -10.00 57.33
C SER C 77 34.17 -9.95 58.38
N GLN C 78 34.65 -8.78 58.73
CA GLN C 78 35.71 -8.61 59.69
C GLN C 78 35.16 -8.12 61.05
N VAL C 79 34.12 -7.36 61.15
CA VAL C 79 33.64 -6.89 62.42
C VAL C 79 32.90 -7.97 63.19
N ASN C 80 32.76 -7.76 64.50
CA ASN C 80 32.15 -8.85 65.28
C ASN C 80 30.62 -8.67 65.40
N LYS C 81 30.00 -9.65 66.00
CA LYS C 81 28.52 -9.67 66.10
C LYS C 81 28.00 -8.43 66.79
N GLU C 82 28.61 -7.98 67.88
CA GLU C 82 28.15 -6.84 68.60
C GLU C 82 28.24 -5.59 67.77
N GLU C 83 29.28 -5.49 66.98
CA GLU C 83 29.51 -4.33 66.12
C GLU C 83 28.44 -4.27 65.01
N ILE C 84 28.13 -5.44 64.44
CA ILE C 84 27.01 -5.48 63.44
C ILE C 84 25.70 -4.99 64.06
N GLU C 85 25.41 -5.57 65.26
CA GLU C 85 24.20 -5.12 65.96
C GLU C 85 24.16 -3.62 66.16
N PHE C 86 25.26 -3.04 66.62
CA PHE C 86 25.33 -1.65 66.92
C PHE C 86 25.11 -0.81 65.65
N LEU C 87 25.76 -1.26 64.59
CA LEU C 87 25.61 -0.58 63.32
C LEU C 87 24.15 -0.59 62.84
N LEU C 88 23.51 -1.74 62.93
CA LEU C 88 22.13 -1.87 62.43
C LEU C 88 21.22 -1.05 63.30
N ASP C 89 21.50 -0.96 64.60
CA ASP C 89 20.68 -0.08 65.42
C ASP C 89 20.81 1.42 64.99
N GLY C 90 22.03 1.82 64.70
CA GLY C 90 22.27 3.14 64.20
C GLY C 90 21.58 3.38 62.83
N LEU C 91 21.61 2.33 62.02
CA LEU C 91 20.98 2.42 60.70
C LEU C 91 19.45 2.56 60.85
N LYS C 92 18.83 1.79 61.71
CA LYS C 92 17.42 2.00 62.00
C LYS C 92 17.11 3.44 62.34
N SER C 93 17.93 4.00 63.25
CA SER C 93 17.66 5.31 63.70
C SER C 93 17.76 6.35 62.54
N ARG C 94 18.82 6.19 61.74
CA ARG C 94 19.02 7.09 60.63
C ARG C 94 17.92 7.00 59.57
N LEU C 95 17.45 5.78 59.32
CA LEU C 95 16.34 5.56 58.34
C LEU C 95 15.06 6.15 58.87
N VAL C 96 14.74 5.96 60.15
CA VAL C 96 13.59 6.63 60.70
C VAL C 96 13.73 8.13 60.59
N ASP C 97 14.88 8.69 60.87
CA ASP C 97 15.04 10.08 60.79
C ASP C 97 14.74 10.66 59.38
N VAL C 98 15.29 10.03 58.35
CA VAL C 98 15.23 10.57 56.99
C VAL C 98 13.94 10.20 56.26
N THR C 99 13.34 9.05 56.57
CA THR C 99 12.14 8.57 55.89
C THR C 99 10.87 8.92 56.62
N ILE C 100 10.98 9.28 57.90
CA ILE C 100 9.80 9.56 58.72
C ILE C 100 9.95 10.92 59.37
N THR C 101 10.87 11.10 60.32
CA THR C 101 10.85 12.30 61.15
C THR C 101 10.96 13.56 60.38
N ARG C 102 11.94 13.55 59.46
CA ARG C 102 12.24 14.74 58.69
C ARG C 102 11.77 14.70 57.22
N SER C 103 11.01 13.64 56.92
CA SER C 103 10.41 13.64 55.55
C SER C 103 9.24 14.66 55.50
N THR C 104 9.20 15.47 54.43
CA THR C 104 8.13 16.34 54.20
C THR C 104 7.02 15.68 53.36
N ASN C 105 7.05 14.40 53.15
CA ASN C 105 5.98 13.70 52.44
C ASN C 105 4.69 13.83 53.19
N ARG C 106 3.75 14.61 52.69
CA ARG C 106 2.63 14.97 53.46
C ARG C 106 1.56 13.87 53.57
N GLU C 107 1.71 12.75 52.89
CA GLU C 107 0.74 11.63 53.00
C GLU C 107 1.07 10.61 54.06
N LEU C 108 2.23 10.75 54.70
CA LEU C 108 2.74 9.65 55.54
C LEU C 108 1.80 9.30 56.70
N ASN C 109 1.08 10.24 57.22
CA ASN C 109 0.20 10.00 58.34
C ASN C 109 -1.23 9.97 58.02
N HIS C 110 -1.59 9.95 56.73
CA HIS C 110 -2.98 9.79 56.40
C HIS C 110 -3.59 8.46 56.79
N HIS C 111 -4.65 8.49 57.64
CA HIS C 111 -5.15 7.26 58.19
C HIS C 111 -5.63 6.29 57.23
N LEU C 112 -6.20 6.72 56.12
CA LEU C 112 -6.71 5.78 55.09
C LEU C 112 -5.68 5.64 53.98
N TYR C 113 -5.57 4.44 53.49
CA TYR C 113 -4.72 4.17 52.31
C TYR C 113 -5.30 4.78 51.01
N PRO D 2 -16.17 -4.14 -51.52
CA PRO D 2 -14.95 -4.10 -52.42
C PRO D 2 -13.70 -4.15 -51.56
N MET D 3 -12.55 -4.31 -52.16
CA MET D 3 -11.27 -4.18 -51.47
C MET D 3 -10.99 -2.67 -51.24
N VAL D 4 -10.27 -2.30 -50.20
CA VAL D 4 -10.13 -0.92 -49.87
C VAL D 4 -8.71 -0.46 -49.76
N LEU D 5 -8.39 0.61 -50.48
CA LEU D 5 -7.16 1.32 -50.37
C LEU D 5 -7.35 2.52 -49.39
N LEU D 6 -6.91 2.32 -48.11
CA LEU D 6 -7.04 3.37 -47.12
C LEU D 6 -6.02 4.49 -47.46
N GLU D 7 -6.37 5.71 -47.08
CA GLU D 7 -5.48 6.86 -47.31
C GLU D 7 -4.12 6.70 -46.77
N CYS D 8 -3.99 6.10 -45.56
CA CYS D 8 -2.72 5.95 -44.92
C CYS D 8 -1.90 4.86 -45.63
N ASP D 9 -2.48 4.14 -46.60
CA ASP D 9 -1.79 3.11 -47.32
C ASP D 9 -1.49 3.52 -48.79
N LYS D 10 -1.66 4.79 -49.12
CA LYS D 10 -1.38 5.20 -50.48
C LYS D 10 0.03 4.87 -50.92
N ASP D 11 1.01 4.87 -50.05
CA ASP D 11 2.38 4.48 -50.38
C ASP D 11 2.73 3.07 -50.16
N ILE D 12 1.77 2.27 -49.65
CA ILE D 12 1.91 0.79 -49.57
C ILE D 12 0.66 0.21 -50.11
N PRO D 13 0.40 0.47 -51.44
CA PRO D 13 -0.89 0.14 -52.03
C PRO D 13 -1.19 -1.38 -52.11
N GLU D 14 -0.15 -2.20 -51.94
CA GLU D 14 -0.28 -3.65 -51.75
C GLU D 14 -1.18 -3.99 -50.57
N ARG D 15 -1.46 -3.06 -49.65
CA ARG D 15 -2.41 -3.34 -48.59
C ARG D 15 -3.83 -3.46 -49.01
N GLN D 16 -4.20 -2.93 -50.18
CA GLN D 16 -5.58 -3.03 -50.64
C GLN D 16 -6.08 -4.46 -50.69
N LYS D 17 -5.19 -5.38 -51.11
CA LYS D 17 -5.61 -6.77 -51.23
C LYS D 17 -5.77 -7.49 -49.86
N HIS D 18 -5.55 -6.76 -48.76
CA HIS D 18 -5.69 -7.26 -47.41
C HIS D 18 -6.88 -6.71 -46.68
N ILE D 19 -7.65 -5.81 -47.31
CA ILE D 19 -8.74 -5.14 -46.62
C ILE D 19 -10.00 -5.21 -47.39
N TYR D 20 -11.02 -5.86 -46.90
CA TYR D 20 -12.30 -6.06 -47.52
C TYR D 20 -13.39 -5.31 -46.80
N LEU D 21 -14.18 -4.49 -47.52
CA LEU D 21 -15.40 -3.89 -47.02
C LEU D 21 -16.53 -4.63 -47.64
N LYS D 22 -17.26 -5.42 -46.86
CA LYS D 22 -18.31 -6.22 -47.44
C LYS D 22 -19.50 -5.38 -47.87
N ALA D 23 -19.92 -5.59 -49.11
CA ALA D 23 -21.01 -4.78 -49.65
C ALA D 23 -22.10 -5.70 -50.19
N PRO D 24 -23.31 -5.11 -50.33
CA PRO D 24 -24.43 -5.93 -50.80
C PRO D 24 -24.19 -6.55 -52.17
N ASN D 25 -24.69 -7.78 -52.26
CA ASN D 25 -24.74 -8.50 -53.50
C ASN D 25 -23.40 -9.00 -53.97
N GLU D 26 -22.33 -8.78 -53.24
CA GLU D 26 -21.01 -9.25 -53.76
C GLU D 26 -20.89 -10.73 -53.65
N ASP D 27 -20.18 -11.33 -54.58
CA ASP D 27 -19.71 -12.72 -54.39
C ASP D 27 -18.45 -12.68 -53.58
N THR D 28 -18.55 -13.04 -52.30
CA THR D 28 -17.39 -12.89 -51.41
C THR D 28 -16.21 -13.68 -51.83
N ARG D 29 -16.41 -14.72 -52.68
CA ARG D 29 -15.25 -15.45 -53.17
C ARG D 29 -14.32 -14.69 -54.04
N GLU D 30 -14.80 -13.52 -54.52
CA GLU D 30 -13.92 -12.63 -55.27
C GLU D 30 -13.13 -11.62 -54.51
N PHE D 31 -13.39 -11.62 -53.19
CA PHE D 31 -12.91 -10.56 -52.27
C PHE D 31 -12.24 -11.14 -51.02
N LEU D 32 -11.66 -12.31 -51.11
CA LEU D 32 -11.06 -12.89 -49.90
C LEU D 32 -9.67 -12.23 -49.66
N PRO D 33 -9.44 -11.60 -48.52
CA PRO D 33 -8.12 -10.97 -48.26
C PRO D 33 -7.03 -12.01 -48.39
N ILE D 34 -5.91 -11.56 -48.98
CA ILE D 34 -4.71 -12.31 -48.92
C ILE D 34 -4.42 -12.39 -47.38
N ALA D 35 -4.03 -13.49 -46.95
CA ALA D 35 -3.66 -13.60 -45.55
C ALA D 35 -2.45 -14.51 -45.43
N ASN D 36 -1.77 -14.46 -44.28
CA ASN D 36 -0.62 -15.32 -44.03
C ASN D 36 0.50 -15.13 -45.03
N ALA D 37 0.63 -13.88 -45.49
CA ALA D 37 1.72 -13.48 -46.38
C ALA D 37 2.78 -12.70 -45.62
N ALA D 38 3.88 -12.36 -46.29
CA ALA D 38 4.97 -11.58 -45.62
C ALA D 38 4.47 -10.23 -45.09
N THR D 39 5.06 -9.83 -43.98
CA THR D 39 4.76 -8.54 -43.43
C THR D 39 5.53 -7.43 -44.21
N ILE D 40 4.94 -6.25 -44.33
CA ILE D 40 5.72 -5.11 -44.89
C ILE D 40 6.55 -4.49 -43.78
N PRO D 41 7.84 -4.35 -43.96
CA PRO D 41 8.68 -3.73 -42.97
C PRO D 41 8.26 -2.30 -42.68
N GLY D 42 8.41 -1.89 -41.42
CA GLY D 42 8.23 -0.51 -41.08
C GLY D 42 6.81 -0.02 -40.89
N THR D 43 5.84 -0.95 -40.91
CA THR D 43 4.46 -0.57 -40.88
C THR D 43 3.86 -0.43 -39.50
N LEU D 44 4.51 -0.93 -38.44
CA LEU D 44 3.82 -1.10 -37.15
C LEU D 44 2.63 -2.03 -37.33
N SER D 45 2.86 -3.13 -38.07
CA SER D 45 2.06 -4.33 -37.99
C SER D 45 1.99 -4.79 -36.53
N GLU D 46 0.91 -5.47 -36.17
CA GLU D 46 0.74 -6.06 -34.86
C GLU D 46 1.42 -7.38 -34.68
N ARG D 47 2.03 -7.95 -35.68
CA ARG D 47 2.52 -9.28 -35.65
C ARG D 47 3.65 -9.49 -34.69
N GLY D 48 3.73 -10.71 -34.16
CA GLY D 48 4.83 -11.19 -33.41
C GLY D 48 5.58 -12.34 -34.15
N CYS D 49 6.29 -13.17 -33.42
CA CYS D 49 7.18 -14.12 -34.05
C CYS D 49 6.78 -15.60 -33.88
N ALA D 50 7.44 -16.48 -34.61
CA ALA D 50 7.08 -17.88 -34.58
C ALA D 50 7.36 -18.48 -33.20
N PHE D 51 8.44 -18.08 -32.55
CA PHE D 51 8.76 -18.59 -31.27
C PHE D 51 7.64 -18.27 -30.31
N CYS D 52 7.06 -17.09 -30.40
CA CYS D 52 5.93 -16.75 -29.57
C CYS D 52 4.81 -17.79 -29.69
N GLY D 53 4.49 -18.14 -30.91
CA GLY D 53 3.41 -19.05 -31.15
C GLY D 53 3.66 -20.43 -30.51
N ALA D 54 4.86 -20.89 -30.49
CA ALA D 54 5.22 -22.15 -29.87
C ALA D 54 5.25 -22.04 -28.36
N LYS D 55 6.07 -21.17 -27.79
CA LYS D 55 6.30 -21.19 -26.37
C LYS D 55 5.25 -20.44 -25.58
N LEU D 56 4.95 -19.18 -25.98
CA LEU D 56 4.04 -18.38 -25.17
C LEU D 56 2.63 -18.92 -25.29
N VAL D 57 2.21 -19.24 -26.52
CA VAL D 57 0.82 -19.52 -26.73
C VAL D 57 0.41 -20.97 -26.42
N ILE D 58 1.24 -21.92 -26.76
CA ILE D 58 0.85 -23.32 -26.64
C ILE D 58 1.65 -24.04 -25.54
N GLY D 59 2.95 -24.14 -25.70
CA GLY D 59 3.74 -25.00 -24.82
C GLY D 59 3.73 -24.48 -23.39
N GLY D 60 3.86 -23.18 -23.22
CA GLY D 60 3.99 -22.56 -21.94
C GLY D 60 2.79 -22.60 -21.04
N VAL D 61 1.67 -23.07 -21.58
CA VAL D 61 0.42 -23.16 -20.84
C VAL D 61 0.52 -24.37 -19.83
N LEU D 62 1.36 -25.36 -20.15
CA LEU D 62 1.44 -26.59 -19.39
C LEU D 62 1.89 -26.34 -17.98
N LYS D 63 1.35 -27.11 -17.00
CA LYS D 63 1.55 -26.76 -15.55
C LYS D 63 2.77 -27.35 -14.97
N ASP D 64 3.43 -28.31 -15.59
CA ASP D 64 4.41 -29.18 -14.96
C ASP D 64 5.67 -29.33 -15.77
N THR D 65 5.97 -28.32 -16.63
CA THR D 65 6.98 -28.43 -17.64
C THR D 65 7.94 -27.23 -17.63
N ILE D 66 9.24 -27.51 -17.64
CA ILE D 66 10.24 -26.45 -17.82
C ILE D 66 10.18 -25.98 -19.26
N GLN D 67 10.21 -24.65 -19.42
CA GLN D 67 10.15 -24.00 -20.75
C GLN D 67 11.56 -23.42 -21.05
N MET D 68 12.41 -24.25 -21.61
CA MET D 68 13.81 -23.93 -21.81
C MET D 68 14.02 -23.24 -23.14
N ILE D 69 14.28 -21.92 -23.04
CA ILE D 69 14.42 -21.13 -24.28
C ILE D 69 15.89 -20.99 -24.62
N HIS D 70 16.29 -21.71 -25.68
CA HIS D 70 17.68 -21.75 -26.08
C HIS D 70 17.99 -20.53 -26.95
N GLY D 71 18.62 -19.55 -26.35
CA GLY D 71 18.88 -18.27 -26.95
C GLY D 71 19.36 -17.29 -25.95
N PRO D 72 19.56 -16.05 -26.34
CA PRO D 72 19.90 -15.00 -25.45
C PRO D 72 18.68 -14.66 -24.51
N LEU D 73 18.96 -13.91 -23.47
CA LEU D 73 17.96 -13.83 -22.39
C LEU D 73 16.71 -13.10 -22.74
N GLY D 74 16.70 -12.27 -23.79
CA GLY D 74 15.53 -11.46 -24.07
C GLY D 74 14.28 -12.26 -24.43
N CYS D 75 14.46 -13.30 -25.23
CA CYS D 75 13.33 -14.08 -25.64
C CYS D 75 12.56 -14.66 -24.45
N ALA D 76 13.35 -15.03 -23.41
CA ALA D 76 12.75 -15.51 -22.14
C ALA D 76 12.10 -14.39 -21.37
N TYR D 77 12.82 -13.28 -21.11
CA TYR D 77 12.24 -12.17 -20.42
C TYR D 77 10.93 -11.76 -21.01
N ASP D 78 10.90 -11.70 -22.34
CA ASP D 78 9.79 -11.18 -23.10
C ASP D 78 8.54 -12.01 -23.05
N THR D 79 8.64 -13.28 -22.62
CA THR D 79 7.54 -14.22 -22.58
C THR D 79 7.18 -14.62 -21.15
N TRP D 80 7.40 -13.70 -20.23
CA TRP D 80 7.24 -13.98 -18.79
C TRP D 80 6.55 -12.78 -18.18
N HIS D 81 5.48 -13.05 -17.39
CA HIS D 81 4.59 -12.03 -16.84
C HIS D 81 3.70 -11.38 -17.88
N THR D 82 3.34 -12.11 -18.92
CA THR D 82 2.56 -11.54 -20.00
C THR D 82 1.32 -12.31 -20.32
N LYS D 83 1.05 -13.47 -19.74
CA LYS D 83 -0.06 -14.37 -20.06
C LYS D 83 -0.93 -14.57 -18.81
N ARG D 84 -2.20 -14.93 -19.04
CA ARG D 84 -3.13 -15.19 -17.97
C ARG D 84 -3.75 -16.59 -18.13
N TYR D 85 -2.96 -17.61 -17.88
CA TYR D 85 -3.44 -19.01 -18.01
C TYR D 85 -3.10 -19.66 -16.65
N PRO D 86 -4.03 -19.52 -15.69
CA PRO D 86 -3.84 -20.18 -14.39
C PRO D 86 -3.79 -21.70 -14.50
N THR D 87 -3.30 -22.28 -13.39
CA THR D 87 -3.39 -23.71 -13.27
C THR D 87 -3.97 -24.03 -11.90
N ASP D 88 -4.13 -25.33 -11.70
CA ASP D 88 -4.55 -25.84 -10.34
C ASP D 88 -3.36 -26.36 -9.57
N ASN D 89 -2.13 -25.93 -9.87
CA ASN D 89 -0.97 -26.30 -9.08
C ASN D 89 -0.19 -25.10 -8.64
N GLY D 90 -0.83 -23.93 -8.49
CA GLY D 90 -0.12 -22.74 -8.07
C GLY D 90 0.58 -21.94 -9.16
N HIS D 91 0.14 -22.12 -10.40
CA HIS D 91 0.57 -21.30 -11.50
C HIS D 91 2.03 -21.39 -11.77
N PHE D 92 2.61 -22.61 -11.67
CA PHE D 92 3.98 -22.83 -11.99
C PHE D 92 4.40 -22.25 -13.34
N ASN D 93 3.53 -22.42 -14.31
CA ASN D 93 3.74 -21.95 -15.66
C ASN D 93 3.90 -20.42 -15.76
N MET D 94 3.33 -19.64 -14.93
CA MET D 94 3.43 -18.18 -15.00
C MET D 94 4.57 -17.68 -14.10
N LYS D 95 5.00 -18.44 -13.11
CA LYS D 95 5.97 -17.99 -12.17
C LYS D 95 7.43 -18.05 -12.74
N TYR D 96 7.70 -18.89 -13.71
CA TYR D 96 9.08 -19.15 -14.11
C TYR D 96 9.22 -19.06 -15.60
N VAL D 97 10.44 -18.70 -16.00
CA VAL D 97 10.92 -18.84 -17.39
C VAL D 97 12.41 -19.18 -17.33
N TRP D 98 12.90 -19.88 -18.36
CA TRP D 98 14.25 -20.40 -18.38
C TRP D 98 14.91 -19.95 -19.70
N SER D 99 16.20 -19.58 -19.57
CA SER D 99 17.01 -19.24 -20.71
C SER D 99 18.32 -19.96 -20.64
N THR D 100 18.95 -20.22 -21.82
CA THR D 100 20.31 -20.72 -21.85
C THR D 100 21.30 -19.54 -21.82
N ASP D 101 20.84 -18.31 -21.78
CA ASP D 101 21.71 -17.12 -21.62
C ASP D 101 22.88 -17.15 -22.61
N MET D 102 22.53 -17.34 -23.89
N MET D 102 22.52 -17.33 -23.90
CA MET D 102 23.53 -17.38 -24.94
CA MET D 102 23.54 -17.38 -24.95
C MET D 102 24.40 -16.15 -24.90
C MET D 102 24.40 -16.16 -24.92
N LYS D 103 25.69 -16.39 -25.05
CA LYS D 103 26.67 -15.33 -25.10
C LYS D 103 27.42 -15.37 -26.44
N GLU D 104 28.30 -14.35 -26.66
CA GLU D 104 29.02 -14.33 -27.94
C GLU D 104 29.84 -15.59 -28.22
N SER D 105 30.50 -16.13 -27.19
CA SER D 105 31.26 -17.29 -27.45
C SER D 105 30.40 -18.49 -27.99
N HIS D 106 29.14 -18.53 -27.57
CA HIS D 106 28.26 -19.55 -28.07
C HIS D 106 27.87 -19.35 -29.48
N VAL D 107 27.70 -18.08 -29.87
CA VAL D 107 27.48 -17.81 -31.30
C VAL D 107 28.64 -18.22 -32.15
N VAL D 108 29.83 -18.01 -31.66
CA VAL D 108 30.99 -18.28 -32.49
C VAL D 108 31.33 -19.78 -32.50
N PHE D 109 31.29 -20.45 -31.34
CA PHE D 109 31.74 -21.82 -31.25
C PHE D 109 30.63 -22.85 -31.03
N GLY D 110 29.39 -22.40 -30.84
CA GLY D 110 28.27 -23.29 -30.70
C GLY D 110 27.69 -23.24 -29.29
N GLY D 111 26.40 -23.50 -29.24
CA GLY D 111 25.63 -23.42 -28.00
C GLY D 111 25.14 -24.75 -27.42
N GLU D 112 25.55 -25.84 -28.00
CA GLU D 112 24.96 -27.14 -27.56
C GLU D 112 25.37 -27.47 -26.14
N LYS D 113 26.62 -27.23 -25.74
CA LYS D 113 26.99 -27.52 -24.37
C LYS D 113 26.40 -26.57 -23.40
N ARG D 114 26.20 -25.29 -23.80
CA ARG D 114 25.54 -24.36 -22.96
C ARG D 114 24.08 -24.77 -22.68
N LEU D 115 23.43 -25.27 -23.71
CA LEU D 115 22.07 -25.80 -23.54
C LEU D 115 22.09 -27.01 -22.63
N GLU D 116 22.99 -27.97 -22.89
CA GLU D 116 23.02 -29.21 -22.07
C GLU D 116 23.19 -28.81 -20.61
N LYS D 117 24.13 -27.95 -20.28
CA LYS D 117 24.37 -27.56 -18.94
C LYS D 117 23.14 -26.88 -18.33
N SER D 118 22.50 -25.98 -19.05
CA SER D 118 21.31 -25.29 -18.57
C SER D 118 20.20 -26.30 -18.30
N MET D 119 20.07 -27.33 -19.11
CA MET D 119 19.01 -28.34 -18.89
C MET D 119 19.25 -29.10 -17.58
N HIS D 120 20.51 -29.55 -17.40
CA HIS D 120 20.80 -30.19 -16.16
C HIS D 120 20.56 -29.30 -14.98
N GLU D 121 21.00 -28.05 -15.05
CA GLU D 121 20.78 -27.13 -14.02
C GLU D 121 19.31 -26.98 -13.64
N ALA D 122 18.47 -26.85 -14.66
CA ALA D 122 17.04 -26.61 -14.42
C ALA D 122 16.43 -27.84 -13.69
N PHE D 123 16.79 -29.03 -14.16
CA PHE D 123 16.31 -30.24 -13.47
C PHE D 123 16.86 -30.36 -12.05
N ASP D 124 18.10 -29.95 -11.85
CA ASP D 124 18.68 -29.99 -10.51
C ASP D 124 18.05 -29.01 -9.57
N GLU D 125 17.72 -27.82 -10.06
CA GLU D 125 17.13 -26.76 -9.24
C GLU D 125 15.74 -27.08 -8.77
N MET D 126 15.00 -27.81 -9.59
CA MET D 126 13.60 -28.16 -9.33
C MET D 126 13.40 -29.70 -9.54
N PRO D 127 13.85 -30.47 -8.52
CA PRO D 127 13.88 -31.93 -8.66
C PRO D 127 12.51 -32.57 -8.81
N ASP D 128 11.44 -31.88 -8.47
CA ASP D 128 10.12 -32.43 -8.70
C ASP D 128 9.60 -32.26 -10.07
N ILE D 129 10.28 -31.48 -10.93
CA ILE D 129 9.82 -31.25 -12.28
C ILE D 129 10.58 -32.17 -13.19
N LYS D 130 9.84 -32.94 -14.00
CA LYS D 130 10.47 -34.01 -14.77
C LYS D 130 10.27 -33.94 -16.26
N ARG D 131 9.76 -32.77 -16.72
CA ARG D 131 9.38 -32.59 -18.11
C ARG D 131 9.87 -31.25 -18.59
N MET D 132 10.19 -31.20 -19.88
CA MET D 132 10.76 -29.95 -20.44
C MET D 132 10.49 -29.90 -21.90
N ILE D 133 10.28 -28.63 -22.37
CA ILE D 133 10.28 -28.32 -23.79
C ILE D 133 11.42 -27.34 -24.03
N VAL D 134 12.22 -27.67 -25.03
CA VAL D 134 13.30 -26.81 -25.46
C VAL D 134 12.94 -26.16 -26.79
N TYR D 135 13.06 -24.83 -26.85
CA TYR D 135 12.73 -24.05 -28.02
C TYR D 135 14.00 -23.40 -28.56
N THR D 136 14.16 -23.41 -29.91
CA THR D 136 15.15 -22.55 -30.49
C THR D 136 14.60 -21.13 -30.67
N THR D 137 15.52 -20.19 -30.83
CA THR D 137 15.23 -18.79 -31.09
C THR D 137 16.10 -18.35 -32.28
N CYS D 138 15.95 -17.09 -32.71
CA CYS D 138 16.66 -16.63 -33.89
C CYS D 138 18.11 -17.11 -33.96
N PRO D 139 19.00 -16.84 -32.96
CA PRO D 139 20.42 -17.07 -33.20
C PRO D 139 20.84 -18.53 -33.06
N THR D 140 20.10 -19.32 -32.24
CA THR D 140 20.42 -20.70 -32.09
C THR D 140 19.98 -21.47 -33.28
N ALA D 141 18.96 -21.04 -34.01
CA ALA D 141 18.64 -21.58 -35.33
C ALA D 141 19.75 -21.23 -36.33
N LEU D 142 20.16 -19.96 -36.33
CA LEU D 142 21.11 -19.54 -37.34
C LEU D 142 22.42 -20.30 -37.23
N ILE D 143 22.89 -20.59 -36.02
CA ILE D 143 24.17 -21.30 -35.88
C ILE D 143 24.04 -22.77 -35.96
N GLY D 144 22.82 -23.28 -36.07
CA GLY D 144 22.71 -24.73 -36.34
C GLY D 144 22.85 -25.64 -35.15
N ASP D 145 22.61 -25.15 -33.91
CA ASP D 145 22.63 -26.05 -32.75
C ASP D 145 21.63 -27.16 -32.92
N ASP D 146 22.01 -28.34 -32.61
CA ASP D 146 21.12 -29.50 -32.72
C ASP D 146 20.47 -29.86 -31.42
N ILE D 147 19.37 -29.20 -31.13
CA ILE D 147 18.75 -29.32 -29.82
C ILE D 147 18.10 -30.69 -29.62
N LYS D 148 17.67 -31.34 -30.70
CA LYS D 148 17.13 -32.71 -30.53
C LYS D 148 18.24 -33.65 -30.02
N ALA D 149 19.44 -33.53 -30.59
CA ALA D 149 20.52 -34.34 -30.14
C ALA D 149 20.91 -34.13 -28.70
N VAL D 150 20.91 -32.87 -28.32
CA VAL D 150 21.21 -32.54 -26.93
C VAL D 150 20.15 -33.11 -26.02
N ALA D 151 18.89 -32.98 -26.38
CA ALA D 151 17.80 -33.54 -25.57
C ALA D 151 17.88 -35.05 -25.41
N LYS D 152 18.28 -35.70 -26.47
CA LYS D 152 18.38 -37.18 -26.42
C LYS D 152 19.51 -37.52 -25.43
N LYS D 153 20.65 -36.79 -25.41
CA LYS D 153 21.66 -37.07 -24.46
C LYS D 153 21.28 -36.77 -23.06
N VAL D 154 20.55 -35.67 -22.79
CA VAL D 154 20.10 -35.43 -21.49
C VAL D 154 19.17 -36.51 -20.99
N MET D 155 18.28 -36.97 -21.87
CA MET D 155 17.34 -38.02 -21.50
C MET D 155 18.14 -39.29 -21.16
N LYS D 156 19.18 -39.60 -21.85
CA LYS D 156 19.98 -40.80 -21.54
C LYS D 156 20.61 -40.66 -20.17
N ASP D 157 21.11 -39.47 -19.84
CA ASP D 157 21.72 -39.19 -18.56
C ASP D 157 20.78 -39.02 -17.40
N ARG D 158 19.50 -38.75 -17.67
CA ARG D 158 18.52 -38.47 -16.66
C ARG D 158 17.27 -39.28 -16.99
N PRO D 159 17.20 -40.56 -16.57
CA PRO D 159 16.11 -41.44 -17.02
C PRO D 159 14.77 -41.03 -16.37
N ASP D 160 14.76 -40.11 -15.41
CA ASP D 160 13.61 -39.60 -14.77
C ASP D 160 12.88 -38.52 -15.65
N VAL D 161 13.51 -37.98 -16.70
CA VAL D 161 12.91 -36.90 -17.45
C VAL D 161 12.47 -37.29 -18.79
N ASP D 162 11.65 -36.39 -19.40
CA ASP D 162 11.31 -36.48 -20.78
C ASP D 162 11.33 -35.04 -21.35
N VAL D 163 11.90 -34.93 -22.56
CA VAL D 163 12.13 -33.65 -23.17
C VAL D 163 11.59 -33.68 -24.57
N PHE D 164 10.93 -32.58 -24.94
CA PHE D 164 10.48 -32.33 -26.31
C PHE D 164 11.19 -31.11 -26.84
N THR D 165 11.46 -31.11 -28.15
CA THR D 165 12.15 -29.95 -28.77
C THR D 165 11.36 -29.36 -29.96
N VAL D 166 11.48 -28.05 -30.08
CA VAL D 166 10.81 -27.31 -31.10
C VAL D 166 11.81 -26.39 -31.78
N GLU D 167 11.93 -26.45 -33.09
CA GLU D 167 12.76 -25.51 -33.88
C GLU D 167 11.79 -24.39 -34.39
N CYS D 168 11.87 -23.27 -33.80
CA CYS D 168 10.96 -22.14 -34.03
C CYS D 168 11.57 -20.82 -33.91
N PRO D 169 12.63 -20.52 -34.71
CA PRO D 169 13.16 -19.17 -34.59
C PRO D 169 12.16 -18.15 -34.99
N GLY D 170 12.31 -16.95 -34.49
CA GLY D 170 11.32 -15.92 -34.71
C GLY D 170 11.12 -15.51 -36.12
N PHE D 171 12.14 -15.65 -36.97
CA PHE D 171 12.04 -15.30 -38.41
C PHE D 171 11.39 -16.40 -39.22
N SER D 172 11.06 -17.56 -38.65
CA SER D 172 10.35 -18.59 -39.42
C SER D 172 8.97 -18.11 -39.74
N GLY D 173 8.47 -18.51 -40.87
CA GLY D 173 7.13 -18.01 -41.29
C GLY D 173 7.05 -16.51 -41.34
N VAL D 174 5.89 -15.93 -41.04
CA VAL D 174 5.64 -14.55 -41.16
C VAL D 174 5.01 -13.94 -39.88
N SER D 175 4.85 -14.76 -38.84
CA SER D 175 3.98 -14.41 -37.74
C SER D 175 4.09 -15.54 -36.70
N GLN D 176 3.30 -15.49 -35.63
CA GLN D 176 3.30 -16.57 -34.72
C GLN D 176 2.72 -17.86 -35.25
N SER D 177 2.02 -17.82 -36.38
CA SER D 177 1.34 -18.99 -36.88
C SER D 177 2.26 -20.17 -37.10
N LYS D 178 3.45 -19.92 -37.71
CA LYS D 178 4.36 -21.00 -37.97
C LYS D 178 4.78 -21.76 -36.73
N GLY D 179 4.88 -21.04 -35.60
CA GLY D 179 5.20 -21.69 -34.33
C GLY D 179 4.11 -22.69 -33.91
N HIS D 180 2.86 -22.32 -34.17
CA HIS D 180 1.80 -23.24 -33.87
C HIS D 180 1.99 -24.55 -34.68
N HIS D 181 2.25 -24.38 -35.97
CA HIS D 181 2.37 -25.49 -36.85
C HIS D 181 3.51 -26.44 -36.49
N VAL D 182 4.69 -25.87 -36.28
N VAL D 182 4.70 -25.87 -36.28
CA VAL D 182 5.83 -26.66 -35.98
CA VAL D 182 5.81 -26.73 -35.99
C VAL D 182 5.68 -27.45 -34.67
C VAL D 182 5.67 -27.47 -34.67
N LEU D 183 5.11 -26.79 -33.67
CA LEU D 183 4.88 -27.48 -32.39
C LEU D 183 3.87 -28.59 -32.55
N ASN D 184 2.75 -28.32 -33.24
CA ASN D 184 1.71 -29.35 -33.38
C ASN D 184 2.26 -30.60 -34.10
N ILE D 185 2.94 -30.39 -35.22
CA ILE D 185 3.39 -31.48 -36.02
C ILE D 185 4.51 -32.21 -35.30
N GLY D 186 5.43 -31.48 -34.69
CA GLY D 186 6.45 -32.18 -33.94
C GLY D 186 5.89 -32.98 -32.78
N TRP D 187 4.87 -32.46 -32.09
CA TRP D 187 4.36 -33.20 -30.94
C TRP D 187 3.68 -34.48 -31.44
N ILE D 188 2.83 -34.43 -32.44
CA ILE D 188 2.21 -35.63 -32.84
C ILE D 188 3.24 -36.66 -33.39
N ASN D 189 4.29 -36.20 -34.06
CA ASN D 189 5.28 -37.12 -34.63
C ASN D 189 6.17 -37.76 -33.56
N GLU D 190 6.46 -37.02 -32.51
CA GLU D 190 7.43 -37.46 -31.52
C GLU D 190 6.83 -37.96 -30.23
N LYS D 191 5.74 -37.42 -29.77
CA LYS D 191 5.31 -37.67 -28.38
C LYS D 191 3.96 -38.35 -28.26
N VAL D 192 3.04 -38.18 -29.21
CA VAL D 192 1.77 -38.88 -29.09
C VAL D 192 2.07 -40.38 -29.25
N GLU D 193 1.32 -41.15 -28.44
CA GLU D 193 1.46 -42.60 -28.44
C GLU D 193 2.76 -43.02 -27.75
N THR D 194 3.31 -42.22 -26.90
CA THR D 194 4.41 -42.61 -26.09
C THR D 194 4.03 -42.93 -24.66
N MET D 195 2.79 -42.79 -24.31
CA MET D 195 2.24 -43.22 -23.10
C MET D 195 0.75 -43.41 -23.16
N GLU D 196 0.22 -44.10 -22.20
CA GLU D 196 -1.26 -44.27 -22.09
C GLU D 196 -1.68 -44.03 -20.65
N LYS D 197 -2.92 -43.64 -20.47
CA LYS D 197 -3.56 -43.43 -19.21
C LYS D 197 -4.76 -44.34 -19.11
N GLU D 198 -5.20 -44.52 -17.88
CA GLU D 198 -6.42 -45.26 -17.58
C GLU D 198 -7.66 -44.52 -18.16
N ILE D 199 -8.50 -45.31 -18.80
CA ILE D 199 -9.72 -44.85 -19.30
C ILE D 199 -10.83 -45.16 -18.28
N THR D 200 -11.52 -44.16 -17.77
CA THR D 200 -12.46 -44.26 -16.73
C THR D 200 -13.86 -43.92 -17.09
N SER D 201 -14.17 -43.70 -18.38
CA SER D 201 -15.49 -43.42 -18.84
C SER D 201 -15.73 -44.15 -20.13
N GLU D 202 -16.99 -44.44 -20.46
CA GLU D 202 -17.34 -44.91 -21.79
C GLU D 202 -17.26 -43.79 -22.89
N TYR D 203 -17.17 -42.52 -22.44
CA TYR D 203 -17.13 -41.35 -23.33
C TYR D 203 -15.82 -40.64 -23.10
N THR D 204 -14.98 -40.57 -24.15
CA THR D 204 -13.71 -39.91 -24.02
C THR D 204 -13.48 -38.91 -25.15
N MET D 205 -12.77 -37.79 -24.79
CA MET D 205 -12.47 -36.79 -25.83
C MET D 205 -11.14 -36.11 -25.49
N ASN D 206 -10.52 -35.52 -26.51
CA ASN D 206 -9.58 -34.46 -26.23
C ASN D 206 -10.30 -33.12 -26.47
N PHE D 207 -9.87 -32.08 -25.77
CA PHE D 207 -10.35 -30.76 -26.07
C PHE D 207 -9.15 -29.99 -26.65
N ILE D 208 -9.23 -29.71 -27.92
CA ILE D 208 -8.13 -29.22 -28.70
C ILE D 208 -8.24 -27.73 -29.03
N GLY D 209 -7.21 -26.96 -28.69
CA GLY D 209 -7.20 -25.54 -28.99
C GLY D 209 -7.97 -24.70 -28.00
N ASP D 210 -7.61 -24.83 -26.72
CA ASP D 210 -8.11 -23.98 -25.64
C ASP D 210 -7.01 -23.91 -24.63
N PHE D 211 -6.67 -22.68 -24.24
CA PHE D 211 -5.45 -22.36 -23.47
C PHE D 211 -5.70 -21.81 -22.08
N ASN D 212 -6.91 -22.06 -21.56
CA ASN D 212 -7.24 -21.74 -20.20
C ASN D 212 -7.08 -20.28 -19.85
N ILE D 213 -7.42 -19.37 -20.77
CA ILE D 213 -7.29 -17.97 -20.42
C ILE D 213 -8.28 -17.65 -19.31
N GLN D 214 -7.76 -17.08 -18.23
CA GLN D 214 -8.53 -16.78 -17.02
C GLN D 214 -9.39 -17.96 -16.60
N GLY D 215 -8.95 -19.15 -16.78
CA GLY D 215 -9.79 -20.27 -16.29
C GLY D 215 -10.84 -20.79 -17.22
N ASP D 216 -10.79 -20.42 -18.50
CA ASP D 216 -11.81 -20.95 -19.46
C ASP D 216 -11.91 -22.48 -19.42
N THR D 217 -10.76 -23.16 -19.42
CA THR D 217 -10.72 -24.61 -19.50
C THR D 217 -11.32 -25.24 -18.28
N GLN D 218 -11.03 -24.70 -17.14
CA GLN D 218 -11.50 -25.18 -15.86
C GLN D 218 -13.04 -24.97 -15.83
N LEU D 219 -13.55 -23.87 -16.37
CA LEU D 219 -14.99 -23.67 -16.43
C LEU D 219 -15.61 -24.75 -17.34
N LEU D 220 -15.08 -24.96 -18.53
CA LEU D 220 -15.63 -25.97 -19.43
C LEU D 220 -15.56 -27.37 -18.82
N GLN D 221 -14.54 -27.62 -18.01
CA GLN D 221 -14.40 -28.91 -17.40
C GLN D 221 -15.59 -29.21 -16.48
N THR D 222 -16.19 -28.20 -15.87
CA THR D 222 -17.36 -28.46 -15.06
C THR D 222 -18.44 -29.09 -15.92
N TYR D 223 -18.53 -28.73 -17.19
CA TYR D 223 -19.50 -29.35 -18.07
C TYR D 223 -19.14 -30.82 -18.34
N TRP D 224 -17.91 -31.10 -18.64
CA TRP D 224 -17.54 -32.46 -19.03
C TRP D 224 -17.70 -33.37 -17.79
N ASP D 225 -17.39 -32.89 -16.64
CA ASP D 225 -17.54 -33.69 -15.43
C ASP D 225 -19.01 -33.95 -15.18
N ARG D 226 -19.87 -32.96 -15.34
CA ARG D 226 -21.30 -33.17 -15.20
C ARG D 226 -21.85 -34.21 -16.18
N LEU D 227 -21.35 -34.17 -17.42
CA LEU D 227 -21.79 -35.08 -18.46
C LEU D 227 -21.18 -36.48 -18.38
N GLY D 228 -20.21 -36.67 -17.52
CA GLY D 228 -19.53 -37.92 -17.44
C GLY D 228 -18.59 -38.24 -18.52
N ILE D 229 -18.03 -37.22 -19.16
CA ILE D 229 -17.07 -37.41 -20.25
C ILE D 229 -15.65 -37.23 -19.73
N GLN D 230 -14.79 -38.19 -19.97
CA GLN D 230 -13.37 -38.09 -19.62
C GLN D 230 -12.65 -37.30 -20.66
N VAL D 231 -11.94 -36.26 -20.23
CA VAL D 231 -11.04 -35.58 -21.21
C VAL D 231 -9.69 -36.23 -21.08
N VAL D 232 -9.23 -36.91 -22.10
CA VAL D 232 -7.96 -37.56 -22.12
C VAL D 232 -6.88 -36.45 -22.06
N ALA D 233 -6.91 -35.49 -22.96
CA ALA D 233 -5.99 -34.36 -22.87
C ALA D 233 -6.68 -33.09 -23.29
N HIS D 234 -6.35 -32.03 -22.53
CA HIS D 234 -6.58 -30.67 -22.99
C HIS D 234 -5.30 -30.21 -23.71
N PHE D 235 -5.46 -29.65 -24.92
CA PHE D 235 -4.40 -29.13 -25.71
C PHE D 235 -4.57 -27.57 -25.72
N THR D 236 -3.94 -26.85 -24.80
CA THR D 236 -3.08 -27.29 -23.66
C THR D 236 -3.54 -26.71 -22.35
N GLY D 237 -4.70 -26.06 -22.27
CA GLY D 237 -5.17 -25.38 -21.06
C GLY D 237 -5.22 -26.24 -19.82
N ASN D 238 -4.54 -25.73 -18.77
CA ASN D 238 -4.46 -26.47 -17.50
C ASN D 238 -4.01 -27.89 -17.69
N GLY D 239 -3.13 -28.08 -18.66
CA GLY D 239 -2.70 -29.42 -19.06
C GLY D 239 -1.39 -29.86 -18.45
N THR D 240 -1.07 -31.15 -18.61
CA THR D 240 0.21 -31.72 -18.28
C THR D 240 0.85 -32.24 -19.50
N TYR D 241 2.17 -32.27 -19.50
CA TYR D 241 2.96 -32.84 -20.58
C TYR D 241 2.53 -34.26 -20.91
N ASP D 242 2.38 -35.06 -19.82
CA ASP D 242 2.12 -36.50 -20.08
C ASP D 242 0.66 -36.71 -20.60
N ASP D 243 -0.29 -35.86 -20.26
CA ASP D 243 -1.61 -36.05 -20.85
C ASP D 243 -1.54 -35.93 -22.35
N LEU D 244 -0.72 -35.00 -22.84
CA LEU D 244 -0.61 -34.84 -24.30
C LEU D 244 -0.01 -36.04 -25.05
N ARG D 245 0.73 -36.90 -24.28
CA ARG D 245 1.30 -38.09 -24.86
C ARG D 245 0.24 -39.17 -25.14
N CYS D 246 -0.96 -38.97 -24.55
CA CYS D 246 -2.01 -39.99 -24.56
C CYS D 246 -3.13 -39.65 -25.50
N MET D 247 -2.96 -38.64 -26.36
CA MET D 247 -4.07 -38.10 -27.16
C MET D 247 -4.66 -39.10 -28.14
N HIS D 248 -3.88 -40.08 -28.55
CA HIS D 248 -4.36 -41.10 -29.48
C HIS D 248 -5.49 -41.95 -28.85
N GLN D 249 -5.65 -41.91 -27.56
CA GLN D 249 -6.63 -42.75 -26.88
C GLN D 249 -8.06 -42.30 -27.00
N ALA D 250 -8.29 -41.00 -27.27
CA ALA D 250 -9.62 -40.41 -27.23
C ALA D 250 -10.53 -40.87 -28.36
N GLN D 251 -11.81 -40.86 -28.03
CA GLN D 251 -12.81 -41.22 -29.05
C GLN D 251 -13.13 -40.04 -30.00
N LEU D 252 -12.98 -38.81 -29.49
CA LEU D 252 -13.48 -37.62 -30.14
C LEU D 252 -12.44 -36.50 -29.92
N ASN D 253 -12.15 -35.69 -30.96
CA ASN D 253 -11.45 -34.45 -30.77
C ASN D 253 -12.35 -33.32 -30.94
N VAL D 254 -12.59 -32.53 -29.91
CA VAL D 254 -13.38 -31.34 -29.96
C VAL D 254 -12.45 -30.14 -30.15
N VAL D 255 -12.61 -29.39 -31.18
CA VAL D 255 -11.70 -28.27 -31.53
C VAL D 255 -12.42 -26.97 -31.34
N ASN D 256 -11.77 -26.05 -30.59
CA ASN D 256 -12.16 -24.64 -30.57
C ASN D 256 -11.27 -23.84 -31.44
N CYS D 257 -9.98 -23.75 -31.09
CA CYS D 257 -9.02 -22.99 -31.94
C CYS D 257 -8.51 -23.76 -33.07
N ALA D 258 -9.26 -23.72 -34.20
CA ALA D 258 -8.90 -24.45 -35.35
C ALA D 258 -7.64 -23.83 -36.05
N ARG D 259 -7.27 -22.63 -35.71
CA ARG D 259 -6.09 -21.99 -36.28
C ARG D 259 -4.82 -22.55 -35.63
N SER D 260 -4.69 -22.47 -34.29
CA SER D 260 -3.48 -22.92 -33.65
C SER D 260 -3.34 -24.39 -33.57
N SER D 261 -4.47 -25.12 -33.56
CA SER D 261 -4.46 -26.49 -33.12
C SER D 261 -5.22 -27.42 -34.05
N GLY D 262 -5.73 -26.89 -35.17
CA GLY D 262 -6.31 -27.76 -36.17
C GLY D 262 -5.33 -28.79 -36.71
N TYR D 263 -4.03 -28.40 -36.81
CA TYR D 263 -3.04 -29.31 -37.34
C TYR D 263 -3.07 -30.63 -36.62
N ILE D 264 -2.96 -30.58 -35.31
CA ILE D 264 -2.89 -31.85 -34.59
C ILE D 264 -4.21 -32.64 -34.68
N ALA D 265 -5.33 -31.92 -34.63
CA ALA D 265 -6.59 -32.64 -34.83
C ALA D 265 -6.66 -33.34 -36.15
N ASN D 266 -6.16 -32.71 -37.22
CA ASN D 266 -6.17 -33.29 -38.56
C ASN D 266 -5.26 -34.50 -38.58
N GLU D 267 -4.06 -34.42 -37.98
CA GLU D 267 -3.18 -35.60 -37.96
C GLU D 267 -3.72 -36.69 -37.05
N LEU D 268 -4.39 -36.39 -35.95
CA LEU D 268 -4.95 -37.44 -35.10
C LEU D 268 -6.06 -38.14 -35.87
N LYS D 269 -6.82 -37.46 -36.67
CA LYS D 269 -7.85 -38.10 -37.48
C LYS D 269 -7.18 -38.99 -38.51
N LYS D 270 -6.18 -38.49 -39.25
CA LYS D 270 -5.55 -39.26 -40.30
C LYS D 270 -4.94 -40.52 -39.68
N ARG D 271 -4.24 -40.40 -38.55
CA ARG D 271 -3.46 -41.55 -38.04
C ARG D 271 -4.25 -42.51 -37.17
N TYR D 272 -5.25 -42.02 -36.45
CA TYR D 272 -5.97 -42.83 -35.50
C TYR D 272 -7.42 -42.93 -35.70
N GLY D 273 -7.94 -42.21 -36.68
CA GLY D 273 -9.34 -42.24 -36.95
C GLY D 273 -10.23 -41.47 -36.04
N ILE D 274 -9.63 -40.56 -35.24
CA ILE D 274 -10.42 -39.84 -34.27
C ILE D 274 -11.12 -38.69 -34.96
N PRO D 275 -12.45 -38.66 -34.94
CA PRO D 275 -13.17 -37.58 -35.65
C PRO D 275 -12.87 -36.19 -35.05
N ARG D 276 -12.84 -35.16 -35.92
CA ARG D 276 -12.69 -33.78 -35.55
C ARG D 276 -14.03 -33.10 -35.53
N LEU D 277 -14.44 -32.55 -34.40
CA LEU D 277 -15.65 -31.79 -34.22
C LEU D 277 -15.28 -30.32 -33.94
N ASP D 278 -15.63 -29.44 -34.83
CA ASP D 278 -15.38 -28.05 -34.59
C ASP D 278 -16.54 -27.41 -33.89
N ILE D 279 -16.29 -26.69 -32.80
CA ILE D 279 -17.29 -25.98 -32.06
C ILE D 279 -16.95 -24.51 -31.90
N ASP D 280 -17.84 -23.75 -31.25
CA ASP D 280 -17.58 -22.44 -30.74
C ASP D 280 -17.80 -22.53 -29.20
N SER D 281 -16.71 -22.39 -28.39
CA SER D 281 -16.87 -22.41 -26.98
C SER D 281 -16.95 -21.03 -26.32
N TRP D 282 -16.96 -19.99 -27.19
CA TRP D 282 -17.49 -18.71 -26.79
C TRP D 282 -18.82 -18.55 -27.44
N GLY D 283 -19.70 -17.85 -26.76
CA GLY D 283 -21.05 -17.55 -27.22
C GLY D 283 -22.04 -18.38 -26.49
N PHE D 284 -23.13 -17.76 -26.10
CA PHE D 284 -24.11 -18.49 -25.25
C PHE D 284 -24.87 -19.56 -26.05
N ASN D 285 -25.50 -19.10 -27.15
CA ASN D 285 -26.17 -20.14 -27.97
C ASN D 285 -25.25 -21.07 -28.67
N TYR D 286 -24.04 -20.59 -28.98
CA TYR D 286 -23.05 -21.48 -29.56
C TYR D 286 -22.64 -22.55 -28.57
N MET D 287 -22.48 -22.19 -27.29
CA MET D 287 -22.03 -23.17 -26.31
C MET D 287 -23.08 -24.28 -26.25
N ALA D 288 -24.39 -23.93 -26.28
CA ALA D 288 -25.41 -24.96 -26.33
C ALA D 288 -25.32 -25.87 -27.50
N GLU D 289 -25.13 -25.29 -28.67
CA GLU D 289 -24.94 -26.11 -29.87
C GLU D 289 -23.78 -27.07 -29.73
N GLY D 290 -22.66 -26.61 -29.17
CA GLY D 290 -21.50 -27.48 -28.98
C GLY D 290 -21.78 -28.66 -28.04
N ILE D 291 -22.39 -28.32 -26.90
CA ILE D 291 -22.75 -29.40 -25.95
C ILE D 291 -23.73 -30.39 -26.63
N ARG D 292 -24.70 -29.86 -27.40
CA ARG D 292 -25.60 -30.81 -28.08
C ARG D 292 -24.93 -31.71 -29.10
N LYS D 293 -23.89 -31.19 -29.81
CA LYS D 293 -23.20 -31.99 -30.75
C LYS D 293 -22.34 -33.08 -30.03
N ILE D 294 -21.64 -32.65 -28.98
CA ILE D 294 -20.86 -33.58 -28.18
C ILE D 294 -21.76 -34.69 -27.64
N CYS D 295 -22.90 -34.32 -27.11
CA CYS D 295 -23.80 -35.31 -26.51
C CYS D 295 -24.42 -36.23 -27.59
N ALA D 296 -24.72 -35.70 -28.78
CA ALA D 296 -25.21 -36.52 -29.87
C ALA D 296 -24.16 -37.53 -30.33
N PHE D 297 -22.89 -37.12 -30.42
CA PHE D 297 -21.87 -38.01 -30.77
C PHE D 297 -21.80 -39.21 -29.79
N PHE D 298 -21.93 -38.90 -28.53
CA PHE D 298 -21.81 -39.96 -27.49
C PHE D 298 -23.09 -40.69 -27.17
N GLY D 299 -24.20 -40.18 -27.62
CA GLY D 299 -25.49 -40.83 -27.28
C GLY D 299 -25.99 -40.48 -25.89
N ILE D 300 -25.64 -39.30 -25.33
CA ILE D 300 -26.08 -38.88 -24.09
C ILE D 300 -26.86 -37.54 -24.21
N GLU D 301 -27.70 -37.50 -25.23
CA GLU D 301 -28.51 -36.28 -25.48
C GLU D 301 -29.25 -35.77 -24.31
N GLU D 302 -29.96 -36.65 -23.54
CA GLU D 302 -30.71 -36.14 -22.45
C GLU D 302 -29.87 -35.49 -21.36
N LYS D 303 -28.66 -36.00 -21.11
CA LYS D 303 -27.80 -35.36 -20.14
C LYS D 303 -27.41 -33.94 -20.57
N GLY D 304 -27.17 -33.82 -21.86
CA GLY D 304 -26.85 -32.53 -22.36
C GLY D 304 -27.97 -31.53 -22.25
N GLU D 305 -29.20 -32.02 -22.45
CA GLU D 305 -30.34 -31.10 -22.28
C GLU D 305 -30.54 -30.67 -20.85
N GLU D 306 -30.31 -31.56 -19.88
CA GLU D 306 -30.43 -31.18 -18.48
C GLU D 306 -29.39 -30.07 -18.17
N LEU D 307 -28.17 -30.26 -18.65
N LEU D 307 -28.17 -30.27 -18.64
CA LEU D 307 -27.14 -29.26 -18.40
CA LEU D 307 -27.13 -29.25 -18.39
C LEU D 307 -27.49 -27.92 -19.00
C LEU D 307 -27.50 -27.93 -19.01
N ILE D 308 -27.91 -27.96 -20.28
CA ILE D 308 -28.24 -26.73 -20.93
C ILE D 308 -29.40 -26.02 -20.25
N ALA D 309 -30.43 -26.79 -19.86
CA ALA D 309 -31.56 -26.14 -19.18
C ALA D 309 -31.16 -25.48 -17.90
N GLU D 310 -30.29 -26.15 -17.14
CA GLU D 310 -29.82 -25.56 -15.90
C GLU D 310 -29.03 -24.25 -16.08
N GLU D 311 -28.14 -24.32 -17.11
CA GLU D 311 -27.28 -23.16 -17.38
C GLU D 311 -28.09 -22.00 -17.93
N TYR D 312 -29.11 -22.26 -18.79
CA TYR D 312 -29.96 -21.19 -19.22
C TYR D 312 -30.72 -20.55 -18.03
N ALA D 313 -31.23 -21.40 -17.14
CA ALA D 313 -31.97 -20.81 -16.04
C ALA D 313 -31.12 -19.99 -15.15
N LYS D 314 -29.85 -20.41 -15.03
CA LYS D 314 -28.92 -19.64 -14.16
C LYS D 314 -28.45 -18.32 -14.80
N TRP D 315 -28.18 -18.32 -16.09
CA TRP D 315 -27.45 -17.20 -16.73
C TRP D 315 -28.13 -16.46 -17.82
N LYS D 316 -29.16 -17.04 -18.45
CA LYS D 316 -29.85 -16.37 -19.55
C LYS D 316 -30.50 -15.04 -19.14
N PRO D 317 -31.17 -15.02 -17.93
CA PRO D 317 -31.71 -13.68 -17.56
C PRO D 317 -30.68 -12.55 -17.45
N LYS D 318 -29.50 -12.85 -16.87
CA LYS D 318 -28.48 -11.81 -16.82
C LYS D 318 -27.99 -11.46 -18.23
N LEU D 319 -27.77 -12.47 -19.07
CA LEU D 319 -27.37 -12.18 -20.50
C LEU D 319 -28.36 -11.26 -21.18
N ASP D 320 -29.67 -11.52 -20.97
CA ASP D 320 -30.67 -10.72 -21.55
C ASP D 320 -30.78 -9.31 -21.01
N TRP D 321 -30.42 -9.12 -19.74
CA TRP D 321 -30.31 -7.79 -19.18
C TRP D 321 -29.24 -7.00 -19.92
N TYR D 322 -28.08 -7.63 -20.15
CA TYR D 322 -27.01 -6.95 -20.87
C TYR D 322 -27.43 -6.70 -22.31
N LYS D 323 -28.08 -7.65 -22.96
CA LYS D 323 -28.54 -7.44 -24.32
C LYS D 323 -29.37 -6.18 -24.47
N GLU D 324 -30.29 -6.02 -23.51
CA GLU D 324 -31.16 -4.82 -23.60
C GLU D 324 -30.40 -3.53 -23.62
N ARG D 325 -29.26 -3.55 -22.88
CA ARG D 325 -28.42 -2.38 -22.76
C ARG D 325 -27.33 -2.25 -23.82
N LEU D 326 -26.92 -3.36 -24.40
CA LEU D 326 -25.83 -3.37 -25.42
C LEU D 326 -26.37 -3.36 -26.82
N GLN D 327 -27.67 -3.60 -26.98
N GLN D 327 -27.65 -3.64 -27.00
CA GLN D 327 -28.27 -3.64 -28.33
CA GLN D 327 -28.10 -3.86 -28.36
C GLN D 327 -27.87 -2.44 -29.18
C GLN D 327 -27.90 -2.55 -29.17
N GLY D 328 -27.37 -2.72 -30.37
CA GLY D 328 -27.03 -1.62 -31.23
C GLY D 328 -25.66 -1.00 -31.07
N LYS D 329 -24.97 -1.31 -29.99
CA LYS D 329 -23.64 -0.81 -29.83
C LYS D 329 -22.70 -1.40 -30.93
N LYS D 330 -21.71 -0.62 -31.28
N LYS D 330 -21.71 -0.61 -31.31
CA LYS D 330 -20.76 -0.97 -32.36
CA LYS D 330 -20.76 -0.98 -32.37
C LYS D 330 -19.44 -1.41 -31.75
C LYS D 330 -19.44 -1.42 -31.75
N MET D 331 -18.94 -2.56 -32.21
CA MET D 331 -17.75 -3.17 -31.67
C MET D 331 -16.72 -3.42 -32.79
N ALA D 332 -15.44 -3.27 -32.44
CA ALA D 332 -14.36 -3.74 -33.26
C ALA D 332 -13.63 -4.84 -32.54
N ILE D 333 -13.06 -5.78 -33.30
CA ILE D 333 -12.28 -6.89 -32.74
C ILE D 333 -10.95 -6.92 -33.46
N TRP D 334 -9.87 -6.61 -32.78
CA TRP D 334 -8.54 -6.52 -33.34
C TRP D 334 -7.66 -7.51 -32.53
N THR D 335 -7.66 -8.77 -32.92
CA THR D 335 -6.98 -9.85 -32.20
C THR D 335 -6.24 -10.76 -33.13
N GLY D 336 -5.95 -12.00 -32.77
CA GLY D 336 -5.22 -12.87 -33.62
C GLY D 336 -5.93 -13.34 -34.89
N GLY D 337 -7.19 -13.76 -34.77
CA GLY D 337 -7.95 -14.24 -35.93
C GLY D 337 -9.17 -14.95 -35.52
N PRO D 338 -9.06 -16.12 -34.88
CA PRO D 338 -10.25 -16.91 -34.57
C PRO D 338 -11.30 -16.22 -33.76
N ARG D 339 -10.95 -15.35 -32.84
CA ARG D 339 -12.01 -14.70 -32.03
C ARG D 339 -12.89 -13.80 -32.93
N LEU D 340 -12.40 -13.39 -34.09
CA LEU D 340 -13.27 -12.67 -35.03
C LEU D 340 -14.45 -13.53 -35.46
N TRP D 341 -14.13 -14.75 -35.87
CA TRP D 341 -15.22 -15.62 -36.34
C TRP D 341 -15.95 -16.29 -35.17
N HIS D 342 -15.33 -16.48 -34.01
CA HIS D 342 -16.10 -16.96 -32.88
C HIS D 342 -17.04 -15.91 -32.28
N TRP D 343 -16.74 -14.60 -32.41
CA TRP D 343 -17.48 -13.57 -31.72
C TRP D 343 -18.40 -12.74 -32.61
N THR D 344 -18.14 -12.60 -33.92
CA THR D 344 -18.97 -11.63 -34.64
C THR D 344 -20.43 -11.93 -34.60
N LYS D 345 -20.82 -13.15 -34.79
CA LYS D 345 -22.22 -13.49 -34.82
C LYS D 345 -22.77 -13.82 -33.44
N SER D 346 -21.95 -14.28 -32.55
CA SER D 346 -22.42 -14.56 -31.21
C SER D 346 -22.71 -13.29 -30.45
N VAL D 347 -21.89 -12.21 -30.56
CA VAL D 347 -22.27 -11.01 -29.88
C VAL D 347 -23.53 -10.38 -30.54
N GLU D 348 -23.69 -10.59 -31.83
CA GLU D 348 -24.85 -10.09 -32.56
C GLU D 348 -26.08 -10.87 -32.09
N ASP D 349 -26.08 -12.17 -32.06
CA ASP D 349 -27.20 -13.00 -31.70
C ASP D 349 -27.57 -12.78 -30.23
N ASP D 350 -26.59 -12.84 -29.36
CA ASP D 350 -26.83 -12.94 -27.92
C ASP D 350 -26.83 -11.62 -27.22
N LEU D 351 -26.20 -10.58 -27.75
CA LEU D 351 -26.07 -9.31 -27.13
C LEU D 351 -26.61 -8.15 -27.99
N GLY D 352 -27.00 -8.40 -29.26
CA GLY D 352 -27.43 -7.34 -30.13
C GLY D 352 -26.33 -6.41 -30.58
N VAL D 353 -25.06 -6.81 -30.42
CA VAL D 353 -23.95 -5.93 -30.73
C VAL D 353 -23.50 -6.12 -32.19
N GLN D 354 -23.19 -5.02 -32.84
CA GLN D 354 -22.84 -4.98 -34.27
C GLN D 354 -21.32 -4.78 -34.43
N VAL D 355 -20.69 -5.84 -34.95
CA VAL D 355 -19.24 -5.77 -35.14
C VAL D 355 -18.99 -5.09 -36.47
N VAL D 356 -18.36 -3.92 -36.43
CA VAL D 356 -18.19 -2.99 -37.54
C VAL D 356 -16.83 -3.06 -38.19
N ALA D 357 -15.81 -3.62 -37.46
CA ALA D 357 -14.46 -3.72 -38.01
C ALA D 357 -13.74 -4.83 -37.29
N MET D 358 -12.98 -5.59 -38.05
CA MET D 358 -12.22 -6.68 -37.50
C MET D 358 -10.84 -6.76 -38.16
N SER D 359 -9.79 -7.05 -37.38
CA SER D 359 -8.46 -7.19 -37.88
C SER D 359 -7.86 -8.43 -37.27
N SER D 360 -7.16 -9.18 -38.08
CA SER D 360 -6.51 -10.44 -37.74
C SER D 360 -5.03 -10.26 -37.89
N LYS D 361 -4.25 -10.48 -36.83
CA LYS D 361 -2.80 -10.39 -36.95
C LYS D 361 -2.23 -11.42 -37.86
N PHE D 362 -2.69 -12.68 -37.74
CA PHE D 362 -1.97 -13.80 -38.33
C PHE D 362 -2.89 -14.84 -39.00
N GLY D 363 -4.18 -14.53 -39.08
CA GLY D 363 -5.12 -15.50 -39.59
C GLY D 363 -4.74 -15.93 -41.01
N HIS D 364 -5.20 -17.10 -41.38
CA HIS D 364 -5.05 -17.63 -42.74
C HIS D 364 -6.31 -17.28 -43.56
N GLU D 365 -6.25 -17.61 -44.86
CA GLU D 365 -7.42 -17.39 -45.68
C GLU D 365 -8.65 -18.14 -45.12
N GLU D 366 -8.42 -19.32 -44.54
CA GLU D 366 -9.52 -20.02 -43.94
C GLU D 366 -10.22 -19.24 -42.85
N ASP D 367 -9.44 -18.49 -42.03
CA ASP D 367 -10.09 -17.70 -41.01
C ASP D 367 -10.94 -16.59 -41.62
N PHE D 368 -10.44 -15.98 -42.71
CA PHE D 368 -11.25 -14.99 -43.41
C PHE D 368 -12.48 -15.57 -44.05
N GLU D 369 -12.43 -16.82 -44.54
CA GLU D 369 -13.65 -17.46 -45.11
C GLU D 369 -14.67 -17.48 -44.01
N LYS D 370 -14.29 -17.95 -42.81
CA LYS D 370 -15.20 -18.10 -41.70
C LYS D 370 -15.77 -16.77 -41.26
N VAL D 371 -14.88 -15.78 -41.06
CA VAL D 371 -15.39 -14.53 -40.51
C VAL D 371 -16.31 -13.80 -41.51
N ILE D 372 -15.97 -13.84 -42.77
CA ILE D 372 -16.79 -13.15 -43.78
C ILE D 372 -18.13 -13.87 -43.90
N ALA D 373 -18.15 -15.18 -43.81
CA ALA D 373 -19.40 -15.94 -43.82
C ALA D 373 -20.32 -15.48 -42.73
N ARG D 374 -19.80 -15.28 -41.52
CA ARG D 374 -20.57 -14.96 -40.35
C ARG D 374 -20.81 -13.48 -40.10
N GLY D 375 -20.03 -12.65 -40.73
CA GLY D 375 -19.98 -11.25 -40.48
C GLY D 375 -20.95 -10.38 -41.25
N LYS D 376 -21.02 -9.12 -40.95
CA LYS D 376 -22.02 -8.25 -41.53
C LYS D 376 -21.52 -7.53 -42.74
N GLU D 377 -22.52 -7.12 -43.55
CA GLU D 377 -22.30 -6.10 -44.57
C GLU D 377 -21.94 -4.76 -43.95
N GLY D 378 -21.10 -4.03 -44.59
CA GLY D 378 -20.63 -2.73 -44.12
C GLY D 378 -19.48 -2.75 -43.11
N THR D 379 -19.07 -3.98 -42.78
CA THR D 379 -17.92 -4.20 -41.86
C THR D 379 -16.65 -4.29 -42.70
N TYR D 380 -15.54 -3.80 -42.10
CA TYR D 380 -14.21 -3.93 -42.60
C TYR D 380 -13.56 -5.21 -42.07
N TYR D 381 -12.87 -5.94 -42.91
CA TYR D 381 -12.21 -7.17 -42.60
C TYR D 381 -10.79 -7.00 -43.03
N ILE D 382 -9.85 -6.93 -42.04
CA ILE D 382 -8.51 -6.51 -42.29
C ILE D 382 -7.54 -7.65 -41.96
N ASP D 383 -6.65 -8.01 -42.87
CA ASP D 383 -5.58 -8.95 -42.62
C ASP D 383 -4.31 -8.13 -42.29
N ASP D 384 -3.63 -8.51 -41.18
CA ASP D 384 -2.37 -7.94 -40.79
C ASP D 384 -2.45 -6.44 -40.69
N GLY D 385 -3.42 -5.92 -39.95
CA GLY D 385 -3.60 -4.51 -39.72
C GLY D 385 -2.43 -3.84 -39.05
N ASN D 386 -2.26 -2.54 -39.30
CA ASN D 386 -1.22 -1.77 -38.72
C ASN D 386 -1.79 -0.50 -38.07
N GLU D 387 -0.98 0.17 -37.27
CA GLU D 387 -1.48 1.22 -36.38
C GLU D 387 -2.19 2.35 -37.10
N LEU D 388 -1.51 2.85 -38.18
CA LEU D 388 -2.20 3.99 -38.83
C LEU D 388 -3.57 3.53 -39.43
N GLU D 389 -3.64 2.28 -39.88
CA GLU D 389 -4.94 1.80 -40.37
C GLU D 389 -5.97 1.81 -39.32
N PHE D 390 -5.58 1.40 -38.07
CA PHE D 390 -6.51 1.45 -36.96
C PHE D 390 -7.12 2.82 -36.76
N PHE D 391 -6.33 3.87 -36.83
CA PHE D 391 -6.89 5.19 -36.71
C PHE D 391 -7.86 5.50 -37.82
N GLU D 392 -7.58 5.11 -39.04
CA GLU D 392 -8.47 5.42 -40.16
C GLU D 392 -9.72 4.67 -40.07
N ILE D 393 -9.67 3.41 -39.65
CA ILE D 393 -10.85 2.59 -39.47
C ILE D 393 -11.73 3.16 -38.36
N ILE D 394 -11.13 3.65 -37.25
CA ILE D 394 -11.91 4.31 -36.26
C ILE D 394 -12.74 5.44 -36.82
N ASP D 395 -12.13 6.27 -37.63
N ASP D 395 -12.08 6.29 -37.59
CA ASP D 395 -12.88 7.40 -38.16
CA ASP D 395 -12.84 7.41 -38.26
C ASP D 395 -13.97 6.96 -39.13
C ASP D 395 -13.96 6.93 -39.11
N LEU D 396 -13.77 5.82 -39.80
CA LEU D 396 -14.77 5.30 -40.73
C LEU D 396 -15.96 4.69 -40.01
N VAL D 397 -15.73 3.95 -38.91
CA VAL D 397 -16.78 3.17 -38.33
C VAL D 397 -17.21 3.58 -36.89
N LYS D 398 -16.43 4.35 -36.24
CA LYS D 398 -16.83 4.97 -34.95
C LYS D 398 -17.32 3.94 -33.91
N PRO D 399 -16.46 2.97 -33.59
CA PRO D 399 -16.87 1.94 -32.67
C PRO D 399 -17.14 2.52 -31.23
N ASP D 400 -18.10 1.90 -30.56
CA ASP D 400 -18.40 2.18 -29.17
C ASP D 400 -17.44 1.45 -28.21
N VAL D 401 -16.83 0.36 -28.67
CA VAL D 401 -15.95 -0.42 -27.83
C VAL D 401 -15.03 -1.21 -28.78
N ILE D 402 -13.78 -1.43 -28.36
CA ILE D 402 -12.84 -2.20 -29.12
C ILE D 402 -12.32 -3.35 -28.25
N PHE D 403 -12.37 -4.56 -28.77
CA PHE D 403 -11.77 -5.73 -28.13
C PHE D 403 -10.42 -5.95 -28.75
N THR D 404 -9.36 -5.71 -28.00
CA THR D 404 -8.01 -5.78 -28.50
C THR D 404 -6.99 -5.90 -27.33
N GLY D 405 -5.75 -5.90 -27.61
CA GLY D 405 -4.76 -5.98 -26.55
C GLY D 405 -4.58 -4.71 -25.79
N PRO D 406 -3.95 -4.79 -24.61
CA PRO D 406 -3.89 -3.65 -23.71
C PRO D 406 -3.18 -2.45 -24.25
N ARG D 407 -2.10 -2.63 -25.01
CA ARG D 407 -1.38 -1.48 -25.53
C ARG D 407 -2.24 -0.69 -26.55
N VAL D 408 -2.93 -1.40 -27.39
CA VAL D 408 -3.86 -0.72 -28.33
C VAL D 408 -5.03 -0.13 -27.56
N GLY D 409 -5.49 -0.81 -26.51
CA GLY D 409 -6.47 -0.21 -25.66
C GLY D 409 -6.09 1.11 -25.09
N GLU D 410 -4.84 1.18 -24.64
CA GLU D 410 -4.29 2.40 -24.06
C GLU D 410 -4.13 3.53 -25.08
N LEU D 411 -3.92 3.14 -26.34
CA LEU D 411 -3.89 4.12 -27.43
C LEU D 411 -5.27 4.70 -27.74
N VAL D 412 -6.27 3.81 -27.91
CA VAL D 412 -7.55 4.31 -28.29
C VAL D 412 -8.31 5.00 -27.17
N LYS D 413 -7.87 4.80 -25.91
CA LYS D 413 -8.35 5.61 -24.80
C LYS D 413 -8.18 7.08 -25.04
N LYS D 414 -7.14 7.50 -25.72
CA LYS D 414 -6.91 8.92 -25.96
C LYS D 414 -8.01 9.53 -26.87
N LEU D 415 -8.62 8.65 -27.64
CA LEU D 415 -9.74 9.02 -28.53
C LEU D 415 -11.08 8.82 -27.87
N HIS D 416 -11.07 8.51 -26.58
CA HIS D 416 -12.26 8.32 -25.78
C HIS D 416 -13.00 7.10 -26.10
N ILE D 417 -12.34 6.09 -26.64
CA ILE D 417 -12.95 4.81 -26.97
C ILE D 417 -12.51 3.77 -25.95
N PRO D 418 -13.47 3.19 -25.26
CA PRO D 418 -13.06 2.17 -24.25
C PRO D 418 -12.70 0.83 -24.88
N TYR D 419 -11.97 0.03 -24.12
CA TYR D 419 -11.61 -1.27 -24.63
C TYR D 419 -11.89 -2.38 -23.67
N VAL D 420 -12.04 -3.57 -24.19
CA VAL D 420 -11.97 -4.81 -23.40
C VAL D 420 -10.83 -5.62 -23.92
N ASN D 421 -10.07 -6.24 -23.05
CA ASN D 421 -8.90 -7.02 -23.48
C ASN D 421 -9.38 -8.28 -24.17
N GLY D 422 -9.28 -8.27 -25.51
CA GLY D 422 -9.78 -9.37 -26.30
C GLY D 422 -8.90 -10.58 -26.30
N HIS D 423 -7.73 -10.49 -25.66
CA HIS D 423 -6.76 -11.55 -25.59
C HIS D 423 -6.77 -12.26 -24.26
N GLY D 424 -6.43 -11.48 -23.22
CA GLY D 424 -6.34 -11.95 -21.85
C GLY D 424 -7.57 -11.63 -20.99
N TYR D 425 -8.57 -10.97 -21.55
CA TYR D 425 -9.82 -10.63 -20.88
C TYR D 425 -9.64 -9.55 -19.89
N HIS D 426 -10.76 -8.92 -19.51
CA HIS D 426 -10.80 -8.02 -18.35
C HIS D 426 -11.08 -8.95 -17.13
N ASN D 427 -12.36 -9.23 -16.87
CA ASN D 427 -12.77 -10.10 -15.77
C ASN D 427 -13.38 -11.35 -16.34
N GLY D 428 -12.53 -12.33 -16.73
CA GLY D 428 -12.93 -13.57 -17.26
C GLY D 428 -13.26 -14.61 -16.24
N PRO D 429 -13.45 -15.86 -16.62
CA PRO D 429 -13.32 -16.41 -17.99
C PRO D 429 -14.41 -15.89 -18.89
N TYR D 430 -14.22 -16.01 -20.20
CA TYR D 430 -15.24 -15.64 -21.14
C TYR D 430 -15.83 -16.81 -21.92
N MET D 431 -15.32 -18.01 -21.84
CA MET D 431 -15.95 -19.17 -22.49
C MET D 431 -17.17 -19.69 -21.71
N GLY D 432 -17.99 -20.47 -22.41
CA GLY D 432 -19.15 -21.09 -21.76
C GLY D 432 -20.29 -20.11 -21.53
N PHE D 433 -21.33 -20.62 -20.84
CA PHE D 433 -22.48 -19.82 -20.55
C PHE D 433 -22.20 -18.69 -19.63
N GLU D 434 -21.64 -19.01 -18.46
CA GLU D 434 -21.29 -17.95 -17.51
C GLU D 434 -20.26 -16.94 -18.17
N GLY D 435 -19.33 -17.51 -18.96
CA GLY D 435 -18.29 -16.66 -19.51
C GLY D 435 -18.82 -15.61 -20.45
N PHE D 436 -19.89 -15.92 -21.22
CA PHE D 436 -20.40 -14.91 -22.10
C PHE D 436 -21.08 -13.78 -21.35
N VAL D 437 -21.69 -14.16 -20.20
CA VAL D 437 -22.19 -13.11 -19.30
C VAL D 437 -21.04 -12.20 -18.78
N ASN D 438 -19.93 -12.87 -18.42
CA ASN D 438 -18.79 -12.07 -17.95
C ASN D 438 -18.30 -11.09 -19.06
N LEU D 439 -18.25 -11.63 -20.29
CA LEU D 439 -17.88 -10.75 -21.45
C LEU D 439 -18.81 -9.54 -21.56
N ALA D 440 -20.11 -9.89 -21.52
CA ALA D 440 -21.11 -8.85 -21.61
C ALA D 440 -21.03 -7.75 -20.53
N ARG D 441 -20.71 -8.27 -19.32
CA ARG D 441 -20.56 -7.34 -18.18
C ARG D 441 -19.43 -6.36 -18.40
N ASP D 442 -18.28 -6.91 -18.84
CA ASP D 442 -17.16 -6.03 -19.11
C ASP D 442 -17.37 -5.08 -20.24
N MET D 443 -18.11 -5.54 -21.30
CA MET D 443 -18.45 -4.64 -22.38
C MET D 443 -19.34 -3.49 -21.89
N TYR D 444 -20.33 -3.88 -21.06
CA TYR D 444 -21.25 -2.90 -20.51
C TYR D 444 -20.55 -1.87 -19.64
N ASN D 445 -19.70 -2.35 -18.71
CA ASN D 445 -18.96 -1.43 -17.88
C ASN D 445 -17.98 -0.54 -18.59
N ALA D 446 -17.40 -1.11 -19.67
CA ALA D 446 -16.50 -0.35 -20.49
C ALA D 446 -17.19 0.86 -21.14
N VAL D 447 -18.37 0.59 -21.72
N VAL D 447 -18.37 0.57 -21.74
CA VAL D 447 -19.08 1.63 -22.44
CA VAL D 447 -19.11 1.54 -22.51
C VAL D 447 -19.90 2.53 -21.54
C VAL D 447 -19.82 2.54 -21.60
N HIS D 448 -20.54 1.97 -20.55
N HIS D 448 -20.47 2.05 -20.58
CA HIS D 448 -21.42 2.73 -19.59
CA HIS D 448 -21.34 2.92 -19.75
C HIS D 448 -20.52 3.33 -18.49
C HIS D 448 -20.51 3.34 -18.54
N ASN D 449 -19.67 4.28 -18.81
CA ASN D 449 -18.53 4.63 -17.95
C ASN D 449 -18.48 6.11 -17.82
N PRO D 450 -18.68 6.67 -16.60
CA PRO D 450 -18.72 8.10 -16.47
C PRO D 450 -17.49 8.81 -16.95
N LEU D 451 -16.32 8.11 -16.92
CA LEU D 451 -15.05 8.76 -17.29
C LEU D 451 -15.03 9.22 -18.76
N ARG D 452 -15.68 8.46 -19.64
CA ARG D 452 -15.71 8.79 -21.02
C ARG D 452 -16.40 10.09 -21.26
N HIS D 453 -17.53 10.28 -20.56
CA HIS D 453 -18.23 11.52 -20.71
C HIS D 453 -17.49 12.68 -20.09
N LEU D 454 -16.83 12.47 -18.91
CA LEU D 454 -16.08 13.54 -18.32
C LEU D 454 -14.93 13.99 -19.17
N ALA D 455 -14.28 13.01 -19.84
CA ALA D 455 -13.09 13.35 -20.64
C ALA D 455 -13.43 14.31 -21.79
N ALA D 456 -14.65 14.23 -22.29
CA ALA D 456 -15.07 15.12 -23.43
C ALA D 456 -15.34 16.51 -23.01
N VAL D 457 -15.50 16.79 -21.71
CA VAL D 457 -15.83 18.16 -21.26
C VAL D 457 -14.60 18.95 -21.17
N ASP D 458 -14.55 20.13 -21.84
CA ASP D 458 -13.57 21.08 -21.66
C ASP D 458 -14.05 22.08 -20.66
N ILE D 459 -13.41 22.07 -19.50
CA ILE D 459 -13.86 22.99 -18.43
C ILE D 459 -13.66 24.48 -18.71
N ARG D 460 -12.93 24.82 -19.77
CA ARG D 460 -12.82 26.22 -20.14
C ARG D 460 -14.01 26.67 -20.92
N ASP D 461 -14.90 25.78 -21.39
CA ASP D 461 -16.01 26.18 -22.24
C ASP D 461 -17.18 26.56 -21.34
N LYS D 462 -17.80 27.71 -21.57
CA LYS D 462 -18.92 28.22 -20.78
C LYS D 462 -20.30 27.58 -21.00
N ALA E 12 33.64 -4.95 8.53
CA ALA E 12 32.44 -5.39 7.47
C ALA E 12 32.91 -5.73 6.05
N GLU E 13 32.50 -6.93 5.54
CA GLU E 13 33.08 -7.47 4.40
C GLU E 13 31.71 -7.13 3.23
N VAL E 14 31.97 -6.47 2.11
CA VAL E 14 31.08 -6.43 0.97
C VAL E 14 31.59 -7.29 -0.10
N LYS E 15 30.98 -8.48 -0.25
CA LYS E 15 31.55 -9.55 -1.12
C LYS E 15 30.76 -9.50 -2.47
N LEU E 16 31.48 -9.51 -3.58
CA LEU E 16 30.90 -9.69 -4.90
C LEU E 16 31.05 -11.10 -5.32
N SER E 17 29.97 -11.68 -5.89
CA SER E 17 30.11 -13.02 -6.45
C SER E 17 29.25 -13.10 -7.68
N PRO E 18 29.64 -13.95 -8.56
CA PRO E 18 28.80 -14.14 -9.77
C PRO E 18 27.80 -15.25 -9.52
N ARG E 19 26.74 -15.30 -10.34
CA ARG E 19 25.87 -16.42 -10.40
C ARG E 19 26.69 -17.67 -10.68
N ASP E 20 26.38 -18.76 -9.99
CA ASP E 20 27.15 -20.02 -10.20
C ASP E 20 26.57 -20.92 -11.20
N ARG E 21 25.51 -20.64 -11.88
CA ARG E 21 24.87 -21.37 -12.93
C ARG E 21 25.15 -20.78 -14.31
N GLU E 22 25.25 -21.59 -15.32
CA GLU E 22 25.31 -21.10 -16.71
C GLU E 22 24.02 -20.55 -17.18
N GLY E 23 22.97 -21.26 -16.95
CA GLY E 23 21.65 -20.81 -17.42
C GLY E 23 21.02 -19.73 -16.52
N ILE E 24 19.96 -19.18 -17.00
CA ILE E 24 19.14 -18.24 -16.30
C ILE E 24 17.80 -18.81 -15.99
N ILE E 25 17.31 -18.55 -14.79
CA ILE E 25 15.89 -18.79 -14.40
C ILE E 25 15.40 -17.45 -13.88
N ASN E 26 14.39 -16.90 -14.57
CA ASN E 26 13.73 -15.65 -14.16
C ASN E 26 14.66 -14.44 -14.34
N PRO E 27 14.91 -14.05 -15.59
CA PRO E 27 15.85 -12.97 -15.85
C PRO E 27 15.49 -11.65 -15.23
N MET E 28 16.50 -10.93 -14.70
CA MET E 28 16.26 -9.63 -14.11
C MET E 28 16.00 -8.51 -15.10
N TYR E 29 16.73 -8.57 -16.22
CA TYR E 29 16.67 -7.55 -17.30
C TYR E 29 16.24 -8.22 -18.59
N ASP E 30 15.81 -7.36 -19.52
CA ASP E 30 15.65 -7.70 -20.90
C ASP E 30 17.00 -7.58 -21.65
N CYS E 31 16.96 -7.84 -22.93
CA CYS E 31 18.18 -7.78 -23.77
C CYS E 31 18.46 -6.36 -24.29
N GLN E 32 19.68 -6.19 -24.84
CA GLN E 32 20.12 -4.88 -25.30
C GLN E 32 19.09 -4.14 -26.19
N PRO E 33 18.50 -4.76 -27.21
CA PRO E 33 17.58 -4.01 -28.05
C PRO E 33 16.43 -3.38 -27.35
N ALA E 34 15.95 -4.03 -26.26
CA ALA E 34 14.86 -3.46 -25.52
C ALA E 34 15.23 -2.13 -24.92
N GLY E 35 16.46 -2.07 -24.35
CA GLY E 35 16.92 -0.81 -23.80
C GLY E 35 17.17 0.29 -24.85
N ALA E 36 17.65 -0.15 -26.01
CA ALA E 36 17.79 0.83 -27.12
C ALA E 36 16.46 1.36 -27.53
N GLN E 37 15.40 0.54 -27.53
CA GLN E 37 14.06 1.04 -27.82
C GLN E 37 13.62 2.05 -26.77
N TYR E 38 13.88 1.75 -25.50
CA TYR E 38 13.52 2.71 -24.43
C TYR E 38 14.22 4.06 -24.62
N ALA E 39 15.49 4.05 -24.98
CA ALA E 39 16.18 5.29 -25.21
C ALA E 39 15.50 6.06 -26.30
N GLY E 40 15.16 5.39 -27.40
CA GLY E 40 14.60 6.07 -28.57
C GLY E 40 13.20 6.62 -28.39
N ILE E 41 12.36 5.95 -27.59
CA ILE E 41 11.03 6.45 -27.45
C ILE E 41 10.93 7.80 -26.68
N GLY E 42 12.02 8.21 -26.03
CA GLY E 42 12.07 9.47 -25.40
C GLY E 42 12.43 10.68 -26.26
N ILE E 43 12.58 10.43 -27.55
CA ILE E 43 12.92 11.51 -28.53
C ILE E 43 11.68 11.85 -29.29
N LYS E 44 11.42 13.16 -29.37
CA LYS E 44 10.33 13.63 -30.18
C LYS E 44 10.57 13.32 -31.64
N ASP E 45 9.47 12.93 -32.33
CA ASP E 45 9.54 12.67 -33.77
C ASP E 45 10.50 11.58 -34.08
N CYS E 46 10.58 10.56 -33.22
CA CYS E 46 11.44 9.41 -33.36
C CYS E 46 10.58 8.17 -33.37
N ILE E 47 10.85 7.24 -34.28
CA ILE E 47 10.30 5.89 -34.27
C ILE E 47 11.49 4.96 -34.46
N PRO E 48 11.91 4.26 -33.43
CA PRO E 48 12.97 3.25 -33.61
C PRO E 48 12.56 2.16 -34.58
N LEU E 49 13.54 1.62 -35.31
CA LEU E 49 13.34 0.55 -36.23
C LEU E 49 14.29 -0.60 -35.81
N VAL E 50 13.60 -1.68 -35.37
CA VAL E 50 14.35 -2.81 -34.78
C VAL E 50 14.53 -3.86 -35.86
N HIS E 51 15.79 -4.04 -36.25
CA HIS E 51 16.14 -4.90 -37.35
C HIS E 51 16.31 -6.32 -36.86
N GLY E 52 15.32 -7.11 -37.10
CA GLY E 52 15.29 -8.49 -36.65
C GLY E 52 13.89 -9.05 -36.76
N GLY E 53 13.66 -10.16 -36.08
CA GLY E 53 12.36 -10.76 -36.11
C GLY E 53 11.35 -9.90 -35.34
N GLN E 54 10.09 -10.19 -35.61
CA GLN E 54 8.97 -9.34 -35.15
C GLN E 54 8.80 -9.31 -33.62
N GLY E 55 9.14 -10.40 -32.95
CA GLY E 55 8.95 -10.47 -31.53
C GLY E 55 9.86 -9.45 -30.81
N CYS E 56 11.04 -9.19 -31.40
CA CYS E 56 11.97 -8.30 -30.80
C CYS E 56 11.40 -6.88 -30.63
N THR E 57 10.46 -6.51 -31.48
CA THR E 57 9.70 -5.30 -31.37
C THR E 57 8.45 -5.44 -30.51
N MET E 58 7.60 -6.39 -30.88
CA MET E 58 6.27 -6.36 -30.28
C MET E 58 6.30 -6.68 -28.79
N PHE E 59 7.14 -7.60 -28.34
CA PHE E 59 7.24 -7.89 -26.93
C PHE E 59 7.71 -6.69 -26.17
N VAL E 60 8.57 -5.82 -26.71
CA VAL E 60 9.06 -4.67 -25.99
C VAL E 60 8.02 -3.58 -25.98
N ARG E 61 7.26 -3.40 -27.04
CA ARG E 61 6.11 -2.46 -26.98
C ARG E 61 5.16 -2.89 -25.86
N LEU E 62 4.96 -4.18 -25.70
CA LEU E 62 4.11 -4.67 -24.57
C LEU E 62 4.73 -4.34 -23.25
N LEU E 63 6.01 -4.60 -23.11
CA LEU E 63 6.70 -4.27 -21.87
C LEU E 63 6.52 -2.80 -21.48
N PHE E 64 6.66 -1.90 -22.43
CA PHE E 64 6.44 -0.51 -22.13
C PHE E 64 5.01 -0.22 -21.72
N ALA E 65 4.07 -0.85 -22.36
CA ALA E 65 2.67 -0.71 -21.97
C ALA E 65 2.46 -1.25 -20.58
N GLN E 66 3.13 -2.31 -20.18
CA GLN E 66 3.00 -2.79 -18.79
C GLN E 66 3.51 -1.76 -17.82
N HIS E 67 4.65 -1.16 -18.04
CA HIS E 67 5.18 -0.22 -17.06
C HIS E 67 4.43 1.09 -17.00
N PHE E 68 4.16 1.66 -18.19
CA PHE E 68 3.61 3.00 -18.29
C PHE E 68 2.12 3.05 -18.52
N LYS E 69 1.49 1.96 -18.89
CA LYS E 69 0.10 1.92 -19.33
C LYS E 69 -0.16 2.89 -20.52
N GLU E 70 0.83 2.88 -21.42
CA GLU E 70 0.74 3.65 -22.65
C GLU E 70 1.36 2.91 -23.81
N ASN E 71 0.85 3.28 -24.99
CA ASN E 71 1.46 2.92 -26.23
C ASN E 71 2.64 3.79 -26.59
N PHE E 72 3.69 3.15 -27.13
CA PHE E 72 4.82 3.82 -27.76
C PHE E 72 5.08 3.20 -29.11
N ASP E 73 5.39 4.03 -30.09
CA ASP E 73 5.63 3.60 -31.46
C ASP E 73 7.06 3.16 -31.68
N VAL E 74 7.18 1.89 -32.07
CA VAL E 74 8.43 1.22 -32.46
C VAL E 74 8.09 0.36 -33.63
N ALA E 75 8.91 0.34 -34.69
CA ALA E 75 8.66 -0.49 -35.86
C ALA E 75 9.69 -1.62 -35.99
N SER E 76 9.29 -2.65 -36.72
CA SER E 76 10.12 -3.81 -37.03
C SER E 76 10.56 -3.84 -38.52
N THR E 77 11.71 -4.43 -38.78
CA THR E 77 12.02 -4.75 -40.17
C THR E 77 11.43 -6.06 -40.62
N SER E 78 10.84 -6.83 -39.71
CA SER E 78 10.15 -8.04 -40.10
C SER E 78 11.11 -8.99 -40.82
N LEU E 79 12.20 -9.34 -40.23
CA LEU E 79 13.06 -10.38 -40.78
C LEU E 79 12.32 -11.67 -40.91
N HIS E 80 12.32 -12.27 -42.10
CA HIS E 80 11.68 -13.56 -42.36
C HIS E 80 12.78 -14.53 -42.82
N GLU E 81 12.32 -15.74 -43.25
CA GLU E 81 13.32 -16.79 -43.55
C GLU E 81 14.23 -16.45 -44.70
N GLU E 82 13.65 -15.77 -45.73
CA GLU E 82 14.46 -15.44 -46.88
C GLU E 82 15.61 -14.54 -46.46
N SER E 83 15.29 -13.47 -45.73
N SER E 83 15.32 -13.47 -45.72
CA SER E 83 16.28 -12.52 -45.32
CA SER E 83 16.35 -12.58 -45.26
C SER E 83 17.29 -13.07 -44.26
C SER E 83 17.33 -13.13 -44.27
N ALA E 84 16.81 -14.01 -43.43
CA ALA E 84 17.68 -14.69 -42.48
C ALA E 84 18.78 -15.54 -43.17
N VAL E 85 18.45 -16.07 -44.37
CA VAL E 85 19.42 -16.81 -45.15
C VAL E 85 20.26 -16.00 -46.08
N PHE E 86 19.62 -15.02 -46.74
CA PHE E 86 20.27 -14.28 -47.83
C PHE E 86 20.59 -12.87 -47.49
N GLY E 87 20.30 -12.41 -46.26
CA GLY E 87 20.66 -11.09 -45.80
C GLY E 87 19.45 -10.17 -45.71
N GLY E 88 19.45 -9.34 -44.71
CA GLY E 88 18.37 -8.44 -44.42
C GLY E 88 18.43 -7.01 -44.76
N ALA E 89 19.43 -6.58 -45.50
CA ALA E 89 19.59 -5.21 -45.82
C ALA E 89 18.36 -4.65 -46.51
N LYS E 90 17.67 -5.38 -47.36
CA LYS E 90 16.52 -4.82 -48.00
C LYS E 90 15.33 -4.65 -47.08
N ARG E 91 15.29 -5.40 -45.98
CA ARG E 91 14.23 -5.20 -45.01
C ARG E 91 14.43 -3.89 -44.23
N VAL E 92 15.71 -3.58 -43.87
CA VAL E 92 16.01 -2.34 -43.24
C VAL E 92 15.66 -1.19 -44.17
N GLU E 93 16.11 -1.28 -45.42
CA GLU E 93 15.95 -0.19 -46.35
C GLU E 93 14.51 0.06 -46.65
N GLU E 94 13.71 -0.97 -46.88
CA GLU E 94 12.30 -0.81 -47.07
C GLU E 94 11.65 -0.24 -45.81
N GLY E 95 12.02 -0.74 -44.62
CA GLY E 95 11.39 -0.25 -43.45
C GLY E 95 11.58 1.27 -43.18
N VAL E 96 12.82 1.71 -43.47
CA VAL E 96 13.11 3.16 -43.37
C VAL E 96 12.19 3.95 -44.27
N LEU E 97 12.06 3.54 -45.53
CA LEU E 97 11.25 4.24 -46.51
C LEU E 97 9.78 4.20 -46.18
N VAL E 98 9.29 3.01 -45.70
CA VAL E 98 7.90 2.92 -45.33
C VAL E 98 7.59 3.85 -44.16
N LEU E 99 8.48 3.88 -43.18
CA LEU E 99 8.33 4.85 -42.10
C LEU E 99 8.25 6.29 -42.61
N ALA E 100 9.25 6.67 -43.41
CA ALA E 100 9.26 8.06 -43.85
C ALA E 100 8.07 8.43 -44.68
N ARG E 101 7.60 7.52 -45.51
CA ARG E 101 6.46 7.77 -46.35
C ARG E 101 5.18 7.95 -45.58
N ARG E 102 5.01 7.22 -44.48
CA ARG E 102 3.77 7.19 -43.75
C ARG E 102 3.70 8.08 -42.53
N TYR E 103 4.86 8.57 -42.09
CA TYR E 103 5.01 9.44 -40.95
C TYR E 103 5.77 10.67 -41.42
N PRO E 104 5.00 11.67 -41.95
CA PRO E 104 5.63 12.87 -42.57
C PRO E 104 6.43 13.71 -41.58
N ASN E 105 6.17 13.60 -40.30
CA ASN E 105 6.86 14.42 -39.34
C ASN E 105 8.03 13.68 -38.67
N LEU E 106 8.28 12.43 -39.10
CA LEU E 106 9.38 11.66 -38.51
C LEU E 106 10.73 12.27 -38.83
N ARG E 107 11.58 12.40 -37.84
CA ARG E 107 12.91 12.96 -37.93
C ARG E 107 14.07 12.09 -37.55
N VAL E 108 13.86 11.09 -36.64
CA VAL E 108 14.92 10.30 -36.14
C VAL E 108 14.56 8.83 -36.16
N ILE E 109 15.42 8.01 -36.71
CA ILE E 109 15.24 6.56 -36.72
C ILE E 109 16.50 5.88 -36.28
N PRO E 110 16.58 5.52 -34.95
CA PRO E 110 17.66 4.62 -34.48
C PRO E 110 17.39 3.25 -35.11
N ILE E 111 18.37 2.69 -35.81
CA ILE E 111 18.25 1.41 -36.44
C ILE E 111 19.01 0.44 -35.52
N ILE E 112 18.16 -0.36 -34.83
CA ILE E 112 18.63 -1.18 -33.66
C ILE E 112 18.79 -2.61 -34.11
N THR E 113 20.00 -3.14 -33.97
CA THR E 113 20.25 -4.49 -34.34
C THR E 113 19.74 -5.47 -33.24
N THR E 114 19.62 -6.73 -33.60
CA THR E 114 19.19 -7.78 -32.71
C THR E 114 20.18 -8.91 -32.81
N CYS E 115 19.95 -9.99 -32.00
CA CYS E 115 20.79 -11.15 -32.17
C CYS E 115 20.77 -11.63 -33.61
N SER E 116 19.65 -11.73 -34.28
CA SER E 116 19.59 -12.32 -35.60
C SER E 116 20.46 -11.53 -36.59
N THR E 117 20.37 -10.19 -36.54
CA THR E 117 21.01 -9.41 -37.60
C THR E 117 22.41 -9.16 -37.28
N GLU E 118 22.85 -9.29 -36.04
CA GLU E 118 24.22 -9.35 -35.67
C GLU E 118 24.86 -10.68 -36.09
N VAL E 119 24.21 -11.80 -35.91
CA VAL E 119 24.75 -13.09 -36.32
C VAL E 119 24.92 -13.10 -37.83
N ILE E 120 23.93 -12.67 -38.62
CA ILE E 120 24.07 -12.74 -40.04
C ILE E 120 24.95 -11.65 -40.64
N GLY E 121 25.35 -10.67 -39.85
CA GLY E 121 26.35 -9.70 -40.34
C GLY E 121 25.79 -8.65 -41.28
N ASP E 122 24.53 -8.29 -41.20
CA ASP E 122 24.04 -7.23 -42.08
C ASP E 122 24.80 -5.97 -41.83
N ASP E 123 25.06 -5.26 -42.93
CA ASP E 123 25.90 -4.06 -42.80
C ASP E 123 25.01 -2.86 -42.68
N ILE E 124 24.79 -2.44 -41.43
CA ILE E 124 23.88 -1.43 -41.09
C ILE E 124 24.29 -0.07 -41.66
N GLU E 125 25.56 0.20 -41.51
CA GLU E 125 26.10 1.50 -42.00
C GLU E 125 25.94 1.63 -43.52
N GLY E 126 26.12 0.49 -44.21
CA GLY E 126 25.90 0.52 -45.65
C GLY E 126 24.43 0.75 -46.00
N SER E 127 23.50 0.05 -45.23
CA SER E 127 22.12 0.29 -45.47
C SER E 127 21.78 1.79 -45.18
N ILE E 128 22.39 2.40 -44.17
CA ILE E 128 22.15 3.81 -43.93
C ILE E 128 22.61 4.68 -45.10
N ARG E 129 23.72 4.30 -45.72
CA ARG E 129 24.13 5.13 -46.90
C ARG E 129 23.10 5.01 -47.99
N VAL E 130 22.64 3.82 -48.24
CA VAL E 130 21.63 3.58 -49.24
C VAL E 130 20.38 4.35 -48.96
N CYS E 131 19.94 4.28 -47.68
CA CYS E 131 18.71 5.00 -47.28
C CYS E 131 18.89 6.52 -47.36
N ASN E 132 20.05 7.02 -46.97
CA ASN E 132 20.26 8.46 -47.04
C ASN E 132 20.12 8.94 -48.52
N ARG E 133 20.77 8.18 -49.42
CA ARG E 133 20.58 8.56 -50.84
C ARG E 133 19.17 8.49 -51.28
N ALA E 134 18.43 7.45 -50.92
CA ALA E 134 17.07 7.29 -51.32
C ALA E 134 16.20 8.37 -50.76
N LEU E 135 16.38 8.67 -49.47
CA LEU E 135 15.58 9.67 -48.81
C LEU E 135 15.88 11.09 -49.34
N GLU E 136 17.16 11.38 -49.69
CA GLU E 136 17.47 12.71 -50.23
C GLU E 136 16.85 12.91 -51.60
N ALA E 137 16.74 11.84 -52.35
CA ALA E 137 16.10 11.92 -53.64
C ALA E 137 14.59 12.02 -53.55
N GLU E 138 14.00 11.24 -52.68
CA GLU E 138 12.57 11.19 -52.58
C GLU E 138 11.96 12.33 -51.82
N PHE E 139 12.68 12.81 -50.81
CA PHE E 139 12.22 13.87 -49.89
C PHE E 139 13.27 14.97 -49.76
N PRO E 140 13.42 15.76 -50.84
CA PRO E 140 14.55 16.72 -50.83
C PRO E 140 14.45 17.75 -49.76
N ASP E 141 13.28 17.99 -49.26
CA ASP E 141 13.03 19.01 -48.15
C ASP E 141 12.96 18.48 -46.74
N ARG E 142 13.37 17.24 -46.55
CA ARG E 142 13.39 16.67 -45.22
C ARG E 142 14.72 16.23 -44.87
N LYS E 143 14.98 16.17 -43.58
CA LYS E 143 16.17 15.60 -43.05
C LYS E 143 15.74 14.56 -42.01
N ILE E 144 16.17 13.33 -42.22
CA ILE E 144 15.93 12.20 -41.31
C ILE E 144 17.22 11.68 -40.84
N TYR E 145 17.44 11.60 -39.53
CA TYR E 145 18.63 11.16 -38.91
C TYR E 145 18.57 9.66 -38.70
N LEU E 146 19.41 8.86 -39.27
CA LEU E 146 19.48 7.42 -39.11
C LEU E 146 20.68 7.12 -38.30
N ALA E 147 20.48 6.51 -37.13
CA ALA E 147 21.59 6.20 -36.21
C ALA E 147 21.80 4.73 -36.11
N PRO E 148 23.01 4.24 -36.37
CA PRO E 148 23.26 2.79 -36.28
C PRO E 148 23.40 2.42 -34.79
N VAL E 149 22.60 1.49 -34.33
CA VAL E 149 22.69 1.08 -32.94
C VAL E 149 22.98 -0.42 -32.85
N HIS E 150 24.20 -0.78 -32.51
CA HIS E 150 24.65 -2.16 -32.46
C HIS E 150 24.42 -2.74 -31.08
N THR E 151 23.38 -3.60 -31.01
CA THR E 151 22.89 -4.15 -29.76
C THR E 151 22.69 -5.64 -29.82
N PRO E 152 23.73 -6.38 -30.13
CA PRO E 152 23.57 -7.84 -29.99
C PRO E 152 23.06 -8.26 -28.62
N SER E 153 22.05 -9.13 -28.57
CA SER E 153 21.47 -9.48 -27.30
C SER E 153 22.22 -10.49 -26.48
N PHE E 154 23.23 -11.09 -27.10
CA PHE E 154 24.10 -12.06 -26.48
C PHE E 154 25.29 -11.39 -25.75
N LYS E 155 25.24 -10.05 -25.56
CA LYS E 155 26.12 -9.36 -24.67
C LYS E 155 25.30 -8.41 -23.81
N GLY E 156 25.74 -8.11 -22.61
CA GLY E 156 25.12 -7.04 -21.85
C GLY E 156 23.66 -7.30 -21.53
N SER E 157 22.89 -6.22 -21.58
CA SER E 157 21.49 -6.27 -21.14
C SER E 157 20.75 -5.02 -21.63
N HIS E 158 19.51 -4.85 -21.24
CA HIS E 158 18.85 -3.64 -21.62
C HIS E 158 19.52 -2.40 -21.03
N VAL E 159 20.26 -2.52 -19.95
CA VAL E 159 20.97 -1.40 -19.36
C VAL E 159 22.02 -0.94 -20.40
N THR E 160 22.85 -1.87 -20.84
CA THR E 160 23.88 -1.50 -21.82
C THR E 160 23.30 -1.06 -23.12
N GLY E 161 22.17 -1.64 -23.52
CA GLY E 161 21.59 -1.20 -24.78
C GLY E 161 21.03 0.20 -24.73
N TYR E 162 20.45 0.59 -23.59
CA TYR E 162 20.02 1.95 -23.42
C TYR E 162 21.25 2.87 -23.56
N ALA E 163 22.30 2.59 -22.87
CA ALA E 163 23.47 3.46 -22.93
C ALA E 163 24.01 3.53 -24.37
N GLU E 164 24.05 2.40 -25.07
CA GLU E 164 24.58 2.39 -26.43
C GLU E 164 23.71 3.25 -27.34
N CYS E 165 22.41 3.16 -27.21
CA CYS E 165 21.50 3.85 -28.09
C CYS E 165 21.62 5.37 -27.84
N VAL E 166 21.63 5.82 -26.59
CA VAL E 166 21.80 7.22 -26.31
C VAL E 166 23.09 7.68 -26.97
N LYS E 167 24.18 6.99 -26.77
CA LYS E 167 25.43 7.41 -27.31
C LYS E 167 25.40 7.50 -28.83
N SER E 168 24.86 6.50 -29.47
CA SER E 168 24.81 6.52 -30.94
C SER E 168 23.94 7.61 -31.48
N VAL E 169 22.80 7.86 -30.91
CA VAL E 169 21.95 8.94 -31.38
C VAL E 169 22.67 10.29 -31.15
N PHE E 170 23.29 10.49 -30.03
CA PHE E 170 24.01 11.75 -29.80
C PHE E 170 25.14 11.83 -30.82
N LYS E 171 25.90 10.80 -31.04
CA LYS E 171 27.01 10.87 -32.02
C LYS E 171 26.41 11.26 -33.37
N THR E 172 25.35 10.63 -33.80
CA THR E 172 24.79 10.89 -35.13
C THR E 172 24.36 12.35 -35.28
N ILE E 173 23.60 12.84 -34.31
CA ILE E 173 23.01 14.18 -34.44
C ILE E 173 24.11 15.23 -34.26
N THR E 174 24.99 15.07 -33.30
CA THR E 174 26.05 16.04 -33.10
C THR E 174 27.09 15.97 -34.23
N ASP E 175 27.32 14.80 -34.84
CA ASP E 175 28.18 14.76 -36.03
C ASP E 175 27.62 15.68 -37.09
N ALA E 176 26.33 15.73 -37.28
CA ALA E 176 25.68 16.49 -38.32
C ALA E 176 25.72 17.98 -38.06
N HIS E 177 25.69 18.41 -36.78
CA HIS E 177 25.52 19.80 -36.46
C HIS E 177 26.77 20.42 -35.93
N GLY E 178 27.63 19.68 -35.22
CA GLY E 178 28.86 20.19 -34.64
C GLY E 178 28.60 21.18 -33.53
N LYS E 179 29.67 21.85 -33.16
CA LYS E 179 29.77 22.82 -32.11
C LYS E 179 29.50 24.22 -32.64
N GLY E 180 28.76 24.95 -31.89
CA GLY E 180 28.40 26.40 -32.28
C GLY E 180 28.34 27.35 -31.16
N GLN E 181 27.17 28.02 -31.01
CA GLN E 181 27.09 29.01 -29.96
C GLN E 181 26.93 28.38 -28.56
N PRO E 182 27.76 28.81 -27.56
CA PRO E 182 27.54 28.28 -26.21
C PRO E 182 26.13 28.52 -25.78
N SER E 183 25.51 27.51 -25.12
CA SER E 183 24.14 27.64 -24.73
C SER E 183 23.91 28.16 -23.33
N GLY E 184 24.90 28.02 -22.53
CA GLY E 184 24.72 28.34 -21.08
C GLY E 184 24.01 27.28 -20.28
N LYS E 185 23.66 26.16 -20.93
CA LYS E 185 22.86 25.11 -20.23
C LYS E 185 23.70 23.92 -19.82
N LEU E 186 23.16 23.22 -18.80
CA LEU E 186 23.72 21.92 -18.47
C LEU E 186 23.08 20.85 -19.39
N ASN E 187 23.90 19.85 -19.71
CA ASN E 187 23.32 18.56 -20.18
C ASN E 187 23.10 17.69 -18.93
N VAL E 188 21.98 16.99 -18.84
CA VAL E 188 21.75 16.11 -17.70
C VAL E 188 21.33 14.76 -18.23
N PHE E 189 22.06 13.73 -17.89
CA PHE E 189 21.72 12.33 -18.24
C PHE E 189 21.29 11.65 -16.89
N PRO E 190 19.97 11.61 -16.64
CA PRO E 190 19.53 10.99 -15.38
C PRO E 190 19.57 9.49 -15.40
N GLY E 191 19.74 8.89 -16.58
CA GLY E 191 19.64 7.45 -16.73
C GLY E 191 18.19 7.06 -16.92
N TRP E 192 18.00 5.78 -16.65
CA TRP E 192 16.71 5.10 -16.85
C TRP E 192 15.85 5.34 -15.60
N VAL E 193 15.06 6.36 -15.59
CA VAL E 193 14.24 6.80 -14.46
C VAL E 193 12.79 6.98 -14.90
N ASN E 194 11.88 7.29 -13.95
CA ASN E 194 10.50 7.42 -14.25
C ASN E 194 10.18 8.86 -14.61
N PRO E 195 9.04 9.10 -15.24
CA PRO E 195 8.54 10.46 -15.42
C PRO E 195 8.55 11.28 -14.13
N GLY E 196 8.17 10.70 -13.03
CA GLY E 196 8.20 11.48 -11.77
C GLY E 196 9.58 11.91 -11.35
N ASP E 197 10.60 11.13 -11.70
CA ASP E 197 11.99 11.51 -11.42
C ASP E 197 12.36 12.75 -12.27
N VAL E 198 11.96 12.71 -13.54
CA VAL E 198 12.22 13.88 -14.46
C VAL E 198 11.49 15.10 -13.96
N VAL E 199 10.27 15.01 -13.50
CA VAL E 199 9.51 16.12 -12.92
C VAL E 199 10.26 16.69 -11.78
N LEU E 200 10.75 15.86 -10.89
CA LEU E 200 11.56 16.34 -9.74
C LEU E 200 12.81 17.06 -10.20
N LEU E 201 13.55 16.48 -11.13
CA LEU E 201 14.77 17.14 -11.51
C LEU E 201 14.47 18.49 -12.12
N LYS E 202 13.46 18.58 -12.96
CA LYS E 202 13.11 19.86 -13.55
C LYS E 202 12.80 20.91 -12.48
N ARG E 203 12.09 20.52 -11.42
CA ARG E 203 11.82 21.41 -10.30
C ARG E 203 13.13 21.85 -9.67
N TYR E 204 14.04 20.95 -9.41
CA TYR E 204 15.31 21.34 -8.74
C TYR E 204 16.07 22.33 -9.61
N PHE E 205 16.13 22.11 -10.90
CA PHE E 205 16.87 23.07 -11.75
C PHE E 205 16.12 24.41 -11.79
N LYS E 206 14.85 24.41 -11.85
CA LYS E 206 14.12 25.61 -11.81
C LYS E 206 14.30 26.42 -10.53
N GLU E 207 14.20 25.77 -9.40
CA GLU E 207 14.46 26.43 -8.14
C GLU E 207 15.85 26.91 -7.97
N MET E 208 16.83 26.29 -8.56
CA MET E 208 18.19 26.76 -8.57
C MET E 208 18.51 27.74 -9.69
N ASP E 209 17.52 28.04 -10.52
CA ASP E 209 17.80 28.97 -11.66
C ASP E 209 18.85 28.50 -12.57
N VAL E 210 18.85 27.19 -12.85
CA VAL E 210 19.85 26.57 -13.71
C VAL E 210 19.15 26.06 -14.96
N GLU E 211 19.52 26.54 -16.15
CA GLU E 211 18.98 26.03 -17.39
C GLU E 211 19.66 24.71 -17.72
N ALA E 212 18.79 23.77 -18.11
CA ALA E 212 19.28 22.38 -18.37
C ALA E 212 18.41 21.70 -19.38
N ASN E 213 18.99 20.74 -20.14
CA ASN E 213 18.19 19.79 -20.89
C ASN E 213 18.36 18.44 -20.16
N ILE E 214 17.22 17.76 -19.99
CA ILE E 214 17.27 16.46 -19.42
C ILE E 214 17.10 15.44 -20.54
N TYR E 215 18.04 14.51 -20.63
CA TYR E 215 18.07 13.59 -21.78
C TYR E 215 17.80 12.18 -21.33
N MET E 216 16.67 11.55 -21.69
CA MET E 216 15.59 12.07 -22.45
C MET E 216 14.47 12.60 -21.58
N ASP E 217 13.71 13.53 -22.08
CA ASP E 217 12.67 14.18 -21.28
C ASP E 217 11.39 13.36 -21.52
N THR E 218 11.12 12.48 -20.57
CA THR E 218 10.00 11.55 -20.62
C THR E 218 8.80 11.97 -19.80
N GLU E 219 8.71 13.26 -19.39
CA GLU E 219 7.63 13.69 -18.53
C GLU E 219 6.26 13.34 -19.16
N ASP E 220 6.11 13.61 -20.50
CA ASP E 220 4.84 13.44 -21.16
C ASP E 220 4.52 11.99 -21.51
N PHE E 221 5.30 11.04 -21.05
CA PHE E 221 4.87 9.65 -21.13
C PHE E 221 3.63 9.44 -20.30
N ASP E 222 3.46 10.23 -19.23
CA ASP E 222 2.20 10.22 -18.50
C ASP E 222 1.28 11.25 -19.10
N SER E 223 0.60 10.89 -20.18
CA SER E 223 -0.09 11.84 -20.99
C SER E 223 -1.55 11.97 -20.59
N PRO E 224 -2.14 13.14 -20.79
CA PRO E 224 -3.53 13.28 -20.46
C PRO E 224 -4.50 12.62 -21.45
N MET E 225 -5.70 12.35 -21.02
CA MET E 225 -6.86 12.07 -21.86
C MET E 225 -7.60 13.39 -21.99
N LEU E 226 -7.51 14.06 -23.16
CA LEU E 226 -7.86 15.45 -23.31
C LEU E 226 -9.19 15.60 -24.04
N PRO E 227 -9.88 16.70 -23.82
CA PRO E 227 -11.17 16.92 -24.50
C PRO E 227 -11.07 16.84 -26.03
N ASN E 228 -9.96 17.30 -26.58
CA ASN E 228 -9.81 17.34 -28.07
C ASN E 228 -9.28 16.05 -28.65
N LYS E 229 -9.07 15.02 -27.82
CA LYS E 229 -8.68 13.70 -28.26
C LYS E 229 -7.22 13.68 -28.80
N SER E 230 -6.43 14.66 -28.47
CA SER E 230 -5.07 14.69 -28.96
C SER E 230 -4.22 13.67 -28.16
N ILE E 231 -3.20 13.20 -28.86
CA ILE E 231 -2.26 12.27 -28.33
C ILE E 231 -0.96 12.99 -28.01
N GLU E 232 -0.54 13.02 -26.75
CA GLU E 232 0.60 13.75 -26.33
C GLU E 232 1.72 12.88 -25.72
N THR E 233 1.58 11.57 -25.96
CA THR E 233 2.42 10.56 -25.30
C THR E 233 3.78 10.45 -26.01
N HIS E 234 4.58 11.44 -25.94
CA HIS E 234 5.78 11.49 -26.69
C HIS E 234 6.96 11.95 -25.86
N GLY E 235 8.12 11.64 -26.34
CA GLY E 235 9.30 12.25 -25.78
C GLY E 235 9.33 13.73 -26.06
N ARG E 236 9.96 14.55 -25.24
CA ARG E 236 10.03 15.94 -25.47
C ARG E 236 11.43 16.29 -25.96
N THR E 237 12.40 15.43 -25.94
CA THR E 237 13.75 15.79 -26.39
C THR E 237 13.77 15.84 -27.88
N THR E 238 14.16 16.99 -28.45
CA THR E 238 14.16 17.16 -29.88
C THR E 238 15.57 16.97 -30.47
N VAL E 239 15.61 16.86 -31.81
CA VAL E 239 16.86 16.95 -32.52
C VAL E 239 17.70 18.13 -32.04
N GLU E 240 17.01 19.28 -32.00
CA GLU E 240 17.68 20.53 -31.65
C GLU E 240 18.28 20.46 -30.23
N ASP E 241 17.49 19.90 -29.27
CA ASP E 241 18.02 19.68 -27.93
C ASP E 241 19.25 18.84 -27.87
N ILE E 242 19.20 17.71 -28.61
CA ILE E 242 20.34 16.79 -28.67
C ILE E 242 21.58 17.51 -29.30
N ALA E 243 21.33 18.19 -30.42
CA ALA E 243 22.46 18.93 -31.07
C ALA E 243 23.09 19.93 -30.17
N ASP E 244 22.25 20.56 -29.35
CA ASP E 244 22.75 21.57 -28.43
C ASP E 244 23.61 21.05 -27.32
N SER E 245 23.64 19.75 -27.11
CA SER E 245 24.50 19.20 -26.11
C SER E 245 25.98 19.46 -26.31
N ALA E 246 26.34 19.73 -27.59
CA ALA E 246 27.74 20.04 -27.90
C ALA E 246 28.13 21.45 -27.35
N ASN E 247 27.13 22.24 -27.02
CA ASN E 247 27.28 23.67 -26.63
C ASN E 247 27.09 23.91 -25.19
N ALA E 248 26.91 22.89 -24.38
CA ALA E 248 26.62 23.00 -22.97
C ALA E 248 27.83 23.50 -22.15
N LEU E 249 27.48 24.07 -20.99
CA LEU E 249 28.46 24.46 -20.03
C LEU E 249 29.19 23.29 -19.47
N ALA E 250 28.45 22.15 -19.24
CA ALA E 250 28.94 20.99 -18.56
C ALA E 250 27.82 19.91 -18.76
N THR E 251 28.26 18.66 -18.54
CA THR E 251 27.30 17.52 -18.40
C THR E 251 27.29 17.04 -16.98
N LEU E 252 26.09 16.83 -16.47
CA LEU E 252 25.91 16.17 -15.16
C LEU E 252 25.35 14.75 -15.54
N SER E 253 26.16 13.76 -15.26
CA SER E 253 25.77 12.39 -15.49
C SER E 253 25.42 11.74 -14.17
N LEU E 254 24.19 11.27 -14.02
CA LEU E 254 23.71 10.67 -12.74
C LEU E 254 23.88 9.20 -12.69
N ALA E 255 24.16 8.52 -13.78
CA ALA E 255 24.11 7.09 -13.83
C ALA E 255 25.30 6.57 -14.61
N ARG E 256 26.22 5.93 -13.92
CA ARG E 256 27.43 5.39 -14.55
C ARG E 256 27.13 4.46 -15.68
N TYR E 257 26.10 3.67 -15.54
CA TYR E 257 25.80 2.61 -16.53
C TYR E 257 24.70 3.01 -17.49
N GLU E 258 24.19 4.22 -17.35
CA GLU E 258 23.00 4.63 -18.14
C GLU E 258 23.16 6.07 -18.63
N GLY E 259 24.27 6.33 -19.31
CA GLY E 259 24.45 7.60 -20.00
C GLY E 259 25.75 8.31 -19.76
N ASN E 260 26.47 7.97 -18.74
CA ASN E 260 27.75 8.55 -18.54
C ASN E 260 28.64 8.40 -19.77
N THR E 261 28.57 7.31 -20.52
CA THR E 261 29.42 7.18 -21.69
C THR E 261 29.06 8.28 -22.76
N THR E 262 27.88 8.78 -22.79
CA THR E 262 27.54 9.88 -23.65
C THR E 262 28.17 11.14 -23.11
N GLY E 263 28.07 11.39 -21.83
CA GLY E 263 28.76 12.53 -21.27
C GLY E 263 30.26 12.43 -21.60
N GLU E 264 30.89 11.29 -21.53
N GLU E 264 30.88 11.29 -21.52
CA GLU E 264 32.25 11.17 -21.83
CA GLU E 264 32.25 11.10 -21.85
C GLU E 264 32.57 11.46 -23.32
C GLU E 264 32.57 11.46 -23.32
N LEU E 265 31.70 11.01 -24.19
CA LEU E 265 31.84 11.27 -25.62
C LEU E 265 31.75 12.79 -25.88
N LEU E 266 30.84 13.48 -25.24
CA LEU E 266 30.75 14.92 -25.45
C LEU E 266 31.92 15.63 -24.87
N GLN E 267 32.50 15.16 -23.81
CA GLN E 267 33.74 15.70 -23.33
C GLN E 267 34.89 15.52 -24.32
N LYS E 268 35.02 14.32 -24.82
CA LYS E 268 36.11 14.06 -25.73
C LYS E 268 35.93 14.86 -27.05
N THR E 269 34.73 14.95 -27.58
CA THR E 269 34.51 15.45 -28.91
C THR E 269 34.42 16.98 -28.88
N PHE E 270 33.79 17.55 -27.85
CA PHE E 270 33.38 18.96 -27.82
C PHE E 270 33.95 19.68 -26.63
N ALA E 271 34.72 19.05 -25.76
CA ALA E 271 35.30 19.68 -24.58
C ALA E 271 34.22 20.20 -23.65
N VAL E 272 33.07 19.54 -23.58
CA VAL E 272 32.05 19.79 -22.55
C VAL E 272 32.42 18.97 -21.31
N PRO E 273 32.80 19.60 -20.22
CA PRO E 273 33.28 18.77 -19.06
C PRO E 273 32.11 17.94 -18.51
N ASN E 274 32.44 16.64 -18.35
CA ASN E 274 31.45 15.68 -17.75
C ASN E 274 31.70 15.50 -16.28
N ALA E 275 30.63 15.62 -15.49
CA ALA E 275 30.73 15.34 -14.04
C ALA E 275 29.73 14.14 -13.76
N LEU E 276 30.34 13.01 -13.47
CA LEU E 276 29.59 11.83 -13.04
C LEU E 276 29.44 11.93 -11.50
N VAL E 277 28.26 11.84 -11.02
CA VAL E 277 27.99 11.79 -9.61
C VAL E 277 27.26 10.52 -9.25
N ASN E 278 27.22 10.17 -7.96
CA ASN E 278 26.37 9.10 -7.53
C ASN E 278 24.91 9.35 -7.89
N THR E 279 24.24 8.30 -8.32
CA THR E 279 22.88 8.44 -8.66
C THR E 279 22.11 8.91 -7.38
N PRO E 280 21.23 9.92 -7.48
CA PRO E 280 20.70 10.60 -6.30
C PRO E 280 19.56 9.86 -5.59
N TYR E 281 19.85 8.67 -5.11
CA TYR E 281 18.94 8.00 -4.21
C TYR E 281 19.44 8.24 -2.78
N GLY E 282 18.54 8.69 -1.97
CA GLY E 282 18.85 9.03 -0.59
C GLY E 282 19.33 10.46 -0.42
N ILE E 283 19.60 10.81 0.82
CA ILE E 283 19.87 12.18 1.18
C ILE E 283 21.28 12.62 0.75
N LYS E 284 22.29 11.88 1.20
CA LYS E 284 23.69 12.27 0.91
C LYS E 284 23.91 12.35 -0.61
N ASN E 285 23.41 11.38 -1.34
CA ASN E 285 23.65 11.42 -2.80
C ASN E 285 22.96 12.64 -3.43
N THR E 286 21.77 12.99 -2.96
CA THR E 286 21.11 14.17 -3.45
C THR E 286 21.91 15.41 -3.02
N ASP E 287 22.36 15.52 -1.79
CA ASP E 287 23.18 16.63 -1.40
C ASP E 287 24.34 16.81 -2.34
N ASP E 288 25.05 15.70 -2.58
CA ASP E 288 26.27 15.77 -3.38
C ASP E 288 25.96 16.18 -4.85
N MET E 289 24.83 15.73 -5.39
CA MET E 289 24.41 16.17 -6.70
C MET E 289 24.20 17.69 -6.73
N LEU E 290 23.53 18.22 -5.76
CA LEU E 290 23.23 19.64 -5.71
C LEU E 290 24.52 20.41 -5.46
N ARG E 291 25.45 19.93 -4.69
CA ARG E 291 26.76 20.55 -4.51
C ARG E 291 27.48 20.65 -5.86
N LYS E 292 27.43 19.55 -6.64
CA LYS E 292 28.16 19.55 -7.90
C LYS E 292 27.46 20.54 -8.84
N ILE E 293 26.15 20.58 -8.89
CA ILE E 293 25.44 21.56 -9.70
C ILE E 293 25.89 23.00 -9.34
N ALA E 294 25.93 23.31 -8.08
CA ALA E 294 26.34 24.63 -7.60
C ALA E 294 27.76 24.88 -8.05
N GLU E 295 28.67 23.93 -7.91
CA GLU E 295 30.04 24.13 -8.26
C GLU E 295 30.19 24.44 -9.76
N VAL E 296 29.52 23.72 -10.60
CA VAL E 296 29.75 23.83 -12.03
C VAL E 296 29.04 25.09 -12.57
N THR E 297 27.94 25.54 -11.96
CA THR E 297 27.15 26.63 -12.46
C THR E 297 27.45 27.93 -11.75
N GLY E 298 28.01 27.84 -10.58
CA GLY E 298 28.11 29.07 -9.75
C GLY E 298 26.81 29.55 -9.09
N LYS E 299 25.73 28.81 -9.19
CA LYS E 299 24.47 29.10 -8.59
C LYS E 299 24.40 28.53 -7.17
N GLU E 300 23.79 29.27 -6.30
CA GLU E 300 23.58 28.80 -4.90
C GLU E 300 22.42 27.78 -4.82
N ILE E 301 22.49 26.86 -3.83
CA ILE E 301 21.36 25.98 -3.57
C ILE E 301 20.37 26.82 -2.83
N PRO E 302 19.13 26.82 -3.24
CA PRO E 302 18.13 27.62 -2.61
C PRO E 302 17.54 27.08 -1.31
N GLU E 303 16.98 27.94 -0.48
CA GLU E 303 16.30 27.60 0.75
C GLU E 303 15.21 26.58 0.50
N SER E 304 14.47 26.64 -0.62
CA SER E 304 13.42 25.70 -0.87
C SER E 304 13.90 24.27 -0.85
N LEU E 305 15.10 24.02 -1.31
CA LEU E 305 15.63 22.65 -1.30
C LEU E 305 16.08 22.24 0.10
N VAL E 306 16.66 23.18 0.87
CA VAL E 306 16.94 22.90 2.28
C VAL E 306 15.66 22.52 2.99
N ARG E 307 14.56 23.16 2.71
CA ARG E 307 13.25 22.84 3.28
C ARG E 307 12.75 21.47 2.80
N GLU E 308 12.81 21.18 1.51
CA GLU E 308 12.35 19.87 1.04
C GLU E 308 13.18 18.75 1.67
N ARG E 309 14.46 18.98 1.79
CA ARG E 309 15.33 18.07 2.49
C ARG E 309 14.91 17.82 3.94
N GLY E 310 14.64 18.94 4.60
CA GLY E 310 14.23 18.86 5.98
C GLY E 310 12.91 18.14 6.18
N ILE E 311 11.95 18.33 5.27
CA ILE E 311 10.69 17.64 5.32
C ILE E 311 10.88 16.16 5.14
N ALA E 312 11.75 15.78 4.19
CA ALA E 312 12.08 14.39 3.99
C ALA E 312 12.70 13.77 5.25
N LEU E 313 13.70 14.47 5.82
CA LEU E 313 14.33 13.95 7.02
C LEU E 313 13.31 13.80 8.17
N ASP E 314 12.41 14.76 8.28
CA ASP E 314 11.40 14.71 9.35
C ASP E 314 10.58 13.46 9.21
N ALA E 315 10.15 13.16 7.97
CA ALA E 315 9.33 11.99 7.69
C ALA E 315 10.09 10.71 7.93
N LEU E 316 11.32 10.62 7.49
CA LEU E 316 12.09 9.47 7.70
C LEU E 316 12.45 9.19 9.14
N ALA E 317 12.56 10.26 9.92
CA ALA E 317 12.90 10.11 11.33
C ALA E 317 11.71 9.50 12.10
N ASP E 318 10.48 9.64 11.60
CA ASP E 318 9.31 8.98 12.20
C ASP E 318 9.34 7.47 11.98
N LEU E 319 10.22 6.96 11.11
CA LEU E 319 10.22 5.56 10.70
C LEU E 319 11.49 4.81 11.07
N ALA E 320 12.65 5.46 11.05
CA ALA E 320 13.91 4.72 11.01
C ALA E 320 14.14 3.81 12.25
N HIS E 321 14.25 4.39 13.45
CA HIS E 321 14.54 3.54 14.60
C HIS E 321 13.33 2.72 15.03
N MET E 322 12.13 3.22 14.81
CA MET E 322 10.95 2.51 15.20
C MET E 322 10.72 1.30 14.34
N PHE E 323 10.65 1.43 13.01
CA PHE E 323 10.25 0.35 12.14
C PHE E 323 11.34 -0.25 11.27
N PHE E 324 12.41 0.52 10.99
CA PHE E 324 13.39 0.05 10.02
C PHE E 324 14.62 -0.57 10.59
N ALA E 325 15.02 -0.14 11.80
CA ALA E 325 16.29 -0.60 12.34
C ALA E 325 16.35 -2.06 12.41
N ASN E 326 17.52 -2.59 11.96
CA ASN E 326 17.82 -3.98 11.98
C ASN E 326 17.01 -4.88 11.03
N LYS E 327 16.21 -4.30 10.17
CA LYS E 327 15.45 -5.04 9.18
C LYS E 327 16.33 -5.34 7.95
N LYS E 328 16.24 -6.58 7.48
CA LYS E 328 17.09 -7.08 6.42
C LYS E 328 16.40 -6.95 5.09
N VAL E 329 17.14 -6.38 4.13
CA VAL E 329 16.57 -6.03 2.83
C VAL E 329 17.38 -6.68 1.73
N ALA E 330 16.68 -7.16 0.70
CA ALA E 330 17.28 -7.53 -0.60
C ALA E 330 16.81 -6.53 -1.63
N ILE E 331 17.76 -6.13 -2.51
CA ILE E 331 17.46 -5.15 -3.54
C ILE E 331 17.89 -5.68 -4.88
N PHE E 332 17.04 -5.55 -5.92
CA PHE E 332 17.45 -5.89 -7.26
C PHE E 332 16.92 -4.88 -8.24
N GLY E 333 17.65 -4.77 -9.38
CA GLY E 333 17.31 -3.77 -10.36
C GLY E 333 18.59 -3.34 -11.10
N HIS E 334 18.45 -2.21 -11.82
CA HIS E 334 19.60 -1.67 -12.55
C HIS E 334 20.72 -1.37 -11.55
N PRO E 335 21.98 -1.49 -11.99
CA PRO E 335 23.07 -1.28 -11.05
C PRO E 335 23.14 0.06 -10.38
N ASP E 336 22.90 1.14 -11.07
CA ASP E 336 22.88 2.48 -10.43
C ASP E 336 21.82 2.57 -9.34
N LEU E 337 20.69 1.97 -9.61
CA LEU E 337 19.54 1.99 -8.65
C LEU E 337 19.85 1.06 -7.47
N VAL E 338 20.41 -0.11 -7.70
CA VAL E 338 20.70 -1.01 -6.61
C VAL E 338 21.70 -0.38 -5.68
N LEU E 339 22.78 0.12 -6.19
CA LEU E 339 23.80 0.70 -5.38
C LEU E 339 23.30 1.95 -4.65
N GLY E 340 22.57 2.79 -5.35
CA GLY E 340 22.04 3.95 -4.69
C GLY E 340 21.00 3.66 -3.63
N LEU E 341 20.09 2.71 -3.92
CA LEU E 341 19.09 2.35 -2.90
C LEU E 341 19.79 1.72 -1.69
N ALA E 342 20.86 0.96 -1.87
CA ALA E 342 21.51 0.40 -0.71
C ALA E 342 22.04 1.53 0.19
N GLN E 343 22.56 2.58 -0.39
CA GLN E 343 23.00 3.73 0.36
C GLN E 343 21.83 4.43 1.07
N PHE E 344 20.75 4.64 0.42
CA PHE E 344 19.54 5.17 1.04
C PHE E 344 19.08 4.32 2.21
N CYS E 345 19.09 3.03 2.01
CA CYS E 345 18.60 2.12 3.08
C CYS E 345 19.44 2.30 4.33
N MET E 346 20.74 2.44 4.22
CA MET E 346 21.56 2.59 5.40
C MET E 346 21.32 3.92 6.08
N GLU E 347 20.96 4.98 5.41
CA GLU E 347 20.62 6.24 6.03
C GLU E 347 19.43 6.12 6.97
N VAL E 348 18.53 5.21 6.70
CA VAL E 348 17.35 5.06 7.51
C VAL E 348 17.37 3.78 8.35
N GLU E 349 18.56 3.21 8.55
CA GLU E 349 18.84 2.08 9.45
C GLU E 349 18.36 0.74 8.93
N LEU E 350 17.88 0.65 7.69
CA LEU E 350 17.72 -0.62 7.07
C LEU E 350 19.04 -1.28 6.75
N GLU E 351 19.05 -2.60 6.62
CA GLU E 351 20.25 -3.39 6.39
C GLU E 351 20.15 -4.14 5.06
N PRO E 352 20.73 -3.55 4.01
CA PRO E 352 20.66 -4.15 2.68
C PRO E 352 21.71 -5.22 2.55
N VAL E 353 21.40 -6.47 2.92
CA VAL E 353 22.32 -7.53 3.03
C VAL E 353 22.52 -8.31 1.74
N LEU E 354 21.59 -8.14 0.78
CA LEU E 354 21.70 -8.86 -0.48
C LEU E 354 21.38 -7.90 -1.62
N LEU E 355 22.30 -7.66 -2.52
CA LEU E 355 22.11 -6.77 -3.65
C LEU E 355 22.31 -7.65 -4.87
N LEU E 356 21.37 -7.62 -5.83
CA LEU E 356 21.44 -8.42 -7.02
C LEU E 356 21.44 -7.53 -8.25
N ILE E 357 22.47 -7.72 -9.10
CA ILE E 357 22.64 -6.99 -10.31
C ILE E 357 22.69 -7.98 -11.43
N GLY E 358 21.95 -7.75 -12.55
CA GLY E 358 21.55 -8.79 -13.41
C GLY E 358 22.27 -9.07 -14.71
N ASP E 359 23.48 -8.60 -14.91
CA ASP E 359 24.16 -8.81 -16.19
C ASP E 359 25.65 -9.04 -16.06
N ASP E 360 26.29 -9.20 -17.19
CA ASP E 360 27.67 -9.64 -17.35
C ASP E 360 28.75 -8.55 -17.18
N GLN E 361 28.36 -7.44 -16.55
CA GLN E 361 29.28 -6.32 -16.44
C GLN E 361 30.04 -6.26 -15.10
N GLY E 362 30.25 -7.40 -14.46
CA GLY E 362 30.88 -7.46 -13.17
C GLY E 362 32.29 -6.88 -13.14
N ASN E 363 33.04 -6.90 -14.23
CA ASN E 363 34.36 -6.29 -14.16
C ASN E 363 34.20 -4.81 -13.92
N LYS E 364 33.15 -4.19 -14.44
CA LYS E 364 32.90 -2.80 -14.13
C LYS E 364 32.41 -2.61 -12.75
N TYR E 365 31.47 -3.45 -12.27
CA TYR E 365 30.84 -3.20 -10.98
C TYR E 365 31.86 -3.36 -9.84
N LYS E 366 32.88 -4.21 -10.06
CA LYS E 366 33.90 -4.35 -9.00
C LYS E 366 34.69 -3.12 -8.78
N LYS E 367 34.73 -2.27 -9.77
CA LYS E 367 35.45 -0.96 -9.70
C LYS E 367 34.61 0.22 -9.37
N ASP E 368 33.31 -0.01 -9.15
CA ASP E 368 32.39 1.10 -8.85
C ASP E 368 32.83 1.69 -7.51
N PRO E 369 33.00 3.01 -7.43
CA PRO E 369 33.38 3.56 -6.14
C PRO E 369 32.39 3.42 -5.05
N ARG E 370 31.12 3.15 -5.39
CA ARG E 370 30.12 2.98 -4.37
C ARG E 370 30.33 1.73 -3.57
N ILE E 371 31.01 0.73 -4.12
CA ILE E 371 31.30 -0.50 -3.35
C ILE E 371 32.09 -0.17 -2.11
N GLU E 372 33.14 0.62 -2.28
CA GLU E 372 33.93 1.04 -1.11
C GLU E 372 33.11 1.92 -0.21
N GLU E 373 32.26 2.77 -0.73
CA GLU E 373 31.38 3.60 0.10
C GLU E 373 30.49 2.75 0.96
N LEU E 374 29.96 1.64 0.38
CA LEU E 374 29.10 0.76 1.11
C LEU E 374 29.98 0.03 2.21
N LYS E 375 31.17 -0.45 1.88
CA LYS E 375 32.10 -1.13 2.84
C LYS E 375 32.33 -0.17 4.02
N ASN E 376 32.51 1.11 3.81
CA ASN E 376 32.84 2.05 4.91
C ASN E 376 31.65 2.50 5.74
N THR E 377 30.42 2.16 5.32
CA THR E 377 29.19 2.59 6.03
C THR E 377 28.42 1.36 6.54
N ALA E 378 28.81 0.11 6.18
CA ALA E 378 28.03 -1.07 6.61
C ALA E 378 28.46 -1.56 7.96
N HIS E 379 27.40 -1.83 8.76
N HIS E 379 27.57 -2.09 8.81
CA HIS E 379 27.49 -2.41 10.09
CA HIS E 379 28.06 -2.79 10.08
C HIS E 379 27.26 -4.00 10.09
C HIS E 379 27.73 -4.28 10.09
N PHE E 380 27.39 -4.69 8.90
CA PHE E 380 26.92 -6.04 8.65
C PHE E 380 27.47 -6.38 7.28
N ASP E 381 27.62 -7.68 7.06
CA ASP E 381 28.10 -8.09 5.76
C ASP E 381 27.03 -7.90 4.65
N ILE E 382 27.53 -7.56 3.44
CA ILE E 382 26.63 -7.42 2.26
C ILE E 382 27.11 -8.44 1.25
N GLU E 383 26.22 -9.15 0.63
CA GLU E 383 26.59 -9.95 -0.54
C GLU E 383 25.99 -9.24 -1.80
N ILE E 384 26.85 -9.01 -2.82
CA ILE E 384 26.43 -8.48 -4.11
C ILE E 384 26.60 -9.54 -5.11
N VAL E 385 25.52 -10.05 -5.64
CA VAL E 385 25.53 -11.07 -6.68
C VAL E 385 25.44 -10.37 -8.00
N HIS E 386 26.42 -10.50 -8.88
CA HIS E 386 26.35 -9.95 -10.25
C HIS E 386 26.15 -11.09 -11.23
N ASN E 387 25.72 -10.74 -12.46
CA ASN E 387 25.19 -11.69 -13.36
C ASN E 387 23.97 -12.48 -12.73
N ALA E 388 23.30 -11.88 -11.83
CA ALA E 388 22.23 -12.56 -11.11
C ALA E 388 20.97 -12.69 -11.93
N ASP E 389 20.21 -13.73 -11.69
CA ASP E 389 18.83 -13.81 -12.06
C ASP E 389 17.96 -13.77 -10.82
N LEU E 390 16.66 -13.80 -10.97
CA LEU E 390 15.79 -13.67 -9.80
C LEU E 390 15.65 -15.05 -9.14
N TRP E 391 16.00 -16.13 -9.78
CA TRP E 391 16.02 -17.40 -9.09
C TRP E 391 17.06 -17.32 -8.02
N GLU E 392 18.16 -16.57 -8.20
N GLU E 392 18.20 -16.64 -8.21
CA GLU E 392 19.12 -16.52 -7.18
CA GLU E 392 19.16 -16.53 -7.16
C GLU E 392 18.56 -15.93 -5.87
C GLU E 392 18.51 -16.01 -5.86
N LEU E 393 17.68 -15.01 -5.93
CA LEU E 393 16.97 -14.53 -4.77
C LEU E 393 16.10 -15.61 -4.14
N GLU E 394 15.26 -16.22 -4.95
CA GLU E 394 14.33 -17.24 -4.47
C GLU E 394 15.11 -18.41 -3.84
N LYS E 395 16.17 -18.85 -4.45
CA LYS E 395 16.92 -19.97 -3.95
C LYS E 395 17.55 -19.60 -2.63
N ARG E 396 18.01 -18.38 -2.44
CA ARG E 396 18.62 -18.00 -1.13
C ARG E 396 17.57 -17.95 -0.05
N ILE E 397 16.38 -17.44 -0.36
CA ILE E 397 15.31 -17.47 0.63
C ILE E 397 14.93 -18.94 0.93
N ASN E 398 14.86 -19.79 -0.04
CA ASN E 398 14.53 -21.19 0.17
C ASN E 398 15.59 -21.85 1.11
N ALA E 399 16.83 -21.43 1.00
CA ALA E 399 17.92 -21.97 1.80
C ALA E 399 17.98 -21.39 3.18
N GLY E 400 17.16 -20.42 3.49
CA GLY E 400 17.03 -19.88 4.84
C GLY E 400 17.42 -18.42 5.08
N LEU E 401 17.65 -17.67 4.00
CA LEU E 401 17.96 -16.25 4.20
C LEU E 401 16.69 -15.58 4.70
N GLN E 402 16.82 -14.89 5.81
CA GLN E 402 15.64 -14.27 6.44
C GLN E 402 15.64 -12.77 6.08
N LEU E 403 14.65 -12.38 5.28
CA LEU E 403 14.46 -10.99 4.83
C LEU E 403 13.23 -10.41 5.37
N ASP E 404 13.27 -9.14 5.70
CA ASP E 404 12.14 -8.38 6.11
C ASP E 404 11.50 -7.55 4.97
N LEU E 405 12.25 -7.37 3.88
CA LEU E 405 11.78 -6.49 2.79
C LEU E 405 12.55 -6.86 1.55
N ILE E 406 11.83 -6.78 0.43
CA ILE E 406 12.46 -6.86 -0.92
C ILE E 406 12.12 -5.50 -1.61
N MET E 407 13.11 -4.97 -2.30
CA MET E 407 12.92 -3.80 -3.14
C MET E 407 13.36 -4.21 -4.54
N GLY E 408 12.40 -4.17 -5.49
CA GLY E 408 12.72 -4.54 -6.88
C GLY E 408 11.54 -4.32 -7.77
N HIS E 409 11.72 -4.71 -9.06
CA HIS E 409 10.68 -4.55 -10.02
C HIS E 409 9.66 -5.69 -9.99
N SER E 410 8.57 -5.50 -10.74
CA SER E 410 7.43 -6.37 -10.62
C SER E 410 7.67 -7.75 -11.09
N LYS E 411 8.65 -8.04 -11.98
CA LYS E 411 8.84 -9.42 -12.35
C LYS E 411 9.38 -10.28 -11.24
N GLY E 412 9.78 -9.70 -10.10
CA GLY E 412 10.06 -10.50 -8.93
C GLY E 412 8.90 -10.74 -7.96
N ARG E 413 7.70 -10.27 -8.35
CA ARG E 413 6.63 -10.28 -7.41
C ARG E 413 6.31 -11.65 -6.78
N TYR E 414 6.34 -12.73 -7.54
CA TYR E 414 5.98 -13.99 -6.97
C TYR E 414 6.96 -14.46 -5.95
N VAL E 415 8.20 -14.03 -5.99
CA VAL E 415 9.11 -14.44 -4.97
C VAL E 415 8.66 -13.90 -3.61
N ALA E 416 8.32 -12.61 -3.59
CA ALA E 416 7.86 -11.99 -2.36
C ALA E 416 6.52 -12.50 -1.94
N ILE E 417 5.57 -12.68 -2.84
CA ILE E 417 4.22 -13.13 -2.52
C ILE E 417 4.34 -14.51 -1.84
N GLU E 418 5.06 -15.45 -2.45
CA GLU E 418 5.16 -16.81 -1.94
C GLU E 418 5.92 -16.91 -0.64
N ALA E 419 6.93 -16.10 -0.46
CA ALA E 419 7.71 -16.12 0.77
C ALA E 419 7.06 -15.29 1.84
N ASN E 420 6.01 -14.56 1.55
CA ASN E 420 5.34 -13.69 2.48
C ASN E 420 6.25 -12.62 3.05
N ILE E 421 6.93 -11.93 2.12
CA ILE E 421 7.84 -10.86 2.48
C ILE E 421 7.30 -9.56 1.87
N PRO E 422 7.14 -8.47 2.58
CA PRO E 422 6.70 -7.22 1.95
C PRO E 422 7.68 -6.76 0.87
N MET E 423 7.12 -6.20 -0.17
CA MET E 423 7.95 -5.78 -1.27
C MET E 423 7.56 -4.39 -1.77
N VAL E 424 8.54 -3.53 -1.94
CA VAL E 424 8.33 -2.24 -2.52
C VAL E 424 8.84 -2.30 -3.98
N ARG E 425 7.98 -1.79 -4.88
CA ARG E 425 8.24 -1.79 -6.31
C ARG E 425 9.06 -0.58 -6.68
N VAL E 426 10.25 -0.86 -7.24
CA VAL E 426 11.22 0.16 -7.68
C VAL E 426 11.80 -0.25 -9.01
N GLY E 427 12.26 0.72 -9.75
CA GLY E 427 12.93 0.48 -11.01
C GLY E 427 11.89 0.06 -12.09
N PHE E 428 12.36 -0.79 -13.02
CA PHE E 428 11.61 -1.05 -14.26
C PHE E 428 11.51 -2.53 -14.48
N PRO E 429 10.36 -3.08 -14.81
CA PRO E 429 9.05 -2.47 -14.89
C PRO E 429 8.27 -2.65 -13.59
N THR E 430 7.44 -1.66 -13.28
CA THR E 430 6.58 -1.76 -12.12
C THR E 430 5.10 -1.80 -12.47
N PHE E 431 4.72 -2.84 -13.17
CA PHE E 431 3.39 -3.03 -13.69
C PHE E 431 2.31 -3.46 -12.75
N ASP E 432 2.71 -4.01 -11.58
CA ASP E 432 1.72 -4.61 -10.68
C ASP E 432 1.27 -3.69 -9.55
N ARG E 433 1.54 -2.42 -9.66
CA ARG E 433 0.96 -1.38 -8.83
C ARG E 433 0.59 -0.22 -9.70
N ALA E 434 -0.28 0.65 -9.20
CA ALA E 434 -0.75 1.74 -9.95
C ALA E 434 0.00 3.06 -9.64
N GLY E 435 0.37 3.77 -10.70
CA GLY E 435 0.86 5.11 -10.54
C GLY E 435 2.32 5.32 -10.18
N LEU E 436 3.14 4.25 -10.11
CA LEU E 436 4.48 4.40 -9.57
C LEU E 436 5.35 5.24 -10.50
N TYR E 437 5.07 5.21 -11.80
CA TYR E 437 5.83 5.96 -12.75
C TYR E 437 5.72 7.47 -12.48
N ARG E 438 4.72 7.93 -11.76
CA ARG E 438 4.53 9.32 -11.47
C ARG E 438 5.19 9.73 -10.18
N LYS E 439 5.67 8.83 -9.36
CA LYS E 439 6.19 9.12 -8.05
C LYS E 439 7.69 9.21 -8.14
N PRO E 440 8.32 10.26 -7.68
CA PRO E 440 9.77 10.30 -7.67
C PRO E 440 10.36 9.24 -6.69
N SER E 441 11.49 8.70 -7.05
CA SER E 441 12.33 7.89 -6.17
C SER E 441 13.67 8.56 -5.86
N ILE E 442 14.14 9.42 -6.76
CA ILE E 442 15.40 10.16 -6.50
C ILE E 442 15.06 11.44 -5.78
N GLY E 443 16.12 12.09 -5.32
CA GLY E 443 15.94 13.39 -4.61
C GLY E 443 15.44 13.30 -3.20
N TYR E 444 15.19 14.43 -2.60
CA TYR E 444 14.66 14.43 -1.23
C TYR E 444 13.23 13.97 -1.18
N GLN E 445 12.36 14.49 -2.02
CA GLN E 445 11.00 14.02 -2.07
C GLN E 445 10.95 12.52 -2.35
N GLY E 446 11.83 12.10 -3.27
CA GLY E 446 11.84 10.70 -3.61
C GLY E 446 12.30 9.81 -2.46
N ALA E 447 13.30 10.23 -1.69
CA ALA E 447 13.71 9.47 -0.51
C ALA E 447 12.52 9.33 0.47
N MET E 448 11.82 10.41 0.65
CA MET E 448 10.65 10.42 1.53
C MET E 448 9.59 9.46 1.01
N GLU E 449 9.29 9.55 -0.26
CA GLU E 449 8.29 8.69 -0.87
C GLU E 449 8.70 7.21 -0.78
N LEU E 450 9.94 6.89 -1.01
CA LEU E 450 10.43 5.55 -0.85
C LEU E 450 10.30 5.06 0.59
N GLY E 451 10.74 5.88 1.53
CA GLY E 451 10.65 5.46 2.89
C GLY E 451 9.19 5.22 3.33
N GLU E 452 8.28 6.06 2.88
CA GLU E 452 6.88 5.90 3.27
C GLU E 452 6.29 4.71 2.57
N MET E 453 6.69 4.40 1.32
CA MET E 453 6.25 3.14 0.72
C MET E 453 6.71 1.90 1.49
N ILE E 454 7.96 1.96 1.94
CA ILE E 454 8.48 0.85 2.74
C ILE E 454 7.63 0.67 4.04
N ALA E 455 7.46 1.78 4.73
CA ALA E 455 6.71 1.70 6.01
C ALA E 455 5.31 1.22 5.71
N ASN E 456 4.63 1.74 4.69
CA ASN E 456 3.25 1.35 4.46
C ASN E 456 3.16 -0.09 4.03
N ALA E 457 4.13 -0.64 3.30
CA ALA E 457 4.12 -2.01 2.97
C ALA E 457 4.31 -2.87 4.25
N MET E 458 5.22 -2.42 5.15
CA MET E 458 5.39 -3.16 6.42
C MET E 458 4.11 -3.08 7.28
N PHE E 459 3.46 -1.94 7.28
CA PHE E 459 2.28 -1.78 8.07
C PHE E 459 1.18 -2.72 7.60
N ALA E 460 0.94 -2.76 6.28
CA ALA E 460 -0.05 -3.65 5.78
C ALA E 460 0.31 -5.06 6.14
N HIS E 461 1.57 -5.44 6.03
CA HIS E 461 2.00 -6.80 6.32
C HIS E 461 1.75 -7.13 7.81
N MET E 462 2.00 -6.19 8.69
CA MET E 462 1.71 -6.42 10.14
C MET E 462 0.23 -6.70 10.32
N GLU E 463 -0.61 -6.01 9.60
CA GLU E 463 -2.06 -6.24 9.71
C GLU E 463 -2.45 -7.62 9.18
N TYR E 464 -2.02 -7.92 7.97
CA TYR E 464 -2.41 -9.20 7.36
C TYR E 464 -1.90 -10.37 8.15
N THR E 465 -0.74 -10.25 8.76
CA THR E 465 -0.11 -11.38 9.48
C THR E 465 -0.38 -11.30 11.00
N ARG E 466 -1.09 -10.30 11.44
CA ARG E 466 -1.38 -10.09 12.91
C ARG E 466 -0.10 -10.05 13.70
N ASN E 467 0.88 -9.26 13.26
CA ASN E 467 2.14 -9.15 13.92
C ASN E 467 2.23 -7.82 14.59
N LYS E 468 1.77 -7.79 15.84
CA LYS E 468 1.77 -6.55 16.62
C LYS E 468 1.07 -5.41 15.90
N GLU E 469 -0.06 -5.75 15.27
CA GLU E 469 -0.78 -4.77 14.45
C GLU E 469 -1.34 -3.57 15.27
N TRP E 470 -1.47 -3.82 16.59
CA TRP E 470 -1.92 -2.82 17.55
C TRP E 470 -0.90 -1.70 17.77
N ILE E 471 0.34 -1.85 17.24
CA ILE E 471 1.40 -0.89 17.51
C ILE E 471 1.30 0.35 16.59
N LEU E 472 0.42 0.32 15.58
CA LEU E 472 0.35 1.40 14.57
C LEU E 472 -0.49 2.59 15.02
N ASN E 473 -0.56 2.82 16.32
CA ASN E 473 -1.42 3.86 16.88
C ASN E 473 -0.68 5.14 17.29
N THR E 474 0.42 5.04 18.03
CA THR E 474 1.08 6.17 18.66
C THR E 474 2.54 6.18 18.39
N TRP E 475 2.94 5.76 17.16
CA TRP E 475 4.25 5.93 16.61
C TRP E 475 4.42 7.29 16.17
N GLN F 3 -37.11 -15.62 -51.85
CA GLN F 3 -35.98 -16.57 -51.89
C GLN F 3 -36.42 -18.05 -51.78
N SER F 4 -35.66 -18.92 -52.46
CA SER F 4 -36.02 -20.31 -52.61
C SER F 4 -35.66 -21.03 -51.32
N HIS F 5 -36.21 -22.21 -51.22
CA HIS F 5 -35.86 -23.11 -50.14
C HIS F 5 -34.34 -23.41 -50.10
N LEU F 6 -33.79 -23.67 -51.24
CA LEU F 6 -32.37 -23.92 -51.33
C LEU F 6 -31.60 -22.62 -50.90
N ASP F 7 -32.01 -21.40 -51.26
CA ASP F 7 -31.41 -20.18 -50.76
C ASP F 7 -31.42 -20.15 -49.27
N ASP F 8 -32.51 -20.51 -48.65
CA ASP F 8 -32.61 -20.52 -47.15
C ASP F 8 -31.63 -21.50 -46.53
N LEU F 9 -31.54 -22.65 -47.10
CA LEU F 9 -30.56 -23.67 -46.57
C LEU F 9 -29.10 -23.14 -46.70
N PHE F 10 -28.77 -22.60 -47.86
CA PHE F 10 -27.45 -22.12 -48.12
C PHE F 10 -27.08 -21.00 -47.18
N ALA F 11 -27.96 -20.07 -46.95
CA ALA F 11 -27.70 -18.96 -46.09
C ALA F 11 -27.55 -19.39 -44.68
N TYR F 12 -28.29 -20.40 -44.26
CA TYR F 12 -28.13 -20.96 -42.93
C TYR F 12 -26.74 -21.61 -42.78
N VAL F 13 -26.36 -22.44 -43.70
CA VAL F 13 -25.07 -23.15 -43.58
C VAL F 13 -23.95 -22.09 -43.53
N GLU F 14 -24.00 -21.10 -44.37
CA GLU F 14 -22.91 -20.17 -44.47
C GLU F 14 -22.75 -19.38 -43.22
N GLU F 15 -23.82 -18.96 -42.58
CA GLU F 15 -23.73 -18.18 -41.42
C GLU F 15 -23.50 -18.97 -40.12
N ARG F 16 -23.82 -20.22 -40.11
CA ARG F 16 -23.84 -20.97 -38.86
C ARG F 16 -22.76 -22.07 -38.80
N CYS F 17 -22.49 -22.78 -39.89
CA CYS F 17 -21.77 -24.01 -39.79
C CYS F 17 -20.23 -23.76 -40.02
N LEU F 18 -19.43 -24.71 -39.49
CA LEU F 18 -18.01 -24.71 -39.63
C LEU F 18 -17.43 -25.84 -40.39
N TRP F 19 -18.21 -26.90 -40.57
CA TRP F 19 -17.71 -28.13 -41.14
C TRP F 19 -17.38 -28.00 -42.64
N GLN F 20 -17.94 -27.00 -43.30
CA GLN F 20 -17.61 -26.80 -44.71
C GLN F 20 -16.36 -25.99 -44.86
N PHE F 21 -15.73 -25.58 -43.74
CA PHE F 21 -14.54 -24.71 -43.74
C PHE F 21 -13.35 -25.42 -43.10
N PHE F 22 -13.32 -26.76 -43.15
CA PHE F 22 -12.16 -27.51 -42.68
C PHE F 22 -10.93 -27.19 -43.54
N SER F 23 -9.78 -27.72 -43.15
CA SER F 23 -8.50 -27.19 -43.56
C SER F 23 -8.12 -27.47 -44.98
N ARG F 24 -8.65 -28.53 -45.57
CA ARG F 24 -8.26 -28.98 -46.88
C ARG F 24 -9.45 -29.41 -47.73
N THR F 25 -9.28 -29.36 -49.03
CA THR F 25 -10.35 -29.75 -49.96
C THR F 25 -10.97 -31.07 -49.66
N TRP F 26 -10.13 -32.09 -49.38
CA TRP F 26 -10.62 -33.43 -49.18
C TRP F 26 -11.51 -33.48 -47.92
N ASP F 27 -11.17 -32.74 -46.88
CA ASP F 27 -11.95 -32.76 -45.68
C ASP F 27 -13.28 -31.96 -45.90
N ARG F 28 -13.25 -30.82 -46.61
CA ARG F 28 -14.45 -30.16 -46.96
C ARG F 28 -15.41 -31.06 -47.75
N GLU F 29 -14.88 -31.74 -48.74
CA GLU F 29 -15.68 -32.68 -49.57
C GLU F 29 -16.28 -33.75 -48.64
N GLU F 30 -15.46 -34.35 -47.80
CA GLU F 30 -15.96 -35.42 -46.97
C GLU F 30 -17.12 -34.92 -46.07
N ASN F 31 -16.99 -33.71 -45.51
CA ASN F 31 -17.93 -33.19 -44.61
C ASN F 31 -19.23 -32.78 -45.30
N ILE F 32 -19.12 -32.12 -46.46
CA ILE F 32 -20.30 -31.65 -47.22
C ILE F 32 -21.16 -32.92 -47.57
N GLU F 33 -20.52 -34.01 -48.01
CA GLU F 33 -21.23 -35.20 -48.37
C GLU F 33 -21.82 -35.83 -47.11
N GLY F 34 -20.96 -36.04 -46.09
CA GLY F 34 -21.38 -36.78 -44.93
C GLY F 34 -22.42 -36.14 -44.07
N VAL F 35 -22.24 -34.83 -43.80
CA VAL F 35 -23.21 -34.17 -43.00
C VAL F 35 -24.53 -34.08 -43.74
N LEU F 36 -24.51 -33.67 -44.98
CA LEU F 36 -25.77 -33.43 -45.70
C LEU F 36 -26.49 -34.79 -45.98
N ASN F 37 -25.80 -35.89 -46.14
CA ASN F 37 -26.53 -37.17 -46.29
C ASN F 37 -27.31 -37.46 -44.98
N GLN F 38 -26.68 -37.17 -43.84
CA GLN F 38 -27.38 -37.35 -42.57
C GLN F 38 -28.56 -36.40 -42.40
N VAL F 39 -28.38 -35.14 -42.85
CA VAL F 39 -29.46 -34.17 -42.78
C VAL F 39 -30.64 -34.74 -43.59
N GLY F 40 -30.35 -35.28 -44.76
CA GLY F 40 -31.45 -35.80 -45.59
C GLY F 40 -32.18 -36.93 -44.91
N ARG F 41 -31.48 -37.83 -44.23
CA ARG F 41 -32.12 -38.88 -43.41
C ARG F 41 -32.98 -38.36 -42.30
N LEU F 42 -32.46 -37.33 -41.60
CA LEU F 42 -33.16 -36.78 -40.49
C LEU F 42 -34.43 -36.07 -40.89
N LEU F 43 -34.40 -35.32 -42.01
CA LEU F 43 -35.44 -34.49 -42.39
C LEU F 43 -36.50 -35.37 -43.05
N THR F 44 -36.18 -36.58 -43.44
CA THR F 44 -37.26 -37.47 -44.07
C THR F 44 -37.57 -38.60 -43.14
N GLY F 45 -37.26 -38.46 -41.84
CA GLY F 45 -37.65 -39.47 -40.86
C GLY F 45 -36.98 -40.85 -40.98
N GLN F 46 -35.85 -40.95 -41.73
CA GLN F 46 -35.01 -42.19 -41.80
C GLN F 46 -33.99 -42.24 -40.66
N GLU F 47 -33.63 -43.41 -40.28
CA GLU F 47 -32.62 -43.61 -39.26
C GLU F 47 -31.24 -43.10 -39.73
N PRO F 48 -30.55 -42.32 -38.86
CA PRO F 48 -29.22 -41.88 -39.25
C PRO F 48 -28.21 -42.98 -39.17
N LEU F 49 -27.13 -42.86 -39.86
CA LEU F 49 -26.06 -43.77 -39.69
C LEU F 49 -25.30 -43.47 -38.42
N ARG F 50 -25.13 -44.48 -37.56
CA ARG F 50 -24.34 -44.31 -36.38
C ARG F 50 -23.37 -45.48 -36.13
N GLY F 51 -22.92 -46.16 -37.14
CA GLY F 51 -22.15 -47.34 -37.02
C GLY F 51 -20.68 -47.09 -36.78
N THR F 52 -20.09 -46.05 -37.32
CA THR F 52 -18.65 -45.74 -37.18
C THR F 52 -18.51 -44.38 -36.50
N PRO F 53 -17.34 -44.13 -35.85
CA PRO F 53 -17.16 -42.81 -35.22
C PRO F 53 -17.42 -41.68 -36.20
N GLN F 54 -16.93 -41.78 -37.43
CA GLN F 54 -17.16 -40.71 -38.37
C GLN F 54 -18.67 -40.49 -38.72
N GLU F 55 -19.38 -41.61 -38.88
CA GLU F 55 -20.78 -41.44 -39.08
C GLU F 55 -21.52 -40.78 -37.92
N ARG F 56 -21.09 -41.15 -36.68
CA ARG F 56 -21.66 -40.56 -35.52
C ARG F 56 -21.33 -39.05 -35.38
N LEU F 57 -20.17 -38.64 -35.88
CA LEU F 57 -19.90 -37.21 -35.96
C LEU F 57 -20.71 -36.49 -36.99
N PHE F 58 -20.81 -37.10 -38.18
CA PHE F 58 -21.73 -36.52 -39.16
C PHE F 58 -23.15 -36.35 -38.66
N TYR F 59 -23.59 -37.35 -37.89
CA TYR F 59 -24.92 -37.26 -37.27
C TYR F 59 -25.00 -36.11 -36.33
N ALA F 60 -23.98 -35.90 -35.52
CA ALA F 60 -23.98 -34.75 -34.56
C ALA F 60 -24.09 -33.43 -35.22
N ASP F 61 -23.27 -33.25 -36.26
CA ASP F 61 -23.35 -31.99 -37.02
C ASP F 61 -24.71 -31.85 -37.75
N ALA F 62 -25.20 -32.96 -38.35
CA ALA F 62 -26.45 -32.92 -39.10
C ALA F 62 -27.62 -32.63 -38.16
N LEU F 63 -27.62 -33.19 -36.95
CA LEU F 63 -28.75 -33.01 -36.05
C LEU F 63 -28.95 -31.59 -35.73
N ALA F 64 -27.83 -30.85 -35.47
CA ALA F 64 -27.99 -29.39 -35.26
C ALA F 64 -28.59 -28.71 -36.43
N MET F 65 -28.12 -29.05 -37.59
CA MET F 65 -28.61 -28.39 -38.81
C MET F 65 -30.16 -28.74 -38.98
N ALA F 66 -30.46 -30.00 -38.85
CA ALA F 66 -31.84 -30.44 -39.12
C ALA F 66 -32.79 -29.81 -38.15
N ASN F 67 -32.42 -29.76 -36.90
CA ASN F 67 -33.21 -29.09 -35.88
C ASN F 67 -33.36 -27.64 -36.16
N ASP F 68 -32.27 -26.95 -36.51
CA ASP F 68 -32.32 -25.53 -36.76
C ASP F 68 -33.20 -25.24 -38.00
N VAL F 69 -33.03 -25.97 -39.05
CA VAL F 69 -33.83 -25.68 -40.27
C VAL F 69 -35.31 -25.93 -39.96
N ARG F 70 -35.68 -26.97 -39.25
CA ARG F 70 -37.10 -27.20 -38.87
C ARG F 70 -37.61 -26.07 -37.99
N GLU F 71 -36.76 -25.47 -37.18
CA GLU F 71 -37.18 -24.36 -36.33
C GLU F 71 -37.35 -23.04 -37.13
N ARG F 72 -36.42 -22.83 -38.10
CA ARG F 72 -36.33 -21.56 -38.77
C ARG F 72 -37.33 -21.39 -39.91
N PHE F 73 -37.58 -22.46 -40.65
CA PHE F 73 -38.16 -22.37 -41.93
C PHE F 73 -39.45 -23.16 -41.92
N PRO F 74 -40.62 -22.45 -42.02
CA PRO F 74 -41.87 -23.23 -41.95
C PRO F 74 -41.98 -24.32 -42.93
N TRP F 75 -41.47 -24.02 -44.13
CA TRP F 75 -41.53 -25.00 -45.19
C TRP F 75 -40.85 -26.21 -44.88
N ALA F 76 -39.84 -26.22 -43.99
CA ALA F 76 -39.01 -27.47 -43.81
C ALA F 76 -39.65 -28.58 -43.10
N SER F 77 -40.73 -28.31 -42.39
CA SER F 77 -41.52 -29.42 -41.87
C SER F 77 -42.47 -30.03 -42.93
N GLN F 78 -43.32 -29.08 -43.45
CA GLN F 78 -44.48 -29.10 -44.45
C GLN F 78 -43.90 -29.05 -46.06
N VAL F 79 -42.93 -30.03 -46.22
CA VAL F 79 -42.25 -30.28 -47.48
C VAL F 79 -41.92 -31.73 -47.64
N ASN F 80 -41.68 -32.07 -48.92
CA ASN F 80 -41.64 -33.44 -49.38
C ASN F 80 -40.47 -34.17 -48.95
N LYS F 81 -40.49 -35.40 -49.44
CA LYS F 81 -39.25 -36.06 -49.52
C LYS F 81 -38.46 -35.89 -50.75
N GLU F 82 -39.04 -35.98 -51.92
CA GLU F 82 -38.28 -35.88 -53.10
C GLU F 82 -37.67 -34.39 -53.11
N GLU F 83 -38.16 -33.43 -52.23
CA GLU F 83 -37.77 -32.05 -52.35
C GLU F 83 -36.37 -32.17 -51.58
N ILE F 84 -36.25 -32.92 -50.47
CA ILE F 84 -34.99 -32.92 -49.60
C ILE F 84 -33.89 -33.35 -50.46
N GLU F 85 -34.10 -34.35 -51.29
CA GLU F 85 -33.24 -34.84 -52.29
C GLU F 85 -32.80 -33.81 -53.29
N PHE F 86 -33.75 -33.12 -53.89
CA PHE F 86 -33.47 -32.07 -54.83
C PHE F 86 -32.66 -30.99 -54.08
N LEU F 87 -33.12 -30.63 -52.89
CA LEU F 87 -32.51 -29.54 -52.21
C LEU F 87 -31.08 -29.86 -51.77
N LEU F 88 -30.87 -31.03 -51.25
CA LEU F 88 -29.57 -31.37 -50.76
C LEU F 88 -28.58 -31.57 -51.88
N ASP F 89 -29.00 -32.06 -53.04
CA ASP F 89 -28.13 -32.14 -54.22
C ASP F 89 -27.65 -30.71 -54.64
N GLY F 90 -28.65 -29.79 -54.62
CA GLY F 90 -28.33 -28.41 -54.95
C GLY F 90 -27.41 -27.79 -53.91
N LEU F 91 -27.63 -28.13 -52.66
CA LEU F 91 -26.88 -27.53 -51.61
C LEU F 91 -25.43 -28.08 -51.64
N LYS F 92 -25.24 -29.30 -51.84
CA LYS F 92 -23.92 -29.89 -52.00
C LYS F 92 -23.19 -29.17 -53.13
N SER F 93 -23.84 -28.97 -54.27
N SER F 93 -23.88 -28.98 -54.26
CA SER F 93 -23.15 -28.38 -55.42
CA SER F 93 -23.28 -28.39 -55.44
C SER F 93 -22.75 -26.90 -55.04
C SER F 93 -22.80 -26.92 -55.06
N ARG F 94 -23.65 -26.18 -54.42
N ARG F 94 -23.67 -26.17 -54.43
CA ARG F 94 -23.38 -24.83 -54.09
CA ARG F 94 -23.37 -24.83 -54.11
C ARG F 94 -22.22 -24.72 -53.04
C ARG F 94 -22.21 -24.74 -53.06
N LEU F 95 -22.23 -25.60 -52.06
CA LEU F 95 -21.14 -25.56 -51.05
C LEU F 95 -19.87 -25.99 -51.71
N VAL F 96 -19.82 -26.98 -52.54
CA VAL F 96 -18.56 -27.33 -53.18
C VAL F 96 -18.11 -26.09 -54.01
N ASP F 97 -19.03 -25.44 -54.75
CA ASP F 97 -18.61 -24.35 -55.57
C ASP F 97 -17.93 -23.22 -54.73
N VAL F 98 -18.54 -22.85 -53.59
CA VAL F 98 -18.04 -21.67 -52.87
C VAL F 98 -16.91 -21.99 -51.87
N THR F 99 -16.86 -23.21 -51.37
CA THR F 99 -15.81 -23.55 -50.41
C THR F 99 -14.64 -24.28 -51.02
N ILE F 100 -14.77 -24.71 -52.29
CA ILE F 100 -13.73 -25.48 -52.93
C ILE F 100 -13.39 -24.88 -54.27
N THR F 101 -14.32 -25.00 -55.21
CA THR F 101 -14.00 -24.69 -56.64
C THR F 101 -13.54 -23.27 -56.82
N ARG F 102 -14.23 -22.33 -56.21
CA ARG F 102 -13.96 -20.93 -56.37
C ARG F 102 -13.40 -20.25 -55.16
N SER F 103 -12.98 -21.04 -54.17
CA SER F 103 -12.25 -20.42 -53.00
C SER F 103 -10.86 -20.18 -53.45
N THR F 104 -10.37 -18.99 -53.10
CA THR F 104 -9.02 -18.63 -53.34
C THR F 104 -8.11 -18.95 -52.14
N ASN F 105 -8.61 -19.68 -51.16
CA ASN F 105 -7.77 -20.11 -50.04
C ASN F 105 -6.68 -21.04 -50.59
N ARG F 106 -5.42 -20.54 -50.53
CA ARG F 106 -4.33 -21.24 -51.20
C ARG F 106 -3.84 -22.47 -50.50
N GLU F 107 -4.29 -22.73 -49.28
CA GLU F 107 -3.92 -23.94 -48.60
C GLU F 107 -4.71 -25.18 -48.87
N LEU F 108 -5.82 -25.02 -49.61
CA LEU F 108 -6.79 -26.11 -49.63
C LEU F 108 -6.29 -27.43 -50.18
N ASN F 109 -5.34 -27.33 -51.15
CA ASN F 109 -4.78 -28.57 -51.74
C ASN F 109 -3.40 -28.92 -51.28
N HIS F 110 -2.98 -28.40 -50.13
CA HIS F 110 -1.70 -28.79 -49.57
C HIS F 110 -1.78 -30.16 -48.95
N HIS F 111 -1.10 -31.15 -49.53
CA HIS F 111 -1.07 -32.46 -49.02
C HIS F 111 -0.68 -32.54 -47.50
N LEU F 112 0.32 -31.70 -47.17
CA LEU F 112 0.82 -31.72 -45.80
C LEU F 112 -0.09 -30.86 -44.91
N TYR F 113 -0.47 -31.43 -43.79
CA TYR F 113 -1.22 -30.66 -42.79
C TYR F 113 -0.30 -29.74 -41.95
C1 HCA G . -2.06 8.98 29.56
C2 HCA G . -1.53 7.74 28.95
C3 HCA G . -0.06 7.84 28.60
C4 HCA G . 0.15 8.99 27.59
C5 HCA G . 1.60 9.07 27.09
C6 HCA G . 1.78 10.36 26.32
C7 HCA G . 0.45 6.55 28.09
O1 HCA G . -1.44 9.37 30.64
O2 HCA G . -2.99 9.61 29.09
O3 HCA G . 2.13 11.38 26.91
O4 HCA G . 1.55 10.33 25.09
O5 HCA G . 1.33 5.90 28.71
O6 HCA G . -0.03 6.11 27.00
O7 HCA G . 0.70 8.14 29.81
FE1 D6N H . 2.28 3.04 36.86
S1A D6N H . 2.43 5.34 37.13
S2A D6N H . 0.31 2.79 35.84
S4A D6N H . 3.84 2.32 35.29
FE2 D6N H . 0.95 4.95 35.49
FE3 D6N H . 1.90 2.83 34.22
FE4 D6N H . 3.54 4.63 35.23
CX D6N H . 2.09 4.78 33.83
S5A D6N H . 1.41 1.95 32.23
FE5 D6N H . 3.39 6.04 32.83
FE6 D6N H . 0.85 6.26 33.20
FE7 D6N H . 1.73 4.16 32.00
S1B D6N H . 2.18 7.93 32.53
S3B D6N H . -0.06 5.43 31.36
S4B D6N H . 3.49 4.91 30.87
V1 D6N H . 1.89 6.57 30.64
N2B D6N H . -0.32 6.36 34.84
C CO3 I . 5.76 6.34 34.47
O1 CO3 I . 5.36 5.39 35.23
O2 CO3 I . 5.10 6.75 33.45
O3 CO3 I . 6.80 6.97 34.85
S H2S J . -1.73 13.26 34.90
ZN ZN K . 28.17 3.13 13.48
FE1 CLF L . -13.54 15.53 31.80
FE2 CLF L . -12.14 15.91 29.74
FE3 CLF L . -11.31 13.89 31.49
FE4 CLF L . -13.55 13.70 29.98
S1 CLF L . -14.63 15.83 29.64
S2A CLF L . -11.32 16.17 31.85
S4A CLF L . -11.41 13.81 29.19
S3A CLF L . -13.44 13.27 32.22
FE5 CLF L . -14.87 14.54 27.56
FE6 CLF L . -16.20 16.64 27.97
FE6 CLF L . -16.71 16.86 27.48
FE7 CLF L . -15.09 16.25 25.38
FE8 CLF L . -13.79 16.91 27.64
S2B CLF L . -16.77 14.96 26.35
S3B CLF L . -15.27 18.23 26.53
S4B CLF L . -13.21 15.26 26.19
MG MG M . 6.85 15.75 10.60
MG MG N . -1.84 7.02 -18.81
ZN ZN O . -26.54 4.62 -16.26
MG MG P . 23.57 8.29 48.07
FE1 D6N Q . -6.10 -19.58 -30.85
S1A D6N Q . -5.40 -18.09 -32.50
S2A D6N Q . -4.23 -19.90 -29.66
S4A D6N Q . -7.58 -18.57 -29.38
FE2 D6N Q . -3.98 -17.94 -30.78
FE3 D6N Q . -5.46 -18.28 -28.61
FE4 D6N Q . -6.44 -17.02 -30.71
CX D6N Q . -4.89 -16.55 -29.54
S5A D6N Q . -5.07 -17.87 -26.46
FE5 D6N Q . -5.45 -14.64 -29.67
FE6 D6N Q . -3.07 -15.66 -29.77
FE7 D6N Q . -4.50 -16.06 -27.66
S1B D6N Q . -3.57 -13.57 -30.46
S3B D6N Q . -2.29 -15.46 -27.70
S4B D6N Q . -5.69 -14.19 -27.49
V1 D6N Q . -3.57 -13.50 -28.10
N2B D6N Q . -2.13 -17.01 -30.99
C1 HCA R . 1.12 -12.69 -28.24
C2 HCA R . 0.23 -12.94 -27.02
C3 HCA R . -1.00 -12.09 -27.02
C4 HCA R . -0.62 -10.59 -26.96
C5 HCA R . -1.84 -9.66 -26.86
C6 HCA R . -1.44 -8.24 -26.98
C7 HCA R . -1.91 -12.49 -25.89
O1 HCA R . 2.28 -12.30 -28.10
O2 HCA R . 0.50 -12.82 -29.37
O3 HCA R . -1.07 -7.61 -26.02
O4 HCA R . -1.49 -7.77 -28.11
O5 HCA R . -1.48 -12.33 -24.71
O6 HCA R . -3.01 -13.01 -26.15
O7 HCA R . -1.73 -12.33 -28.23
C CO3 S . -7.72 -14.53 -31.50
O1 CO3 S . -6.85 -13.86 -30.83
O2 CO3 S . -7.84 -15.81 -31.41
O3 CO3 S . -8.51 -13.93 -32.31
S H2S T . 1.68 -12.83 -34.89
FE1 CLF U . 13.78 -13.87 -32.38
FE2 CLF U . 12.94 -11.81 -31.21
FE3 CLF U . 11.16 -13.96 -31.43
FE4 CLF U . 13.35 -14.02 -29.83
S1 CLF U . 15.19 -12.75 -30.75
S2A CLF U . 11.98 -12.60 -33.15
S4A CLF U . 11.55 -12.65 -29.59
S3A CLF U . 12.76 -15.66 -31.32
FE5 CLF U . 15.23 -12.46 -28.31
FE6 CLF U . 17.17 -11.77 -29.74
FE6 CLF U . 17.89 -11.44 -29.32
FE7 CLF U . 16.36 -10.01 -27.62
FE8 CLF U . 15.11 -10.46 -29.96
S2B CLF U . 17.29 -12.14 -27.36
S3B CLF U . 17.12 -9.42 -29.71
S4B CLF U . 14.14 -10.48 -27.92
MG MG V . -25.25 -14.79 -45.62
#